data_1J1V
# 
_entry.id   1J1V 
# 
_audit_conform.dict_name       mmcif_pdbx.dic 
_audit_conform.dict_version    5.398 
_audit_conform.dict_location   http://mmcif.pdb.org/dictionaries/ascii/mmcif_pdbx.dic 
# 
loop_
_database_2.database_id 
_database_2.database_code 
_database_2.pdbx_database_accession 
_database_2.pdbx_DOI 
PDB   1J1V         pdb_00001j1v 10.2210/pdb1j1v/pdb 
NDB   PD0371       ?            ?                   
RCSB  RCSB005525   ?            ?                   
WWPDB D_1000005525 ?            ?                   
# 
loop_
_pdbx_audit_revision_history.ordinal 
_pdbx_audit_revision_history.data_content_type 
_pdbx_audit_revision_history.major_revision 
_pdbx_audit_revision_history.minor_revision 
_pdbx_audit_revision_history.revision_date 
1 'Structure model' 1 0 2003-04-22 
2 'Structure model' 1 1 2008-04-27 
3 'Structure model' 1 2 2011-07-13 
4 'Structure model' 1 3 2023-12-27 
5 'Structure model' 1 4 2024-10-30 
# 
_pdbx_audit_revision_details.ordinal             1 
_pdbx_audit_revision_details.revision_ordinal    1 
_pdbx_audit_revision_details.data_content_type   'Structure model' 
_pdbx_audit_revision_details.provider            repository 
_pdbx_audit_revision_details.type                'Initial release' 
_pdbx_audit_revision_details.description         ? 
_pdbx_audit_revision_details.details             ? 
# 
loop_
_pdbx_audit_revision_group.ordinal 
_pdbx_audit_revision_group.revision_ordinal 
_pdbx_audit_revision_group.data_content_type 
_pdbx_audit_revision_group.group 
1 2 'Structure model' 'Version format compliance' 
2 3 'Structure model' 'Version format compliance' 
3 4 'Structure model' 'Data collection'           
4 4 'Structure model' 'Database references'       
5 4 'Structure model' 'Derived calculations'      
6 5 'Structure model' 'Structure summary'         
# 
loop_
_pdbx_audit_revision_category.ordinal 
_pdbx_audit_revision_category.revision_ordinal 
_pdbx_audit_revision_category.data_content_type 
_pdbx_audit_revision_category.category 
1 4 'Structure model' chem_comp_atom            
2 4 'Structure model' chem_comp_bond            
3 4 'Structure model' database_2                
4 4 'Structure model' struct_conn               
5 4 'Structure model' struct_ref_seq_dif        
6 5 'Structure model' pdbx_entry_details        
7 5 'Structure model' pdbx_modification_feature 
# 
loop_
_pdbx_audit_revision_item.ordinal 
_pdbx_audit_revision_item.revision_ordinal 
_pdbx_audit_revision_item.data_content_type 
_pdbx_audit_revision_item.item 
1 4 'Structure model' '_database_2.pdbx_DOI'                
2 4 'Structure model' '_database_2.pdbx_database_accession' 
3 4 'Structure model' '_struct_conn.pdbx_leaving_atom_flag' 
4 4 'Structure model' '_struct_ref_seq_dif.details'         
# 
_pdbx_database_status.status_code                     REL 
_pdbx_database_status.entry_id                        1J1V 
_pdbx_database_status.recvd_initial_deposition_date   2002-12-18 
_pdbx_database_status.deposit_site                    PDBJ 
_pdbx_database_status.process_site                    PDBJ 
_pdbx_database_status.status_code_sf                  REL 
_pdbx_database_status.SG_entry                        Y 
_pdbx_database_status.pdb_format_compatible           Y 
_pdbx_database_status.status_code_mr                  ? 
_pdbx_database_status.status_code_cs                  ? 
_pdbx_database_status.status_code_nmr_data            ? 
_pdbx_database_status.methods_development_category    ? 
# 
_pdbx_database_related.db_name        TargetDB 
_pdbx_database_related.db_id          trt001000145.1 
_pdbx_database_related.details        . 
_pdbx_database_related.content_type   unspecified 
# 
loop_
_audit_author.name 
_audit_author.pdbx_ordinal 
'Fujikawa, N.'                                           1 
'Kurumizaka, H.'                                         2 
'Nureki, O.'                                             3 
'Terada, T.'                                             4 
'Shirouzu, M.'                                           5 
'Katayama, T.'                                           6 
'Yokoyama, S.'                                           7 
'RIKEN Structural Genomics/Proteomics Initiative (RSGI)' 8 
# 
_citation.id                        primary 
_citation.title                     'Structural basis of replication origin recognition by the DnaA protein' 
_citation.journal_abbrev            'NUCLEIC ACIDS RES.' 
_citation.journal_volume            31 
_citation.page_first                2077 
_citation.page_last                 2086 
_citation.year                      2003 
_citation.journal_id_ASTM           NARHAD 
_citation.country                   UK 
_citation.journal_id_ISSN           0305-1048 
_citation.journal_id_CSD            0389 
_citation.book_publisher            ? 
_citation.pdbx_database_id_PubMed   12682358 
_citation.pdbx_database_id_DOI      10.1093/nar/gkg309 
# 
loop_
_citation_author.citation_id 
_citation_author.name 
_citation_author.ordinal 
_citation_author.identifier_ORCID 
primary 'Fujikawa, N.'   1 ? 
primary 'Kurumizaka, H.' 2 ? 
primary 'Nureki, O.'     3 ? 
primary 'Terada, T.'     4 ? 
primary 'Shirouzu, M.'   5 ? 
primary 'Katayama, T.'   6 ? 
primary 'Yokoyama, S.'   7 ? 
# 
loop_
_entity.id 
_entity.type 
_entity.src_method 
_entity.pdbx_description 
_entity.formula_weight 
_entity.pdbx_number_of_molecules 
_entity.pdbx_ec 
_entity.pdbx_mutation 
_entity.pdbx_fragment 
_entity.details 
1 polymer syn "5'-D(*TP*GP*TP*TP*AP*TP*CP*CP*AP*CP*AP*GP*G)-3'" 3966.597  1   ? ? ?                                   ? 
2 polymer syn "5'-D(*CP*CP*TP*GP*TP*GP*GP*AP*TP*AP*AP*CP*A)-3'" 3975.611  1   ? ? ?                                   ? 
3 polymer man 'Chromosomal replication initiator protein dnaA'  10834.071 1   ? ? 'DNA binding domain, DnaA domainIV' ? 
4 water   nat water                                             18.015    143 ? ? ?                                   ? 
# 
loop_
_entity_name_com.entity_id 
_entity_name_com.name 
1 'DnaAbox DNA' 
2 'DnaAbox DNA' 
# 
loop_
_entity_poly.entity_id 
_entity_poly.type 
_entity_poly.nstd_linkage 
_entity_poly.nstd_monomer 
_entity_poly.pdbx_seq_one_letter_code 
_entity_poly.pdbx_seq_one_letter_code_can 
_entity_poly.pdbx_strand_id 
_entity_poly.pdbx_target_identifier 
1 polydeoxyribonucleotide no no  '(DT)(DG)(DT)(DT)(DA)(DT)(DC)(DC)(DA)(DC)(DA)(DG)(DG)' TGTTATCCACAGG B ?              
2 polydeoxyribonucleotide no no  '(DC)(DC)(DT)(DG)(DT)(DG)(DG)(DA)(DT)(DA)(DA)(DC)(DA)' CCTGTGGATAACA C ?              
3 'polypeptide(L)'        no yes 
;VTIDNIQKTVAEYYKIKVADLLSKRRSRSVARPRQ(MSE)A(MSE)ALAKELTNHSLPEIGDAFGGRDHTTVLHACRKIE
QLREESHDIKEDFSNLIRTLSS
;
;VTIDNIQKTVAEYYKIKVADLLSKRRSRSVARPRQMAMALAKELTNHSLPEIGDAFGGRDHTTVLHACRKIEQLREESHD
IKEDFSNLIRTLSS
;
A trt001000145.1 
# 
_pdbx_entity_nonpoly.entity_id   4 
_pdbx_entity_nonpoly.name        water 
_pdbx_entity_nonpoly.comp_id     HOH 
# 
loop_
_entity_poly_seq.entity_id 
_entity_poly_seq.num 
_entity_poly_seq.mon_id 
_entity_poly_seq.hetero 
1 1  DT  n 
1 2  DG  n 
1 3  DT  n 
1 4  DT  n 
1 5  DA  n 
1 6  DT  n 
1 7  DC  n 
1 8  DC  n 
1 9  DA  n 
1 10 DC  n 
1 11 DA  n 
1 12 DG  n 
1 13 DG  n 
2 1  DC  n 
2 2  DC  n 
2 3  DT  n 
2 4  DG  n 
2 5  DT  n 
2 6  DG  n 
2 7  DG  n 
2 8  DA  n 
2 9  DT  n 
2 10 DA  n 
2 11 DA  n 
2 12 DC  n 
2 13 DA  n 
3 1  VAL n 
3 2  THR n 
3 3  ILE n 
3 4  ASP n 
3 5  ASN n 
3 6  ILE n 
3 7  GLN n 
3 8  LYS n 
3 9  THR n 
3 10 VAL n 
3 11 ALA n 
3 12 GLU n 
3 13 TYR n 
3 14 TYR n 
3 15 LYS n 
3 16 ILE n 
3 17 LYS n 
3 18 VAL n 
3 19 ALA n 
3 20 ASP n 
3 21 LEU n 
3 22 LEU n 
3 23 SER n 
3 24 LYS n 
3 25 ARG n 
3 26 ARG n 
3 27 SER n 
3 28 ARG n 
3 29 SER n 
3 30 VAL n 
3 31 ALA n 
3 32 ARG n 
3 33 PRO n 
3 34 ARG n 
3 35 GLN n 
3 36 MSE n 
3 37 ALA n 
3 38 MSE n 
3 39 ALA n 
3 40 LEU n 
3 41 ALA n 
3 42 LYS n 
3 43 GLU n 
3 44 LEU n 
3 45 THR n 
3 46 ASN n 
3 47 HIS n 
3 48 SER n 
3 49 LEU n 
3 50 PRO n 
3 51 GLU n 
3 52 ILE n 
3 53 GLY n 
3 54 ASP n 
3 55 ALA n 
3 56 PHE n 
3 57 GLY n 
3 58 GLY n 
3 59 ARG n 
3 60 ASP n 
3 61 HIS n 
3 62 THR n 
3 63 THR n 
3 64 VAL n 
3 65 LEU n 
3 66 HIS n 
3 67 ALA n 
3 68 CYS n 
3 69 ARG n 
3 70 LYS n 
3 71 ILE n 
3 72 GLU n 
3 73 GLN n 
3 74 LEU n 
3 75 ARG n 
3 76 GLU n 
3 77 GLU n 
3 78 SER n 
3 79 HIS n 
3 80 ASP n 
3 81 ILE n 
3 82 LYS n 
3 83 GLU n 
3 84 ASP n 
3 85 PHE n 
3 86 SER n 
3 87 ASN n 
3 88 LEU n 
3 89 ILE n 
3 90 ARG n 
3 91 THR n 
3 92 LEU n 
3 93 SER n 
3 94 SER n 
# 
_entity_src_gen.entity_id                          3 
_entity_src_gen.pdbx_src_id                        1 
_entity_src_gen.pdbx_alt_source_flag               sample 
_entity_src_gen.pdbx_seq_type                      ? 
_entity_src_gen.pdbx_beg_seq_num                   ? 
_entity_src_gen.pdbx_end_seq_num                   ? 
_entity_src_gen.gene_src_common_name               ? 
_entity_src_gen.gene_src_genus                     Escherichia 
_entity_src_gen.pdbx_gene_src_gene                 DnaA 
_entity_src_gen.gene_src_species                   ? 
_entity_src_gen.gene_src_strain                    ? 
_entity_src_gen.gene_src_tissue                    ? 
_entity_src_gen.gene_src_tissue_fraction           ? 
_entity_src_gen.gene_src_details                   ? 
_entity_src_gen.pdbx_gene_src_fragment             ? 
_entity_src_gen.pdbx_gene_src_scientific_name      'Escherichia coli' 
_entity_src_gen.pdbx_gene_src_ncbi_taxonomy_id     562 
_entity_src_gen.pdbx_gene_src_variant              ? 
_entity_src_gen.pdbx_gene_src_cell_line            ? 
_entity_src_gen.pdbx_gene_src_atcc                 ? 
_entity_src_gen.pdbx_gene_src_organ                ? 
_entity_src_gen.pdbx_gene_src_organelle            ? 
_entity_src_gen.pdbx_gene_src_cell                 ? 
_entity_src_gen.pdbx_gene_src_cellular_location    ? 
_entity_src_gen.host_org_common_name               ? 
_entity_src_gen.pdbx_host_org_scientific_name      ? 
_entity_src_gen.pdbx_host_org_ncbi_taxonomy_id     ? 
_entity_src_gen.host_org_genus                     ? 
_entity_src_gen.pdbx_host_org_gene                 ? 
_entity_src_gen.pdbx_host_org_organ                ? 
_entity_src_gen.host_org_species                   ? 
_entity_src_gen.pdbx_host_org_tissue               ? 
_entity_src_gen.pdbx_host_org_tissue_fraction      ? 
_entity_src_gen.pdbx_host_org_strain               ? 
_entity_src_gen.pdbx_host_org_variant              ? 
_entity_src_gen.pdbx_host_org_cell_line            ? 
_entity_src_gen.pdbx_host_org_atcc                 ? 
_entity_src_gen.pdbx_host_org_culture_collection   ? 
_entity_src_gen.pdbx_host_org_cell                 ? 
_entity_src_gen.pdbx_host_org_organelle            ? 
_entity_src_gen.pdbx_host_org_cellular_location    ? 
_entity_src_gen.pdbx_host_org_vector_type          plasmid 
_entity_src_gen.pdbx_host_org_vector               ? 
_entity_src_gen.host_org_details                   ? 
_entity_src_gen.expression_system_id               ? 
_entity_src_gen.plasmid_name                       pET15b 
_entity_src_gen.plasmid_details                    ? 
_entity_src_gen.pdbx_description                   'cell-free protein synthesis system' 
# 
loop_
_chem_comp.id 
_chem_comp.type 
_chem_comp.mon_nstd_flag 
_chem_comp.name 
_chem_comp.pdbx_synonyms 
_chem_comp.formula 
_chem_comp.formula_weight 
ALA 'L-peptide linking' y ALANINE                              ? 'C3 H7 N O2'      89.093  
ARG 'L-peptide linking' y ARGININE                             ? 'C6 H15 N4 O2 1'  175.209 
ASN 'L-peptide linking' y ASPARAGINE                           ? 'C4 H8 N2 O3'     132.118 
ASP 'L-peptide linking' y 'ASPARTIC ACID'                      ? 'C4 H7 N O4'      133.103 
CYS 'L-peptide linking' y CYSTEINE                             ? 'C3 H7 N O2 S'    121.158 
DA  'DNA linking'       y "2'-DEOXYADENOSINE-5'-MONOPHOSPHATE" ? 'C10 H14 N5 O6 P' 331.222 
DC  'DNA linking'       y "2'-DEOXYCYTIDINE-5'-MONOPHOSPHATE"  ? 'C9 H14 N3 O7 P'  307.197 
DG  'DNA linking'       y "2'-DEOXYGUANOSINE-5'-MONOPHOSPHATE" ? 'C10 H14 N5 O7 P' 347.221 
DT  'DNA linking'       y "THYMIDINE-5'-MONOPHOSPHATE"         ? 'C10 H15 N2 O8 P' 322.208 
GLN 'L-peptide linking' y GLUTAMINE                            ? 'C5 H10 N2 O3'    146.144 
GLU 'L-peptide linking' y 'GLUTAMIC ACID'                      ? 'C5 H9 N O4'      147.129 
GLY 'peptide linking'   y GLYCINE                              ? 'C2 H5 N O2'      75.067  
HIS 'L-peptide linking' y HISTIDINE                            ? 'C6 H10 N3 O2 1'  156.162 
HOH non-polymer         . WATER                                ? 'H2 O'            18.015  
ILE 'L-peptide linking' y ISOLEUCINE                           ? 'C6 H13 N O2'     131.173 
LEU 'L-peptide linking' y LEUCINE                              ? 'C6 H13 N O2'     131.173 
LYS 'L-peptide linking' y LYSINE                               ? 'C6 H15 N2 O2 1'  147.195 
MET 'L-peptide linking' y METHIONINE                           ? 'C5 H11 N O2 S'   149.211 
MSE 'L-peptide linking' n SELENOMETHIONINE                     ? 'C5 H11 N O2 Se'  196.106 
PHE 'L-peptide linking' y PHENYLALANINE                        ? 'C9 H11 N O2'     165.189 
PRO 'L-peptide linking' y PROLINE                              ? 'C5 H9 N O2'      115.130 
SER 'L-peptide linking' y SERINE                               ? 'C3 H7 N O3'      105.093 
THR 'L-peptide linking' y THREONINE                            ? 'C4 H9 N O3'      119.119 
TYR 'L-peptide linking' y TYROSINE                             ? 'C9 H11 N O3'     181.189 
VAL 'L-peptide linking' y VALINE                               ? 'C5 H11 N O2'     117.146 
# 
loop_
_pdbx_poly_seq_scheme.asym_id 
_pdbx_poly_seq_scheme.entity_id 
_pdbx_poly_seq_scheme.seq_id 
_pdbx_poly_seq_scheme.mon_id 
_pdbx_poly_seq_scheme.ndb_seq_num 
_pdbx_poly_seq_scheme.pdb_seq_num 
_pdbx_poly_seq_scheme.auth_seq_num 
_pdbx_poly_seq_scheme.pdb_mon_id 
_pdbx_poly_seq_scheme.auth_mon_id 
_pdbx_poly_seq_scheme.pdb_strand_id 
_pdbx_poly_seq_scheme.pdb_ins_code 
_pdbx_poly_seq_scheme.hetero 
A 1 1  DT  1  101 101 DT  THY B . n 
A 1 2  DG  2  102 102 DG  GUA B . n 
A 1 3  DT  3  103 103 DT  THY B . n 
A 1 4  DT  4  104 104 DT  THY B . n 
A 1 5  DA  5  105 105 DA  ADE B . n 
A 1 6  DT  6  106 106 DT  THY B . n 
A 1 7  DC  7  107 107 DC  CYT B . n 
A 1 8  DC  8  108 108 DC  CYT B . n 
A 1 9  DA  9  109 109 DA  ADE B . n 
A 1 10 DC  10 110 110 DC  CYT B . n 
A 1 11 DA  11 111 111 DA  ADE B . n 
A 1 12 DG  12 112 112 DG  GUA B . n 
A 1 13 DG  13 113 113 DG  GUA B . n 
B 2 1  DC  1  201 201 DC  CYT C . n 
B 2 2  DC  2  202 202 DC  CYT C . n 
B 2 3  DT  3  203 203 DT  THY C . n 
B 2 4  DG  4  204 204 DG  GUA C . n 
B 2 5  DT  5  205 205 DT  THY C . n 
B 2 6  DG  6  206 206 DG  GUA C . n 
B 2 7  DG  7  207 207 DG  GUA C . n 
B 2 8  DA  8  208 208 DA  ADE C . n 
B 2 9  DT  9  209 209 DT  THY C . n 
B 2 10 DA  10 210 210 DA  ADE C . n 
B 2 11 DA  11 211 211 DA  ADE C . n 
B 2 12 DC  12 212 212 DC  CYT C . n 
B 2 13 DA  13 213 213 DA  ADE C . n 
C 3 1  VAL 1  374 374 VAL VAL A . n 
C 3 2  THR 2  375 375 THR THR A . n 
C 3 3  ILE 3  376 376 ILE ILE A . n 
C 3 4  ASP 4  377 377 ASP ASP A . n 
C 3 5  ASN 5  378 378 ASN ASN A . n 
C 3 6  ILE 6  379 379 ILE ILE A . n 
C 3 7  GLN 7  380 380 GLN GLN A . n 
C 3 8  LYS 8  381 381 LYS LYS A . n 
C 3 9  THR 9  382 382 THR THR A . n 
C 3 10 VAL 10 383 383 VAL VAL A . n 
C 3 11 ALA 11 384 384 ALA ALA A . n 
C 3 12 GLU 12 385 385 GLU GLU A . n 
C 3 13 TYR 13 386 386 TYR TYR A . n 
C 3 14 TYR 14 387 387 TYR TYR A . n 
C 3 15 LYS 15 388 388 LYS LYS A . n 
C 3 16 ILE 16 389 389 ILE ILE A . n 
C 3 17 LYS 17 390 390 LYS LYS A . n 
C 3 18 VAL 18 391 391 VAL VAL A . n 
C 3 19 ALA 19 392 392 ALA ALA A . n 
C 3 20 ASP 20 393 393 ASP ASP A . n 
C 3 21 LEU 21 394 394 LEU LEU A . n 
C 3 22 LEU 22 395 395 LEU LEU A . n 
C 3 23 SER 23 396 396 SER SER A . n 
C 3 24 LYS 24 397 397 LYS LYS A . n 
C 3 25 ARG 25 398 398 ARG ARG A . n 
C 3 26 ARG 26 399 399 ARG ARG A . n 
C 3 27 SER 27 400 400 SER SER A . n 
C 3 28 ARG 28 401 401 ARG ARG A . n 
C 3 29 SER 29 402 402 SER SER A . n 
C 3 30 VAL 30 403 403 VAL VAL A . n 
C 3 31 ALA 31 404 404 ALA ALA A . n 
C 3 32 ARG 32 405 405 ARG ARG A . n 
C 3 33 PRO 33 406 406 PRO PRO A . n 
C 3 34 ARG 34 407 407 ARG ARG A . n 
C 3 35 GLN 35 408 408 GLN GLN A . n 
C 3 36 MSE 36 409 409 MSE MSE A . n 
C 3 37 ALA 37 410 410 ALA ALA A . n 
C 3 38 MSE 38 411 411 MSE MSE A . n 
C 3 39 ALA 39 412 412 ALA ALA A . n 
C 3 40 LEU 40 413 413 LEU LEU A . n 
C 3 41 ALA 41 414 414 ALA ALA A . n 
C 3 42 LYS 42 415 415 LYS LYS A . n 
C 3 43 GLU 43 416 416 GLU GLU A . n 
C 3 44 LEU 44 417 417 LEU LEU A . n 
C 3 45 THR 45 418 418 THR THR A . n 
C 3 46 ASN 46 419 419 ASN ASN A . n 
C 3 47 HIS 47 420 420 HIS HIS A . n 
C 3 48 SER 48 421 421 SER SER A . n 
C 3 49 LEU 49 422 422 LEU LEU A . n 
C 3 50 PRO 50 423 423 PRO PRO A . n 
C 3 51 GLU 51 424 424 GLU GLU A . n 
C 3 52 ILE 52 425 425 ILE ILE A . n 
C 3 53 GLY 53 426 426 GLY GLY A . n 
C 3 54 ASP 54 427 427 ASP ASP A . n 
C 3 55 ALA 55 428 428 ALA ALA A . n 
C 3 56 PHE 56 429 429 PHE PHE A . n 
C 3 57 GLY 57 430 430 GLY GLY A . n 
C 3 58 GLY 58 431 431 GLY GLY A . n 
C 3 59 ARG 59 432 432 ARG ARG A . n 
C 3 60 ASP 60 433 433 ASP ASP A . n 
C 3 61 HIS 61 434 434 HIS HIS A . n 
C 3 62 THR 62 435 435 THR THR A . n 
C 3 63 THR 63 436 436 THR THR A . n 
C 3 64 VAL 64 437 437 VAL VAL A . n 
C 3 65 LEU 65 438 438 LEU LEU A . n 
C 3 66 HIS 66 439 439 HIS HIS A . n 
C 3 67 ALA 67 440 440 ALA ALA A . n 
C 3 68 CYS 68 441 441 CYS CYS A . n 
C 3 69 ARG 69 442 442 ARG ARG A . n 
C 3 70 LYS 70 443 443 LYS LYS A . n 
C 3 71 ILE 71 444 444 ILE ILE A . n 
C 3 72 GLU 72 445 445 GLU GLU A . n 
C 3 73 GLN 73 446 446 GLN GLN A . n 
C 3 74 LEU 74 447 447 LEU LEU A . n 
C 3 75 ARG 75 448 448 ARG ARG A . n 
C 3 76 GLU 76 449 449 GLU GLU A . n 
C 3 77 GLU 77 450 450 GLU GLU A . n 
C 3 78 SER 78 451 451 SER SER A . n 
C 3 79 HIS 79 452 452 HIS HIS A . n 
C 3 80 ASP 80 453 453 ASP ASP A . n 
C 3 81 ILE 81 454 454 ILE ILE A . n 
C 3 82 LYS 82 455 455 LYS LYS A . n 
C 3 83 GLU 83 456 456 GLU GLU A . n 
C 3 84 ASP 84 457 457 ASP ASP A . n 
C 3 85 PHE 85 458 458 PHE PHE A . n 
C 3 86 SER 86 459 459 SER SER A . n 
C 3 87 ASN 87 460 460 ASN ASN A . n 
C 3 88 LEU 88 461 461 LEU LEU A . n 
C 3 89 ILE 89 462 462 ILE ILE A . n 
C 3 90 ARG 90 463 463 ARG ARG A . n 
C 3 91 THR 91 464 464 THR THR A . n 
C 3 92 LEU 92 465 465 LEU LEU A . n 
C 3 93 SER 93 466 466 SER SER A . n 
C 3 94 SER 94 467 467 SER SER A . n 
# 
loop_
_pdbx_nonpoly_scheme.asym_id 
_pdbx_nonpoly_scheme.entity_id 
_pdbx_nonpoly_scheme.mon_id 
_pdbx_nonpoly_scheme.ndb_seq_num 
_pdbx_nonpoly_scheme.pdb_seq_num 
_pdbx_nonpoly_scheme.auth_seq_num 
_pdbx_nonpoly_scheme.pdb_mon_id 
_pdbx_nonpoly_scheme.auth_mon_id 
_pdbx_nonpoly_scheme.pdb_strand_id 
_pdbx_nonpoly_scheme.pdb_ins_code 
D 4 HOH 1  114 1   HOH TIP B . 
D 4 HOH 2  115 4   HOH TIP B . 
D 4 HOH 3  116 8   HOH TIP B . 
D 4 HOH 4  117 18  HOH TIP B . 
D 4 HOH 5  118 19  HOH TIP B . 
D 4 HOH 6  119 21  HOH TIP B . 
D 4 HOH 7  120 23  HOH TIP B . 
D 4 HOH 8  121 28  HOH TIP B . 
D 4 HOH 9  122 35  HOH TIP B . 
D 4 HOH 10 123 37  HOH TIP B . 
D 4 HOH 11 124 42  HOH TIP B . 
D 4 HOH 12 125 44  HOH TIP B . 
D 4 HOH 13 126 46  HOH TIP B . 
D 4 HOH 14 127 49  HOH TIP B . 
D 4 HOH 15 128 51  HOH TIP B . 
D 4 HOH 16 129 52  HOH TIP B . 
D 4 HOH 17 130 53  HOH TIP B . 
D 4 HOH 18 131 57  HOH TIP B . 
D 4 HOH 19 132 59  HOH TIP B . 
D 4 HOH 20 133 63  HOH TIP B . 
D 4 HOH 21 134 65  HOH TIP B . 
D 4 HOH 22 135 66  HOH TIP B . 
D 4 HOH 23 136 72  HOH TIP B . 
D 4 HOH 24 137 74  HOH TIP B . 
D 4 HOH 25 138 75  HOH TIP B . 
D 4 HOH 26 139 76  HOH TIP B . 
D 4 HOH 27 140 77  HOH TIP B . 
D 4 HOH 28 141 80  HOH TIP B . 
D 4 HOH 29 142 85  HOH TIP B . 
D 4 HOH 30 143 91  HOH TIP B . 
D 4 HOH 31 144 93  HOH TIP B . 
D 4 HOH 32 145 95  HOH TIP B . 
D 4 HOH 33 146 96  HOH TIP B . 
D 4 HOH 34 147 99  HOH TIP B . 
D 4 HOH 35 148 112 HOH TIP B . 
D 4 HOH 36 149 118 HOH TIP B . 
D 4 HOH 37 150 119 HOH TIP B . 
D 4 HOH 38 151 120 HOH TIP B . 
D 4 HOH 39 152 127 HOH TIP B . 
D 4 HOH 40 153 135 HOH TIP B . 
D 4 HOH 41 154 137 HOH TIP B . 
D 4 HOH 42 155 139 HOH TIP B . 
D 4 HOH 43 156 140 HOH TIP B . 
E 4 HOH 1  5   5   HOH TIP C . 
E 4 HOH 2  7   7   HOH TIP C . 
E 4 HOH 3  13  13  HOH TIP C . 
E 4 HOH 4  14  14  HOH TIP C . 
E 4 HOH 5  20  20  HOH TIP C . 
E 4 HOH 6  27  27  HOH TIP C . 
E 4 HOH 7  30  30  HOH TIP C . 
E 4 HOH 8  33  33  HOH TIP C . 
E 4 HOH 9  34  34  HOH TIP C . 
E 4 HOH 10 38  38  HOH TIP C . 
E 4 HOH 11 43  43  HOH TIP C . 
E 4 HOH 12 45  45  HOH TIP C . 
E 4 HOH 13 50  50  HOH TIP C . 
E 4 HOH 14 56  56  HOH TIP C . 
E 4 HOH 15 58  58  HOH TIP C . 
E 4 HOH 16 60  60  HOH TIP C . 
E 4 HOH 17 61  61  HOH TIP C . 
E 4 HOH 18 62  62  HOH TIP C . 
E 4 HOH 19 64  64  HOH TIP C . 
E 4 HOH 20 68  68  HOH TIP C . 
E 4 HOH 21 69  69  HOH TIP C . 
E 4 HOH 22 70  70  HOH TIP C . 
E 4 HOH 23 78  78  HOH TIP C . 
E 4 HOH 24 81  81  HOH TIP C . 
E 4 HOH 25 82  82  HOH TIP C . 
E 4 HOH 26 86  86  HOH TIP C . 
E 4 HOH 27 88  88  HOH TIP C . 
E 4 HOH 28 97  97  HOH TIP C . 
E 4 HOH 29 100 100 HOH TIP C . 
E 4 HOH 30 101 101 HOH TIP C . 
E 4 HOH 31 102 102 HOH TIP C . 
E 4 HOH 32 110 110 HOH TIP C . 
E 4 HOH 33 113 113 HOH TIP C . 
E 4 HOH 34 114 114 HOH TIP C . 
E 4 HOH 35 121 121 HOH TIP C . 
E 4 HOH 36 123 123 HOH TIP C . 
E 4 HOH 37 131 131 HOH TIP C . 
E 4 HOH 38 134 134 HOH TIP C . 
E 4 HOH 39 138 138 HOH TIP C . 
F 4 HOH 1  2   2   HOH TIP A . 
F 4 HOH 2  3   3   HOH TIP A . 
F 4 HOH 3  6   6   HOH TIP A . 
F 4 HOH 4  9   9   HOH TIP A . 
F 4 HOH 5  10  10  HOH TIP A . 
F 4 HOH 6  11  11  HOH TIP A . 
F 4 HOH 7  12  12  HOH TIP A . 
F 4 HOH 8  15  15  HOH TIP A . 
F 4 HOH 9  16  16  HOH TIP A . 
F 4 HOH 10 17  17  HOH TIP A . 
F 4 HOH 11 22  22  HOH TIP A . 
F 4 HOH 12 24  24  HOH TIP A . 
F 4 HOH 13 25  25  HOH TIP A . 
F 4 HOH 14 26  26  HOH TIP A . 
F 4 HOH 15 29  29  HOH TIP A . 
F 4 HOH 16 31  31  HOH TIP A . 
F 4 HOH 17 32  32  HOH TIP A . 
F 4 HOH 18 36  36  HOH TIP A . 
F 4 HOH 19 39  39  HOH TIP A . 
F 4 HOH 20 40  40  HOH TIP A . 
F 4 HOH 21 41  41  HOH TIP A . 
F 4 HOH 22 47  47  HOH TIP A . 
F 4 HOH 23 48  48  HOH TIP A . 
F 4 HOH 24 54  54  HOH TIP A . 
F 4 HOH 25 55  55  HOH TIP A . 
F 4 HOH 26 67  67  HOH TIP A . 
F 4 HOH 27 71  71  HOH TIP A . 
F 4 HOH 28 73  73  HOH TIP A . 
F 4 HOH 29 79  79  HOH TIP A . 
F 4 HOH 30 83  83  HOH TIP A . 
F 4 HOH 31 84  84  HOH TIP A . 
F 4 HOH 32 87  87  HOH TIP A . 
F 4 HOH 33 89  89  HOH TIP A . 
F 4 HOH 34 90  90  HOH TIP A . 
F 4 HOH 35 92  92  HOH TIP A . 
F 4 HOH 36 94  94  HOH TIP A . 
F 4 HOH 37 98  98  HOH TIP A . 
F 4 HOH 38 103 103 HOH TIP A . 
F 4 HOH 39 104 104 HOH TIP A . 
F 4 HOH 40 105 105 HOH TIP A . 
F 4 HOH 41 106 106 HOH TIP A . 
F 4 HOH 42 107 107 HOH TIP A . 
F 4 HOH 43 108 108 HOH TIP A . 
F 4 HOH 44 109 109 HOH TIP A . 
F 4 HOH 45 111 111 HOH TIP A . 
F 4 HOH 46 115 115 HOH TIP A . 
F 4 HOH 47 116 116 HOH TIP A . 
F 4 HOH 48 117 117 HOH TIP A . 
F 4 HOH 49 122 122 HOH TIP A . 
F 4 HOH 50 124 124 HOH TIP A . 
F 4 HOH 51 125 125 HOH TIP A . 
F 4 HOH 52 126 126 HOH TIP A . 
F 4 HOH 53 128 128 HOH TIP A . 
F 4 HOH 54 129 129 HOH TIP A . 
F 4 HOH 55 130 130 HOH TIP A . 
F 4 HOH 56 132 132 HOH TIP A . 
F 4 HOH 57 133 133 HOH TIP A . 
F 4 HOH 58 136 136 HOH TIP A . 
F 4 HOH 59 141 141 HOH TIP A . 
F 4 HOH 60 142 142 HOH TIP A . 
F 4 HOH 61 143 143 HOH TIP A . 
# 
loop_
_software.name 
_software.classification 
_software.version 
_software.citation_id 
_software.pdbx_ordinal 
DENZO     'data reduction' .   ? 1 
SCALEPACK 'data scaling'   .   ? 2 
SHARP     phasing          .   ? 3 
CNS       refinement       1.0 ? 4 
# 
_cell.entry_id           1J1V 
_cell.length_a           50.385 
_cell.length_b           50.385 
_cell.length_c           158.830 
_cell.angle_alpha        90 
_cell.angle_beta         90 
_cell.angle_gamma        90 
_cell.pdbx_unique_axis   ? 
_cell.Z_PDB              8 
# 
_symmetry.entry_id                         1J1V 
_symmetry.space_group_name_H-M             'P 41 21 2' 
_symmetry.pdbx_full_space_group_name_H-M   ? 
_symmetry.Int_Tables_number                92 
_symmetry.cell_setting                     ? 
# 
_exptl.entry_id          1J1V 
_exptl.method            'X-RAY DIFFRACTION' 
_exptl.crystals_number   1 
# 
_exptl_crystal.id                    1 
_exptl_crystal.density_meas          ? 
_exptl_crystal.density_Matthews      2.53 
_exptl_crystal.density_percent_sol   51.04 
_exptl_crystal.description           ? 
# 
_exptl_crystal_grow.crystal_id      1 
_exptl_crystal_grow.method          'VAPOR DIFFUSION, HANGING DROP' 
_exptl_crystal_grow.temp            293 
_exptl_crystal_grow.temp_details    ? 
_exptl_crystal_grow.pH              8.4 
_exptl_crystal_grow.pdbx_details    
'Tris-HCl, magnesium formate, polyethylene glycol 8000, pH 8.4, VAPOR DIFFUSION, HANGING DROP, temperature 293K' 
_exptl_crystal_grow.pdbx_pH_range   . 
# 
loop_
_exptl_crystal_grow_comp.crystal_id 
_exptl_crystal_grow_comp.id 
_exptl_crystal_grow_comp.sol_id 
_exptl_crystal_grow_comp.name 
_exptl_crystal_grow_comp.volume 
_exptl_crystal_grow_comp.conc 
_exptl_crystal_grow_comp.details 
1 1 1 Tris-HCl                   ? ? ? 
1 2 1 'magnesium formate'        ? ? ? 
1 3 1 'polyethylene glycol 8000' ? ? ? 
1 4 2 Tris-HCl                   ? ? ? 
1 5 2 'magnesium formate'        ? ? ? 
1 6 2 'polyethylene glycol 8000' ? ? ? 
# 
_diffrn.id                     1 
_diffrn.ambient_temp           100 
_diffrn.ambient_temp_details   ? 
_diffrn.crystal_id             1 
# 
_diffrn_detector.diffrn_id              1 
_diffrn_detector.detector               CCD 
_diffrn_detector.type                   MARRESEARCH 
_diffrn_detector.pdbx_collection_date   2002-10-26 
_diffrn_detector.details                ? 
# 
_diffrn_radiation.diffrn_id                        1 
_diffrn_radiation.wavelength_id                    1 
_diffrn_radiation.pdbx_monochromatic_or_laue_m_l   M 
_diffrn_radiation.monochromator                    ? 
_diffrn_radiation.pdbx_diffrn_protocol             MAD 
_diffrn_radiation.pdbx_scattering_type             x-ray 
# 
loop_
_diffrn_radiation_wavelength.id 
_diffrn_radiation_wavelength.wavelength 
_diffrn_radiation_wavelength.wt 
1 0.9792 1.0 
2 0.9795 1.0 
3 0.9840 1.0 
4 0.9736 1.0 
# 
_diffrn_source.diffrn_id                   1 
_diffrn_source.source                      SYNCHROTRON 
_diffrn_source.type                        'SPRING-8 BEAMLINE BL41XU' 
_diffrn_source.pdbx_synchrotron_site       SPring-8 
_diffrn_source.pdbx_synchrotron_beamline   BL41XU 
_diffrn_source.pdbx_wavelength             ? 
_diffrn_source.pdbx_wavelength_list        '0.9792, 0.9795, 0.9840, 0.9736' 
# 
_reflns.entry_id                     1J1V 
_reflns.observed_criterion_sigma_F   0 
_reflns.observed_criterion_sigma_I   0 
_reflns.d_resolution_high            2.1 
_reflns.d_resolution_low             50 
_reflns.number_all                   ? 
_reflns.number_obs                   12618 
_reflns.percent_possible_obs         99.3 
_reflns.pdbx_Rmerge_I_obs            ? 
_reflns.pdbx_Rsym_value              ? 
_reflns.pdbx_netI_over_sigmaI        ? 
_reflns.B_iso_Wilson_estimate        ? 
_reflns.pdbx_redundancy              ? 
_reflns.R_free_details               ? 
_reflns.limit_h_max                  ? 
_reflns.limit_h_min                  ? 
_reflns.limit_k_max                  ? 
_reflns.limit_k_min                  ? 
_reflns.limit_l_max                  ? 
_reflns.limit_l_min                  ? 
_reflns.observed_criterion_F_max     ? 
_reflns.observed_criterion_F_min     ? 
_reflns.pdbx_diffrn_id               1 
_reflns.pdbx_ordinal                 1 
# 
_reflns_shell.d_res_high             2.1 
_reflns_shell.d_res_low              2.18 
_reflns_shell.percent_possible_all   87.6 
_reflns_shell.Rmerge_I_obs           ? 
_reflns_shell.pdbx_Rsym_value        ? 
_reflns_shell.meanI_over_sigI_obs    ? 
_reflns_shell.pdbx_redundancy        ? 
_reflns_shell.percent_possible_obs   ? 
_reflns_shell.number_unique_all      ? 
_reflns_shell.pdbx_diffrn_id         ? 
_reflns_shell.pdbx_ordinal           1 
# 
_refine.entry_id                                 1J1V 
_refine.ls_d_res_high                            2.1 
_refine.ls_d_res_low                             50 
_refine.pdbx_ls_sigma_F                          0 
_refine.pdbx_ls_sigma_I                          ? 
_refine.ls_number_reflns_all                     12685 
_refine.ls_number_reflns_obs                     12599 
_refine.ls_number_reflns_R_free                  1303 
_refine.ls_percent_reflns_obs                    ? 
_refine.ls_R_factor_all                          0.2292 
_refine.ls_R_factor_obs                          0.2292 
_refine.ls_R_factor_R_work                       0.2292 
_refine.ls_R_factor_R_free                       0.2489 
_refine.ls_redundancy_reflns_obs                 ? 
_refine.pdbx_data_cutoff_high_absF               ? 
_refine.pdbx_data_cutoff_low_absF                ? 
_refine.ls_number_parameters                     ? 
_refine.ls_number_restraints                     ? 
_refine.ls_percent_reflns_R_free                 ? 
_refine.ls_R_factor_R_free_error                 ? 
_refine.ls_R_factor_R_free_error_details         ? 
_refine.pdbx_method_to_determine_struct          MAD 
_refine.pdbx_starting_model                      ? 
_refine.pdbx_ls_cross_valid_method               ? 
_refine.pdbx_R_Free_selection_details            RANDOM 
_refine.pdbx_stereochem_target_val_spec_case     ? 
_refine.pdbx_stereochemistry_target_values       'Engh & Huber' 
_refine.solvent_model_details                    ? 
_refine.solvent_model_param_bsol                 ? 
_refine.solvent_model_param_ksol                 ? 
_refine.occupancy_max                            ? 
_refine.occupancy_min                            ? 
_refine.pdbx_isotropic_thermal_model             ? 
_refine.B_iso_mean                               ? 
_refine.aniso_B[1][1]                            ? 
_refine.aniso_B[1][2]                            ? 
_refine.aniso_B[1][3]                            ? 
_refine.aniso_B[2][2]                            ? 
_refine.aniso_B[2][3]                            ? 
_refine.aniso_B[3][3]                            ? 
_refine.details                                  ? 
_refine.correlation_coeff_Fo_to_Fc               ? 
_refine.correlation_coeff_Fo_to_Fc_free          ? 
_refine.pdbx_solvent_vdw_probe_radii             ? 
_refine.pdbx_solvent_ion_probe_radii             ? 
_refine.pdbx_solvent_shrinkage_radii             ? 
_refine.overall_SU_R_Cruickshank_DPI             ? 
_refine.overall_SU_R_free                        ? 
_refine.overall_SU_B                             ? 
_refine.overall_SU_ML                            ? 
_refine.pdbx_overall_ESU_R                       ? 
_refine.pdbx_overall_ESU_R_Free                  ? 
_refine.pdbx_data_cutoff_high_rms_absF           ? 
_refine.B_iso_min                                ? 
_refine.B_iso_max                                ? 
_refine.pdbx_refine_id                           'X-RAY DIFFRACTION' 
_refine.pdbx_diffrn_id                           1 
_refine.pdbx_TLS_residual_ADP_flag               ? 
_refine.pdbx_overall_phase_error                 ? 
_refine.pdbx_overall_SU_R_free_Cruickshank_DPI   ? 
_refine.pdbx_overall_SU_R_Blow_DPI               ? 
_refine.pdbx_overall_SU_R_free_Blow_DPI          ? 
# 
_refine_analyze.entry_id                        1J1V 
_refine_analyze.Luzzati_coordinate_error_obs    0.27 
_refine_analyze.Luzzati_sigma_a_obs             0.18 
_refine_analyze.Luzzati_d_res_low_obs           5 
_refine_analyze.Luzzati_coordinate_error_free   0.29 
_refine_analyze.Luzzati_sigma_a_free            0.19 
_refine_analyze.Luzzati_d_res_low_free          ? 
_refine_analyze.number_disordered_residues      ? 
_refine_analyze.occupancy_sum_non_hydrogen      ? 
_refine_analyze.occupancy_sum_hydrogen          ? 
_refine_analyze.pdbx_Luzzati_d_res_high_obs     ? 
_refine_analyze.pdbx_refine_id                  'X-RAY DIFFRACTION' 
# 
_refine_hist.pdbx_refine_id                   'X-RAY DIFFRACTION' 
_refine_hist.cycle_id                         LAST 
_refine_hist.pdbx_number_atoms_protein        752 
_refine_hist.pdbx_number_atoms_nucleic_acid   527 
_refine_hist.pdbx_number_atoms_ligand         0 
_refine_hist.number_atoms_solvent             143 
_refine_hist.number_atoms_total               1422 
_refine_hist.d_res_high                       2.1 
_refine_hist.d_res_low                        50 
# 
loop_
_refine_ls_restr.type 
_refine_ls_restr.dev_ideal 
_refine_ls_restr.dev_ideal_target 
_refine_ls_restr.weight 
_refine_ls_restr.number 
_refine_ls_restr.pdbx_refine_id 
_refine_ls_restr.pdbx_restraint_function 
c_angle_d          1.15348  ? ? ? 'X-RAY DIFFRACTION' ? 
c_bond_d           0.009139 ? ? ? 'X-RAY DIFFRACTION' ? 
c_dihedral_angle_d 17.40347 ? ? ? 'X-RAY DIFFRACTION' ? 
c_improper_angle_d 1.23851  ? ? ? 'X-RAY DIFFRACTION' ? 
# 
loop_
_refine_ls_shell.pdbx_total_number_of_bins_used 
_refine_ls_shell.d_res_high 
_refine_ls_shell.d_res_low 
_refine_ls_shell.number_reflns_R_work 
_refine_ls_shell.R_factor_R_work 
_refine_ls_shell.percent_reflns_obs 
_refine_ls_shell.R_factor_R_free 
_refine_ls_shell.R_factor_R_free_error 
_refine_ls_shell.percent_reflns_R_free 
_refine_ls_shell.number_reflns_R_free 
_refine_ls_shell.redundancy_reflns_obs 
_refine_ls_shell.number_reflns_all 
_refine_ls_shell.number_reflns_obs 
_refine_ls_shell.pdbx_refine_id 
_refine_ls_shell.R_factor_all 
6 2.10 2.18 . 0.2466 . 0.2493 . . . . . . 'X-RAY DIFFRACTION' . 
6 2.18 2.26 . 0.235  . 0.2463 . . . . . . 'X-RAY DIFFRACTION' . 
6 2.26 2.37 . 0.2482 . 0.2789 . . . . . . 'X-RAY DIFFRACTION' . 
6 2.37 2.49 . 0.2566 . 0.2754 . . . . . . 'X-RAY DIFFRACTION' . 
6 2.49 2.65 . 0.2425 . 0.2651 . . . . . . 'X-RAY DIFFRACTION' . 
6 2.65 2.85 . 0.2496 . 0.2597 . . . . . . 'X-RAY DIFFRACTION' . 
# 
_struct.entry_id                  1J1V 
_struct.title                     'Crystal structure of DnaA domainIV complexed with DnaAbox DNA' 
_struct.pdbx_model_details        ? 
_struct.pdbx_CASP_flag            ? 
_struct.pdbx_model_type_details   ? 
# 
_struct_keywords.entry_id        1J1V 
_struct_keywords.pdbx_keywords   replication/DNA 
_struct_keywords.text            
;Protein-DNA complex, Replication, RIKEN Structural Genomics/Proteomics Initiative, RSGI, Structural Genomics, replication-DNA COMPLEX
;
# 
loop_
_struct_asym.id 
_struct_asym.pdbx_blank_PDB_chainid_flag 
_struct_asym.pdbx_modified 
_struct_asym.entity_id 
_struct_asym.details 
A N N 1 ? 
B N N 2 ? 
C N N 3 ? 
D N N 4 ? 
E N N 4 ? 
F N N 4 ? 
# 
loop_
_struct_ref.id 
_struct_ref.db_name 
_struct_ref.db_code 
_struct_ref.entity_id 
_struct_ref.pdbx_seq_one_letter_code 
_struct_ref.pdbx_align_begin 
_struct_ref.pdbx_db_accession 
_struct_ref.pdbx_db_isoform 
1 UNP DNAA_ECOLI 3 
;VTIDNIQKTVAEYYKIKVADLLSKRRSRSVARPRQMAMALAKELTNHSLPEIGDAFGGRDHTTVLHACRKIEQLREESHD
IKEDFSNLIRTLSS
;
374 P03004 ? 
2 PDB 1J1V       1 ?                                                                                                 ?   1J1V   ? 
3 PDB 1J1V       2 ?                                                                                                 ?   1J1V   ? 
# 
loop_
_struct_ref_seq.align_id 
_struct_ref_seq.ref_id 
_struct_ref_seq.pdbx_PDB_id_code 
_struct_ref_seq.pdbx_strand_id 
_struct_ref_seq.seq_align_beg 
_struct_ref_seq.pdbx_seq_align_beg_ins_code 
_struct_ref_seq.seq_align_end 
_struct_ref_seq.pdbx_seq_align_end_ins_code 
_struct_ref_seq.pdbx_db_accession 
_struct_ref_seq.db_align_beg 
_struct_ref_seq.pdbx_db_align_beg_ins_code 
_struct_ref_seq.db_align_end 
_struct_ref_seq.pdbx_db_align_end_ins_code 
_struct_ref_seq.pdbx_auth_seq_align_beg 
_struct_ref_seq.pdbx_auth_seq_align_end 
1 1 1J1V A 1 ? 94 ? P03004 374 ? 467 ? 374 467 
2 2 1J1V B 1 ? 13 ? 1J1V   101 ? 113 ? 101 113 
3 3 1J1V C 1 ? 13 ? 1J1V   201 ? 213 ? 201 213 
# 
loop_
_struct_ref_seq_dif.align_id 
_struct_ref_seq_dif.pdbx_pdb_id_code 
_struct_ref_seq_dif.mon_id 
_struct_ref_seq_dif.pdbx_pdb_strand_id 
_struct_ref_seq_dif.seq_num 
_struct_ref_seq_dif.pdbx_pdb_ins_code 
_struct_ref_seq_dif.pdbx_seq_db_name 
_struct_ref_seq_dif.pdbx_seq_db_accession_code 
_struct_ref_seq_dif.db_mon_id 
_struct_ref_seq_dif.pdbx_seq_db_seq_num 
_struct_ref_seq_dif.details 
_struct_ref_seq_dif.pdbx_auth_seq_num 
_struct_ref_seq_dif.pdbx_ordinal 
1 1J1V MSE A 36 ? UNP P03004 MET 409 'modified residue' 409 1 
1 1J1V MSE A 38 ? UNP P03004 MET 411 'modified residue' 411 2 
# 
_pdbx_struct_assembly.id                   1 
_pdbx_struct_assembly.details              author_defined_assembly 
_pdbx_struct_assembly.method_details       ? 
_pdbx_struct_assembly.oligomeric_details   trimeric 
_pdbx_struct_assembly.oligomeric_count     3 
# 
_pdbx_struct_assembly_gen.assembly_id       1 
_pdbx_struct_assembly_gen.oper_expression   1 
_pdbx_struct_assembly_gen.asym_id_list      A,B,C,D,E,F 
# 
_pdbx_struct_oper_list.id                   1 
_pdbx_struct_oper_list.type                 'identity operation' 
_pdbx_struct_oper_list.name                 1_555 
_pdbx_struct_oper_list.symmetry_operation   x,y,z 
_pdbx_struct_oper_list.matrix[1][1]         1.0000000000 
_pdbx_struct_oper_list.matrix[1][2]         0.0000000000 
_pdbx_struct_oper_list.matrix[1][3]         0.0000000000 
_pdbx_struct_oper_list.vector[1]            0.0000000000 
_pdbx_struct_oper_list.matrix[2][1]         0.0000000000 
_pdbx_struct_oper_list.matrix[2][2]         1.0000000000 
_pdbx_struct_oper_list.matrix[2][3]         0.0000000000 
_pdbx_struct_oper_list.vector[2]            0.0000000000 
_pdbx_struct_oper_list.matrix[3][1]         0.0000000000 
_pdbx_struct_oper_list.matrix[3][2]         0.0000000000 
_pdbx_struct_oper_list.matrix[3][3]         1.0000000000 
_pdbx_struct_oper_list.vector[3]            0.0000000000 
# 
_struct_biol.id                    1 
_struct_biol.pdbx_parent_biol_id   ? 
_struct_biol.details               ? 
# 
loop_
_struct_conf.conf_type_id 
_struct_conf.id 
_struct_conf.pdbx_PDB_helix_id 
_struct_conf.beg_label_comp_id 
_struct_conf.beg_label_asym_id 
_struct_conf.beg_label_seq_id 
_struct_conf.pdbx_beg_PDB_ins_code 
_struct_conf.end_label_comp_id 
_struct_conf.end_label_asym_id 
_struct_conf.end_label_seq_id 
_struct_conf.pdbx_end_PDB_ins_code 
_struct_conf.beg_auth_comp_id 
_struct_conf.beg_auth_asym_id 
_struct_conf.beg_auth_seq_id 
_struct_conf.end_auth_comp_id 
_struct_conf.end_auth_asym_id 
_struct_conf.end_auth_seq_id 
_struct_conf.pdbx_PDB_helix_class 
_struct_conf.details 
_struct_conf.pdbx_PDB_helix_length 
HELX_P HELX_P1 1 THR C 2  ? TYR C 14 ? THR A 375 TYR A 387 1 ? 13 
HELX_P HELX_P2 2 LYS C 17 ? SER C 23 ? LYS A 390 SER A 396 1 ? 7  
HELX_P HELX_P3 3 SER C 27 ? THR C 45 ? SER A 400 THR A 418 1 ? 19 
HELX_P HELX_P4 4 SER C 48 ? PHE C 56 ? SER A 421 PHE A 429 1 ? 9  
HELX_P HELX_P5 5 ASP C 60 ? SER C 78 ? ASP A 433 SER A 451 1 ? 19 
HELX_P HELX_P6 6 SER C 78 ? SER C 93 ? SER A 451 SER A 466 1 ? 16 
# 
_struct_conf_type.id          HELX_P 
_struct_conf_type.criteria    ? 
_struct_conf_type.reference   ? 
# 
loop_
_struct_conn.id 
_struct_conn.conn_type_id 
_struct_conn.pdbx_leaving_atom_flag 
_struct_conn.pdbx_PDB_id 
_struct_conn.ptnr1_label_asym_id 
_struct_conn.ptnr1_label_comp_id 
_struct_conn.ptnr1_label_seq_id 
_struct_conn.ptnr1_label_atom_id 
_struct_conn.pdbx_ptnr1_label_alt_id 
_struct_conn.pdbx_ptnr1_PDB_ins_code 
_struct_conn.pdbx_ptnr1_standard_comp_id 
_struct_conn.ptnr1_symmetry 
_struct_conn.ptnr2_label_asym_id 
_struct_conn.ptnr2_label_comp_id 
_struct_conn.ptnr2_label_seq_id 
_struct_conn.ptnr2_label_atom_id 
_struct_conn.pdbx_ptnr2_label_alt_id 
_struct_conn.pdbx_ptnr2_PDB_ins_code 
_struct_conn.ptnr1_auth_asym_id 
_struct_conn.ptnr1_auth_comp_id 
_struct_conn.ptnr1_auth_seq_id 
_struct_conn.ptnr2_auth_asym_id 
_struct_conn.ptnr2_auth_comp_id 
_struct_conn.ptnr2_auth_seq_id 
_struct_conn.ptnr2_symmetry 
_struct_conn.pdbx_ptnr3_label_atom_id 
_struct_conn.pdbx_ptnr3_label_seq_id 
_struct_conn.pdbx_ptnr3_label_comp_id 
_struct_conn.pdbx_ptnr3_label_asym_id 
_struct_conn.pdbx_ptnr3_label_alt_id 
_struct_conn.pdbx_ptnr3_PDB_ins_code 
_struct_conn.details 
_struct_conn.pdbx_dist_value 
_struct_conn.pdbx_value_order 
_struct_conn.pdbx_role 
covale1  covale both ? C GLN 35 C  ? ? ? 1_555 C MSE 36 N  ? ? A GLN 408 A MSE 409 1_555 ? ? ? ? ? ? ?            1.333 ? ? 
covale2  covale both ? C MSE 36 C  ? ? ? 1_555 C ALA 37 N  ? ? A MSE 409 A ALA 410 1_555 ? ? ? ? ? ? ?            1.326 ? ? 
covale3  covale both ? C ALA 37 C  ? ? ? 1_555 C MSE 38 N  ? ? A ALA 410 A MSE 411 1_555 ? ? ? ? ? ? ?            1.331 ? ? 
covale4  covale both ? C MSE 38 C  ? ? ? 1_555 C ALA 39 N  ? ? A MSE 411 A ALA 412 1_555 ? ? ? ? ? ? ?            1.328 ? ? 
hydrog1  hydrog ?    ? A DT  1  N3 ? ? ? 1_555 B DA  13 N1 ? ? B DT  101 C DA  213 1_555 ? ? ? ? ? ? WATSON-CRICK ?     ? ? 
hydrog2  hydrog ?    ? A DT  1  O4 ? ? ? 1_555 B DA  13 N6 ? ? B DT  101 C DA  213 1_555 ? ? ? ? ? ? WATSON-CRICK ?     ? ? 
hydrog3  hydrog ?    ? A DG  2  N1 ? ? ? 1_555 B DC  12 N3 ? ? B DG  102 C DC  212 1_555 ? ? ? ? ? ? WATSON-CRICK ?     ? ? 
hydrog4  hydrog ?    ? A DG  2  N2 ? ? ? 1_555 B DC  12 O2 ? ? B DG  102 C DC  212 1_555 ? ? ? ? ? ? WATSON-CRICK ?     ? ? 
hydrog5  hydrog ?    ? A DG  2  O6 ? ? ? 1_555 B DC  12 N4 ? ? B DG  102 C DC  212 1_555 ? ? ? ? ? ? WATSON-CRICK ?     ? ? 
hydrog6  hydrog ?    ? A DT  3  N3 ? ? ? 1_555 B DA  11 N1 ? ? B DT  103 C DA  211 1_555 ? ? ? ? ? ? WATSON-CRICK ?     ? ? 
hydrog7  hydrog ?    ? A DT  3  O4 ? ? ? 1_555 B DA  11 N6 ? ? B DT  103 C DA  211 1_555 ? ? ? ? ? ? WATSON-CRICK ?     ? ? 
hydrog8  hydrog ?    ? A DT  4  N3 ? ? ? 1_555 B DA  10 N1 ? ? B DT  104 C DA  210 1_555 ? ? ? ? ? ? WATSON-CRICK ?     ? ? 
hydrog9  hydrog ?    ? A DT  4  O4 ? ? ? 1_555 B DA  10 N6 ? ? B DT  104 C DA  210 1_555 ? ? ? ? ? ? WATSON-CRICK ?     ? ? 
hydrog10 hydrog ?    ? A DA  5  N1 ? ? ? 1_555 B DT  9  N3 ? ? B DA  105 C DT  209 1_555 ? ? ? ? ? ? WATSON-CRICK ?     ? ? 
hydrog11 hydrog ?    ? A DA  5  N6 ? ? ? 1_555 B DT  9  O4 ? ? B DA  105 C DT  209 1_555 ? ? ? ? ? ? WATSON-CRICK ?     ? ? 
hydrog12 hydrog ?    ? A DT  6  N3 ? ? ? 1_555 B DA  8  N1 ? ? B DT  106 C DA  208 1_555 ? ? ? ? ? ? WATSON-CRICK ?     ? ? 
hydrog13 hydrog ?    ? A DT  6  O4 ? ? ? 1_555 B DA  8  N6 ? ? B DT  106 C DA  208 1_555 ? ? ? ? ? ? WATSON-CRICK ?     ? ? 
hydrog14 hydrog ?    ? A DC  7  N3 ? ? ? 1_555 B DG  7  N1 ? ? B DC  107 C DG  207 1_555 ? ? ? ? ? ? WATSON-CRICK ?     ? ? 
hydrog15 hydrog ?    ? A DC  7  N4 ? ? ? 1_555 B DG  7  O6 ? ? B DC  107 C DG  207 1_555 ? ? ? ? ? ? WATSON-CRICK ?     ? ? 
hydrog16 hydrog ?    ? A DC  7  O2 ? ? ? 1_555 B DG  7  N2 ? ? B DC  107 C DG  207 1_555 ? ? ? ? ? ? WATSON-CRICK ?     ? ? 
hydrog17 hydrog ?    ? A DC  8  N3 ? ? ? 1_555 B DG  6  N1 ? ? B DC  108 C DG  206 1_555 ? ? ? ? ? ? WATSON-CRICK ?     ? ? 
hydrog18 hydrog ?    ? A DC  8  N4 ? ? ? 1_555 B DG  6  O6 ? ? B DC  108 C DG  206 1_555 ? ? ? ? ? ? WATSON-CRICK ?     ? ? 
hydrog19 hydrog ?    ? A DC  8  O2 ? ? ? 1_555 B DG  6  N2 ? ? B DC  108 C DG  206 1_555 ? ? ? ? ? ? WATSON-CRICK ?     ? ? 
hydrog20 hydrog ?    ? A DA  9  N1 ? ? ? 1_555 B DT  5  N3 ? ? B DA  109 C DT  205 1_555 ? ? ? ? ? ? WATSON-CRICK ?     ? ? 
hydrog21 hydrog ?    ? A DA  9  N6 ? ? ? 1_555 B DT  5  O4 ? ? B DA  109 C DT  205 1_555 ? ? ? ? ? ? WATSON-CRICK ?     ? ? 
hydrog22 hydrog ?    ? A DC  10 N3 ? ? ? 1_555 B DG  4  N1 ? ? B DC  110 C DG  204 1_555 ? ? ? ? ? ? WATSON-CRICK ?     ? ? 
hydrog23 hydrog ?    ? A DC  10 N4 ? ? ? 1_555 B DG  4  O6 ? ? B DC  110 C DG  204 1_555 ? ? ? ? ? ? WATSON-CRICK ?     ? ? 
hydrog24 hydrog ?    ? A DC  10 O2 ? ? ? 1_555 B DG  4  N2 ? ? B DC  110 C DG  204 1_555 ? ? ? ? ? ? WATSON-CRICK ?     ? ? 
hydrog25 hydrog ?    ? A DA  11 N1 ? ? ? 1_555 B DT  3  N3 ? ? B DA  111 C DT  203 1_555 ? ? ? ? ? ? WATSON-CRICK ?     ? ? 
hydrog26 hydrog ?    ? A DA  11 N6 ? ? ? 1_555 B DT  3  O4 ? ? B DA  111 C DT  203 1_555 ? ? ? ? ? ? WATSON-CRICK ?     ? ? 
hydrog27 hydrog ?    ? A DG  12 N1 ? ? ? 1_555 B DC  2  N3 ? ? B DG  112 C DC  202 1_555 ? ? ? ? ? ? WATSON-CRICK ?     ? ? 
hydrog28 hydrog ?    ? A DG  12 N2 ? ? ? 1_555 B DC  2  O2 ? ? B DG  112 C DC  202 1_555 ? ? ? ? ? ? WATSON-CRICK ?     ? ? 
hydrog29 hydrog ?    ? A DG  12 O6 ? ? ? 1_555 B DC  2  N4 ? ? B DG  112 C DC  202 1_555 ? ? ? ? ? ? WATSON-CRICK ?     ? ? 
hydrog30 hydrog ?    ? A DG  13 N1 ? ? ? 1_555 B DC  1  N3 ? ? B DG  113 C DC  201 1_555 ? ? ? ? ? ? WATSON-CRICK ?     ? ? 
hydrog31 hydrog ?    ? A DG  13 N2 ? ? ? 1_555 B DC  1  O2 ? ? B DG  113 C DC  201 1_555 ? ? ? ? ? ? WATSON-CRICK ?     ? ? 
hydrog32 hydrog ?    ? A DG  13 O6 ? ? ? 1_555 B DC  1  N4 ? ? B DG  113 C DC  201 1_555 ? ? ? ? ? ? WATSON-CRICK ?     ? ? 
# 
loop_
_struct_conn_type.id 
_struct_conn_type.criteria 
_struct_conn_type.reference 
covale ? ? 
hydrog ? ? 
# 
loop_
_pdbx_modification_feature.ordinal 
_pdbx_modification_feature.label_comp_id 
_pdbx_modification_feature.label_asym_id 
_pdbx_modification_feature.label_seq_id 
_pdbx_modification_feature.label_alt_id 
_pdbx_modification_feature.modified_residue_label_comp_id 
_pdbx_modification_feature.modified_residue_label_asym_id 
_pdbx_modification_feature.modified_residue_label_seq_id 
_pdbx_modification_feature.modified_residue_label_alt_id 
_pdbx_modification_feature.auth_comp_id 
_pdbx_modification_feature.auth_asym_id 
_pdbx_modification_feature.auth_seq_id 
_pdbx_modification_feature.PDB_ins_code 
_pdbx_modification_feature.symmetry 
_pdbx_modification_feature.modified_residue_auth_comp_id 
_pdbx_modification_feature.modified_residue_auth_asym_id 
_pdbx_modification_feature.modified_residue_auth_seq_id 
_pdbx_modification_feature.modified_residue_PDB_ins_code 
_pdbx_modification_feature.modified_residue_symmetry 
_pdbx_modification_feature.comp_id_linking_atom 
_pdbx_modification_feature.modified_residue_id_linking_atom 
_pdbx_modification_feature.modified_residue_id 
_pdbx_modification_feature.ref_pcm_id 
_pdbx_modification_feature.ref_comp_id 
_pdbx_modification_feature.type 
_pdbx_modification_feature.category 
1 MSE C 36 ? . . . . MSE A 409 ? 1_555 . . . . . . . MET 1 MSE Selenomethionine 'Named protein modification' 
2 MSE C 38 ? . . . . MSE A 411 ? 1_555 . . . . . . . MET 1 MSE Selenomethionine 'Named protein modification' 
# 
_pdbx_entry_details.entry_id                   1J1V 
_pdbx_entry_details.compound_details           ? 
_pdbx_entry_details.source_details             ? 
_pdbx_entry_details.nonpolymer_details         ? 
_pdbx_entry_details.sequence_details           ? 
_pdbx_entry_details.has_ligand_of_interest     ? 
_pdbx_entry_details.has_protein_modification   Y 
# 
_pdbx_validate_rmsd_bond.id                        1 
_pdbx_validate_rmsd_bond.PDB_model_num             1 
_pdbx_validate_rmsd_bond.auth_atom_id_1            CA 
_pdbx_validate_rmsd_bond.auth_asym_id_1            A 
_pdbx_validate_rmsd_bond.auth_comp_id_1            HIS 
_pdbx_validate_rmsd_bond.auth_seq_id_1             434 
_pdbx_validate_rmsd_bond.PDB_ins_code_1            ? 
_pdbx_validate_rmsd_bond.label_alt_id_1            ? 
_pdbx_validate_rmsd_bond.auth_atom_id_2            CB 
_pdbx_validate_rmsd_bond.auth_asym_id_2            A 
_pdbx_validate_rmsd_bond.auth_comp_id_2            HIS 
_pdbx_validate_rmsd_bond.auth_seq_id_2             434 
_pdbx_validate_rmsd_bond.PDB_ins_code_2            ? 
_pdbx_validate_rmsd_bond.label_alt_id_2            ? 
_pdbx_validate_rmsd_bond.bond_value                1.286 
_pdbx_validate_rmsd_bond.bond_target_value         1.535 
_pdbx_validate_rmsd_bond.bond_deviation            -0.249 
_pdbx_validate_rmsd_bond.bond_standard_deviation   0.022 
_pdbx_validate_rmsd_bond.linker_flag               N 
# 
_pdbx_validate_torsion.id              1 
_pdbx_validate_torsion.PDB_model_num   1 
_pdbx_validate_torsion.auth_comp_id    PHE 
_pdbx_validate_torsion.auth_asym_id    A 
_pdbx_validate_torsion.auth_seq_id     429 
_pdbx_validate_torsion.PDB_ins_code    ? 
_pdbx_validate_torsion.label_alt_id    ? 
_pdbx_validate_torsion.phi             -118.86 
_pdbx_validate_torsion.psi             62.87 
# 
_pdbx_SG_project.id                    1 
_pdbx_SG_project.project_name          ? 
_pdbx_SG_project.full_name_of_center   'RIKEN Structural Genomics/Proteomics Initiative' 
_pdbx_SG_project.initial_of_center     RSGI 
# 
loop_
_pdbx_struct_mod_residue.id 
_pdbx_struct_mod_residue.label_asym_id 
_pdbx_struct_mod_residue.label_comp_id 
_pdbx_struct_mod_residue.label_seq_id 
_pdbx_struct_mod_residue.auth_asym_id 
_pdbx_struct_mod_residue.auth_comp_id 
_pdbx_struct_mod_residue.auth_seq_id 
_pdbx_struct_mod_residue.PDB_ins_code 
_pdbx_struct_mod_residue.parent_comp_id 
_pdbx_struct_mod_residue.details 
1 C MSE 36 A MSE 409 ? MET SELENOMETHIONINE 
2 C MSE 38 A MSE 411 ? MET SELENOMETHIONINE 
# 
loop_
_chem_comp_atom.comp_id 
_chem_comp_atom.atom_id 
_chem_comp_atom.type_symbol 
_chem_comp_atom.pdbx_aromatic_flag 
_chem_comp_atom.pdbx_stereo_config 
_chem_comp_atom.pdbx_ordinal 
ALA N      N  N N 1   
ALA CA     C  N S 2   
ALA C      C  N N 3   
ALA O      O  N N 4   
ALA CB     C  N N 5   
ALA OXT    O  N N 6   
ALA H      H  N N 7   
ALA H2     H  N N 8   
ALA HA     H  N N 9   
ALA HB1    H  N N 10  
ALA HB2    H  N N 11  
ALA HB3    H  N N 12  
ALA HXT    H  N N 13  
ARG N      N  N N 14  
ARG CA     C  N S 15  
ARG C      C  N N 16  
ARG O      O  N N 17  
ARG CB     C  N N 18  
ARG CG     C  N N 19  
ARG CD     C  N N 20  
ARG NE     N  N N 21  
ARG CZ     C  N N 22  
ARG NH1    N  N N 23  
ARG NH2    N  N N 24  
ARG OXT    O  N N 25  
ARG H      H  N N 26  
ARG H2     H  N N 27  
ARG HA     H  N N 28  
ARG HB2    H  N N 29  
ARG HB3    H  N N 30  
ARG HG2    H  N N 31  
ARG HG3    H  N N 32  
ARG HD2    H  N N 33  
ARG HD3    H  N N 34  
ARG HE     H  N N 35  
ARG HH11   H  N N 36  
ARG HH12   H  N N 37  
ARG HH21   H  N N 38  
ARG HH22   H  N N 39  
ARG HXT    H  N N 40  
ASN N      N  N N 41  
ASN CA     C  N S 42  
ASN C      C  N N 43  
ASN O      O  N N 44  
ASN CB     C  N N 45  
ASN CG     C  N N 46  
ASN OD1    O  N N 47  
ASN ND2    N  N N 48  
ASN OXT    O  N N 49  
ASN H      H  N N 50  
ASN H2     H  N N 51  
ASN HA     H  N N 52  
ASN HB2    H  N N 53  
ASN HB3    H  N N 54  
ASN HD21   H  N N 55  
ASN HD22   H  N N 56  
ASN HXT    H  N N 57  
ASP N      N  N N 58  
ASP CA     C  N S 59  
ASP C      C  N N 60  
ASP O      O  N N 61  
ASP CB     C  N N 62  
ASP CG     C  N N 63  
ASP OD1    O  N N 64  
ASP OD2    O  N N 65  
ASP OXT    O  N N 66  
ASP H      H  N N 67  
ASP H2     H  N N 68  
ASP HA     H  N N 69  
ASP HB2    H  N N 70  
ASP HB3    H  N N 71  
ASP HD2    H  N N 72  
ASP HXT    H  N N 73  
CYS N      N  N N 74  
CYS CA     C  N R 75  
CYS C      C  N N 76  
CYS O      O  N N 77  
CYS CB     C  N N 78  
CYS SG     S  N N 79  
CYS OXT    O  N N 80  
CYS H      H  N N 81  
CYS H2     H  N N 82  
CYS HA     H  N N 83  
CYS HB2    H  N N 84  
CYS HB3    H  N N 85  
CYS HG     H  N N 86  
CYS HXT    H  N N 87  
DA  OP3    O  N N 88  
DA  P      P  N N 89  
DA  OP1    O  N N 90  
DA  OP2    O  N N 91  
DA  "O5'"  O  N N 92  
DA  "C5'"  C  N N 93  
DA  "C4'"  C  N R 94  
DA  "O4'"  O  N N 95  
DA  "C3'"  C  N S 96  
DA  "O3'"  O  N N 97  
DA  "C2'"  C  N N 98  
DA  "C1'"  C  N R 99  
DA  N9     N  Y N 100 
DA  C8     C  Y N 101 
DA  N7     N  Y N 102 
DA  C5     C  Y N 103 
DA  C6     C  Y N 104 
DA  N6     N  N N 105 
DA  N1     N  Y N 106 
DA  C2     C  Y N 107 
DA  N3     N  Y N 108 
DA  C4     C  Y N 109 
DA  HOP3   H  N N 110 
DA  HOP2   H  N N 111 
DA  "H5'"  H  N N 112 
DA  "H5''" H  N N 113 
DA  "H4'"  H  N N 114 
DA  "H3'"  H  N N 115 
DA  "HO3'" H  N N 116 
DA  "H2'"  H  N N 117 
DA  "H2''" H  N N 118 
DA  "H1'"  H  N N 119 
DA  H8     H  N N 120 
DA  H61    H  N N 121 
DA  H62    H  N N 122 
DA  H2     H  N N 123 
DC  OP3    O  N N 124 
DC  P      P  N N 125 
DC  OP1    O  N N 126 
DC  OP2    O  N N 127 
DC  "O5'"  O  N N 128 
DC  "C5'"  C  N N 129 
DC  "C4'"  C  N R 130 
DC  "O4'"  O  N N 131 
DC  "C3'"  C  N S 132 
DC  "O3'"  O  N N 133 
DC  "C2'"  C  N N 134 
DC  "C1'"  C  N R 135 
DC  N1     N  N N 136 
DC  C2     C  N N 137 
DC  O2     O  N N 138 
DC  N3     N  N N 139 
DC  C4     C  N N 140 
DC  N4     N  N N 141 
DC  C5     C  N N 142 
DC  C6     C  N N 143 
DC  HOP3   H  N N 144 
DC  HOP2   H  N N 145 
DC  "H5'"  H  N N 146 
DC  "H5''" H  N N 147 
DC  "H4'"  H  N N 148 
DC  "H3'"  H  N N 149 
DC  "HO3'" H  N N 150 
DC  "H2'"  H  N N 151 
DC  "H2''" H  N N 152 
DC  "H1'"  H  N N 153 
DC  H41    H  N N 154 
DC  H42    H  N N 155 
DC  H5     H  N N 156 
DC  H6     H  N N 157 
DG  OP3    O  N N 158 
DG  P      P  N N 159 
DG  OP1    O  N N 160 
DG  OP2    O  N N 161 
DG  "O5'"  O  N N 162 
DG  "C5'"  C  N N 163 
DG  "C4'"  C  N R 164 
DG  "O4'"  O  N N 165 
DG  "C3'"  C  N S 166 
DG  "O3'"  O  N N 167 
DG  "C2'"  C  N N 168 
DG  "C1'"  C  N R 169 
DG  N9     N  Y N 170 
DG  C8     C  Y N 171 
DG  N7     N  Y N 172 
DG  C5     C  Y N 173 
DG  C6     C  N N 174 
DG  O6     O  N N 175 
DG  N1     N  N N 176 
DG  C2     C  N N 177 
DG  N2     N  N N 178 
DG  N3     N  N N 179 
DG  C4     C  Y N 180 
DG  HOP3   H  N N 181 
DG  HOP2   H  N N 182 
DG  "H5'"  H  N N 183 
DG  "H5''" H  N N 184 
DG  "H4'"  H  N N 185 
DG  "H3'"  H  N N 186 
DG  "HO3'" H  N N 187 
DG  "H2'"  H  N N 188 
DG  "H2''" H  N N 189 
DG  "H1'"  H  N N 190 
DG  H8     H  N N 191 
DG  H1     H  N N 192 
DG  H21    H  N N 193 
DG  H22    H  N N 194 
DT  OP3    O  N N 195 
DT  P      P  N N 196 
DT  OP1    O  N N 197 
DT  OP2    O  N N 198 
DT  "O5'"  O  N N 199 
DT  "C5'"  C  N N 200 
DT  "C4'"  C  N R 201 
DT  "O4'"  O  N N 202 
DT  "C3'"  C  N S 203 
DT  "O3'"  O  N N 204 
DT  "C2'"  C  N N 205 
DT  "C1'"  C  N R 206 
DT  N1     N  N N 207 
DT  C2     C  N N 208 
DT  O2     O  N N 209 
DT  N3     N  N N 210 
DT  C4     C  N N 211 
DT  O4     O  N N 212 
DT  C5     C  N N 213 
DT  C7     C  N N 214 
DT  C6     C  N N 215 
DT  HOP3   H  N N 216 
DT  HOP2   H  N N 217 
DT  "H5'"  H  N N 218 
DT  "H5''" H  N N 219 
DT  "H4'"  H  N N 220 
DT  "H3'"  H  N N 221 
DT  "HO3'" H  N N 222 
DT  "H2'"  H  N N 223 
DT  "H2''" H  N N 224 
DT  "H1'"  H  N N 225 
DT  H3     H  N N 226 
DT  H71    H  N N 227 
DT  H72    H  N N 228 
DT  H73    H  N N 229 
DT  H6     H  N N 230 
GLN N      N  N N 231 
GLN CA     C  N S 232 
GLN C      C  N N 233 
GLN O      O  N N 234 
GLN CB     C  N N 235 
GLN CG     C  N N 236 
GLN CD     C  N N 237 
GLN OE1    O  N N 238 
GLN NE2    N  N N 239 
GLN OXT    O  N N 240 
GLN H      H  N N 241 
GLN H2     H  N N 242 
GLN HA     H  N N 243 
GLN HB2    H  N N 244 
GLN HB3    H  N N 245 
GLN HG2    H  N N 246 
GLN HG3    H  N N 247 
GLN HE21   H  N N 248 
GLN HE22   H  N N 249 
GLN HXT    H  N N 250 
GLU N      N  N N 251 
GLU CA     C  N S 252 
GLU C      C  N N 253 
GLU O      O  N N 254 
GLU CB     C  N N 255 
GLU CG     C  N N 256 
GLU CD     C  N N 257 
GLU OE1    O  N N 258 
GLU OE2    O  N N 259 
GLU OXT    O  N N 260 
GLU H      H  N N 261 
GLU H2     H  N N 262 
GLU HA     H  N N 263 
GLU HB2    H  N N 264 
GLU HB3    H  N N 265 
GLU HG2    H  N N 266 
GLU HG3    H  N N 267 
GLU HE2    H  N N 268 
GLU HXT    H  N N 269 
GLY N      N  N N 270 
GLY CA     C  N N 271 
GLY C      C  N N 272 
GLY O      O  N N 273 
GLY OXT    O  N N 274 
GLY H      H  N N 275 
GLY H2     H  N N 276 
GLY HA2    H  N N 277 
GLY HA3    H  N N 278 
GLY HXT    H  N N 279 
HIS N      N  N N 280 
HIS CA     C  N S 281 
HIS C      C  N N 282 
HIS O      O  N N 283 
HIS CB     C  N N 284 
HIS CG     C  Y N 285 
HIS ND1    N  Y N 286 
HIS CD2    C  Y N 287 
HIS CE1    C  Y N 288 
HIS NE2    N  Y N 289 
HIS OXT    O  N N 290 
HIS H      H  N N 291 
HIS H2     H  N N 292 
HIS HA     H  N N 293 
HIS HB2    H  N N 294 
HIS HB3    H  N N 295 
HIS HD1    H  N N 296 
HIS HD2    H  N N 297 
HIS HE1    H  N N 298 
HIS HE2    H  N N 299 
HIS HXT    H  N N 300 
HOH O      O  N N 301 
HOH H1     H  N N 302 
HOH H2     H  N N 303 
ILE N      N  N N 304 
ILE CA     C  N S 305 
ILE C      C  N N 306 
ILE O      O  N N 307 
ILE CB     C  N S 308 
ILE CG1    C  N N 309 
ILE CG2    C  N N 310 
ILE CD1    C  N N 311 
ILE OXT    O  N N 312 
ILE H      H  N N 313 
ILE H2     H  N N 314 
ILE HA     H  N N 315 
ILE HB     H  N N 316 
ILE HG12   H  N N 317 
ILE HG13   H  N N 318 
ILE HG21   H  N N 319 
ILE HG22   H  N N 320 
ILE HG23   H  N N 321 
ILE HD11   H  N N 322 
ILE HD12   H  N N 323 
ILE HD13   H  N N 324 
ILE HXT    H  N N 325 
LEU N      N  N N 326 
LEU CA     C  N S 327 
LEU C      C  N N 328 
LEU O      O  N N 329 
LEU CB     C  N N 330 
LEU CG     C  N N 331 
LEU CD1    C  N N 332 
LEU CD2    C  N N 333 
LEU OXT    O  N N 334 
LEU H      H  N N 335 
LEU H2     H  N N 336 
LEU HA     H  N N 337 
LEU HB2    H  N N 338 
LEU HB3    H  N N 339 
LEU HG     H  N N 340 
LEU HD11   H  N N 341 
LEU HD12   H  N N 342 
LEU HD13   H  N N 343 
LEU HD21   H  N N 344 
LEU HD22   H  N N 345 
LEU HD23   H  N N 346 
LEU HXT    H  N N 347 
LYS N      N  N N 348 
LYS CA     C  N S 349 
LYS C      C  N N 350 
LYS O      O  N N 351 
LYS CB     C  N N 352 
LYS CG     C  N N 353 
LYS CD     C  N N 354 
LYS CE     C  N N 355 
LYS NZ     N  N N 356 
LYS OXT    O  N N 357 
LYS H      H  N N 358 
LYS H2     H  N N 359 
LYS HA     H  N N 360 
LYS HB2    H  N N 361 
LYS HB3    H  N N 362 
LYS HG2    H  N N 363 
LYS HG3    H  N N 364 
LYS HD2    H  N N 365 
LYS HD3    H  N N 366 
LYS HE2    H  N N 367 
LYS HE3    H  N N 368 
LYS HZ1    H  N N 369 
LYS HZ2    H  N N 370 
LYS HZ3    H  N N 371 
LYS HXT    H  N N 372 
MET N      N  N N 373 
MET CA     C  N S 374 
MET C      C  N N 375 
MET O      O  N N 376 
MET CB     C  N N 377 
MET CG     C  N N 378 
MET SD     S  N N 379 
MET CE     C  N N 380 
MET OXT    O  N N 381 
MET H      H  N N 382 
MET H2     H  N N 383 
MET HA     H  N N 384 
MET HB2    H  N N 385 
MET HB3    H  N N 386 
MET HG2    H  N N 387 
MET HG3    H  N N 388 
MET HE1    H  N N 389 
MET HE2    H  N N 390 
MET HE3    H  N N 391 
MET HXT    H  N N 392 
MSE N      N  N N 393 
MSE CA     C  N S 394 
MSE C      C  N N 395 
MSE O      O  N N 396 
MSE OXT    O  N N 397 
MSE CB     C  N N 398 
MSE CG     C  N N 399 
MSE SE     SE N N 400 
MSE CE     C  N N 401 
MSE H      H  N N 402 
MSE H2     H  N N 403 
MSE HA     H  N N 404 
MSE HXT    H  N N 405 
MSE HB2    H  N N 406 
MSE HB3    H  N N 407 
MSE HG2    H  N N 408 
MSE HG3    H  N N 409 
MSE HE1    H  N N 410 
MSE HE2    H  N N 411 
MSE HE3    H  N N 412 
PHE N      N  N N 413 
PHE CA     C  N S 414 
PHE C      C  N N 415 
PHE O      O  N N 416 
PHE CB     C  N N 417 
PHE CG     C  Y N 418 
PHE CD1    C  Y N 419 
PHE CD2    C  Y N 420 
PHE CE1    C  Y N 421 
PHE CE2    C  Y N 422 
PHE CZ     C  Y N 423 
PHE OXT    O  N N 424 
PHE H      H  N N 425 
PHE H2     H  N N 426 
PHE HA     H  N N 427 
PHE HB2    H  N N 428 
PHE HB3    H  N N 429 
PHE HD1    H  N N 430 
PHE HD2    H  N N 431 
PHE HE1    H  N N 432 
PHE HE2    H  N N 433 
PHE HZ     H  N N 434 
PHE HXT    H  N N 435 
PRO N      N  N N 436 
PRO CA     C  N S 437 
PRO C      C  N N 438 
PRO O      O  N N 439 
PRO CB     C  N N 440 
PRO CG     C  N N 441 
PRO CD     C  N N 442 
PRO OXT    O  N N 443 
PRO H      H  N N 444 
PRO HA     H  N N 445 
PRO HB2    H  N N 446 
PRO HB3    H  N N 447 
PRO HG2    H  N N 448 
PRO HG3    H  N N 449 
PRO HD2    H  N N 450 
PRO HD3    H  N N 451 
PRO HXT    H  N N 452 
SER N      N  N N 453 
SER CA     C  N S 454 
SER C      C  N N 455 
SER O      O  N N 456 
SER CB     C  N N 457 
SER OG     O  N N 458 
SER OXT    O  N N 459 
SER H      H  N N 460 
SER H2     H  N N 461 
SER HA     H  N N 462 
SER HB2    H  N N 463 
SER HB3    H  N N 464 
SER HG     H  N N 465 
SER HXT    H  N N 466 
THR N      N  N N 467 
THR CA     C  N S 468 
THR C      C  N N 469 
THR O      O  N N 470 
THR CB     C  N R 471 
THR OG1    O  N N 472 
THR CG2    C  N N 473 
THR OXT    O  N N 474 
THR H      H  N N 475 
THR H2     H  N N 476 
THR HA     H  N N 477 
THR HB     H  N N 478 
THR HG1    H  N N 479 
THR HG21   H  N N 480 
THR HG22   H  N N 481 
THR HG23   H  N N 482 
THR HXT    H  N N 483 
TYR N      N  N N 484 
TYR CA     C  N S 485 
TYR C      C  N N 486 
TYR O      O  N N 487 
TYR CB     C  N N 488 
TYR CG     C  Y N 489 
TYR CD1    C  Y N 490 
TYR CD2    C  Y N 491 
TYR CE1    C  Y N 492 
TYR CE2    C  Y N 493 
TYR CZ     C  Y N 494 
TYR OH     O  N N 495 
TYR OXT    O  N N 496 
TYR H      H  N N 497 
TYR H2     H  N N 498 
TYR HA     H  N N 499 
TYR HB2    H  N N 500 
TYR HB3    H  N N 501 
TYR HD1    H  N N 502 
TYR HD2    H  N N 503 
TYR HE1    H  N N 504 
TYR HE2    H  N N 505 
TYR HH     H  N N 506 
TYR HXT    H  N N 507 
VAL N      N  N N 508 
VAL CA     C  N S 509 
VAL C      C  N N 510 
VAL O      O  N N 511 
VAL CB     C  N N 512 
VAL CG1    C  N N 513 
VAL CG2    C  N N 514 
VAL OXT    O  N N 515 
VAL H      H  N N 516 
VAL H2     H  N N 517 
VAL HA     H  N N 518 
VAL HB     H  N N 519 
VAL HG11   H  N N 520 
VAL HG12   H  N N 521 
VAL HG13   H  N N 522 
VAL HG21   H  N N 523 
VAL HG22   H  N N 524 
VAL HG23   H  N N 525 
VAL HXT    H  N N 526 
# 
loop_
_chem_comp_bond.comp_id 
_chem_comp_bond.atom_id_1 
_chem_comp_bond.atom_id_2 
_chem_comp_bond.value_order 
_chem_comp_bond.pdbx_aromatic_flag 
_chem_comp_bond.pdbx_stereo_config 
_chem_comp_bond.pdbx_ordinal 
ALA N     CA     sing N N 1   
ALA N     H      sing N N 2   
ALA N     H2     sing N N 3   
ALA CA    C      sing N N 4   
ALA CA    CB     sing N N 5   
ALA CA    HA     sing N N 6   
ALA C     O      doub N N 7   
ALA C     OXT    sing N N 8   
ALA CB    HB1    sing N N 9   
ALA CB    HB2    sing N N 10  
ALA CB    HB3    sing N N 11  
ALA OXT   HXT    sing N N 12  
ARG N     CA     sing N N 13  
ARG N     H      sing N N 14  
ARG N     H2     sing N N 15  
ARG CA    C      sing N N 16  
ARG CA    CB     sing N N 17  
ARG CA    HA     sing N N 18  
ARG C     O      doub N N 19  
ARG C     OXT    sing N N 20  
ARG CB    CG     sing N N 21  
ARG CB    HB2    sing N N 22  
ARG CB    HB3    sing N N 23  
ARG CG    CD     sing N N 24  
ARG CG    HG2    sing N N 25  
ARG CG    HG3    sing N N 26  
ARG CD    NE     sing N N 27  
ARG CD    HD2    sing N N 28  
ARG CD    HD3    sing N N 29  
ARG NE    CZ     sing N N 30  
ARG NE    HE     sing N N 31  
ARG CZ    NH1    sing N N 32  
ARG CZ    NH2    doub N N 33  
ARG NH1   HH11   sing N N 34  
ARG NH1   HH12   sing N N 35  
ARG NH2   HH21   sing N N 36  
ARG NH2   HH22   sing N N 37  
ARG OXT   HXT    sing N N 38  
ASN N     CA     sing N N 39  
ASN N     H      sing N N 40  
ASN N     H2     sing N N 41  
ASN CA    C      sing N N 42  
ASN CA    CB     sing N N 43  
ASN CA    HA     sing N N 44  
ASN C     O      doub N N 45  
ASN C     OXT    sing N N 46  
ASN CB    CG     sing N N 47  
ASN CB    HB2    sing N N 48  
ASN CB    HB3    sing N N 49  
ASN CG    OD1    doub N N 50  
ASN CG    ND2    sing N N 51  
ASN ND2   HD21   sing N N 52  
ASN ND2   HD22   sing N N 53  
ASN OXT   HXT    sing N N 54  
ASP N     CA     sing N N 55  
ASP N     H      sing N N 56  
ASP N     H2     sing N N 57  
ASP CA    C      sing N N 58  
ASP CA    CB     sing N N 59  
ASP CA    HA     sing N N 60  
ASP C     O      doub N N 61  
ASP C     OXT    sing N N 62  
ASP CB    CG     sing N N 63  
ASP CB    HB2    sing N N 64  
ASP CB    HB3    sing N N 65  
ASP CG    OD1    doub N N 66  
ASP CG    OD2    sing N N 67  
ASP OD2   HD2    sing N N 68  
ASP OXT   HXT    sing N N 69  
CYS N     CA     sing N N 70  
CYS N     H      sing N N 71  
CYS N     H2     sing N N 72  
CYS CA    C      sing N N 73  
CYS CA    CB     sing N N 74  
CYS CA    HA     sing N N 75  
CYS C     O      doub N N 76  
CYS C     OXT    sing N N 77  
CYS CB    SG     sing N N 78  
CYS CB    HB2    sing N N 79  
CYS CB    HB3    sing N N 80  
CYS SG    HG     sing N N 81  
CYS OXT   HXT    sing N N 82  
DA  OP3   P      sing N N 83  
DA  OP3   HOP3   sing N N 84  
DA  P     OP1    doub N N 85  
DA  P     OP2    sing N N 86  
DA  P     "O5'"  sing N N 87  
DA  OP2   HOP2   sing N N 88  
DA  "O5'" "C5'"  sing N N 89  
DA  "C5'" "C4'"  sing N N 90  
DA  "C5'" "H5'"  sing N N 91  
DA  "C5'" "H5''" sing N N 92  
DA  "C4'" "O4'"  sing N N 93  
DA  "C4'" "C3'"  sing N N 94  
DA  "C4'" "H4'"  sing N N 95  
DA  "O4'" "C1'"  sing N N 96  
DA  "C3'" "O3'"  sing N N 97  
DA  "C3'" "C2'"  sing N N 98  
DA  "C3'" "H3'"  sing N N 99  
DA  "O3'" "HO3'" sing N N 100 
DA  "C2'" "C1'"  sing N N 101 
DA  "C2'" "H2'"  sing N N 102 
DA  "C2'" "H2''" sing N N 103 
DA  "C1'" N9     sing N N 104 
DA  "C1'" "H1'"  sing N N 105 
DA  N9    C8     sing Y N 106 
DA  N9    C4     sing Y N 107 
DA  C8    N7     doub Y N 108 
DA  C8    H8     sing N N 109 
DA  N7    C5     sing Y N 110 
DA  C5    C6     sing Y N 111 
DA  C5    C4     doub Y N 112 
DA  C6    N6     sing N N 113 
DA  C6    N1     doub Y N 114 
DA  N6    H61    sing N N 115 
DA  N6    H62    sing N N 116 
DA  N1    C2     sing Y N 117 
DA  C2    N3     doub Y N 118 
DA  C2    H2     sing N N 119 
DA  N3    C4     sing Y N 120 
DC  OP3   P      sing N N 121 
DC  OP3   HOP3   sing N N 122 
DC  P     OP1    doub N N 123 
DC  P     OP2    sing N N 124 
DC  P     "O5'"  sing N N 125 
DC  OP2   HOP2   sing N N 126 
DC  "O5'" "C5'"  sing N N 127 
DC  "C5'" "C4'"  sing N N 128 
DC  "C5'" "H5'"  sing N N 129 
DC  "C5'" "H5''" sing N N 130 
DC  "C4'" "O4'"  sing N N 131 
DC  "C4'" "C3'"  sing N N 132 
DC  "C4'" "H4'"  sing N N 133 
DC  "O4'" "C1'"  sing N N 134 
DC  "C3'" "O3'"  sing N N 135 
DC  "C3'" "C2'"  sing N N 136 
DC  "C3'" "H3'"  sing N N 137 
DC  "O3'" "HO3'" sing N N 138 
DC  "C2'" "C1'"  sing N N 139 
DC  "C2'" "H2'"  sing N N 140 
DC  "C2'" "H2''" sing N N 141 
DC  "C1'" N1     sing N N 142 
DC  "C1'" "H1'"  sing N N 143 
DC  N1    C2     sing N N 144 
DC  N1    C6     sing N N 145 
DC  C2    O2     doub N N 146 
DC  C2    N3     sing N N 147 
DC  N3    C4     doub N N 148 
DC  C4    N4     sing N N 149 
DC  C4    C5     sing N N 150 
DC  N4    H41    sing N N 151 
DC  N4    H42    sing N N 152 
DC  C5    C6     doub N N 153 
DC  C5    H5     sing N N 154 
DC  C6    H6     sing N N 155 
DG  OP3   P      sing N N 156 
DG  OP3   HOP3   sing N N 157 
DG  P     OP1    doub N N 158 
DG  P     OP2    sing N N 159 
DG  P     "O5'"  sing N N 160 
DG  OP2   HOP2   sing N N 161 
DG  "O5'" "C5'"  sing N N 162 
DG  "C5'" "C4'"  sing N N 163 
DG  "C5'" "H5'"  sing N N 164 
DG  "C5'" "H5''" sing N N 165 
DG  "C4'" "O4'"  sing N N 166 
DG  "C4'" "C3'"  sing N N 167 
DG  "C4'" "H4'"  sing N N 168 
DG  "O4'" "C1'"  sing N N 169 
DG  "C3'" "O3'"  sing N N 170 
DG  "C3'" "C2'"  sing N N 171 
DG  "C3'" "H3'"  sing N N 172 
DG  "O3'" "HO3'" sing N N 173 
DG  "C2'" "C1'"  sing N N 174 
DG  "C2'" "H2'"  sing N N 175 
DG  "C2'" "H2''" sing N N 176 
DG  "C1'" N9     sing N N 177 
DG  "C1'" "H1'"  sing N N 178 
DG  N9    C8     sing Y N 179 
DG  N9    C4     sing Y N 180 
DG  C8    N7     doub Y N 181 
DG  C8    H8     sing N N 182 
DG  N7    C5     sing Y N 183 
DG  C5    C6     sing N N 184 
DG  C5    C4     doub Y N 185 
DG  C6    O6     doub N N 186 
DG  C6    N1     sing N N 187 
DG  N1    C2     sing N N 188 
DG  N1    H1     sing N N 189 
DG  C2    N2     sing N N 190 
DG  C2    N3     doub N N 191 
DG  N2    H21    sing N N 192 
DG  N2    H22    sing N N 193 
DG  N3    C4     sing N N 194 
DT  OP3   P      sing N N 195 
DT  OP3   HOP3   sing N N 196 
DT  P     OP1    doub N N 197 
DT  P     OP2    sing N N 198 
DT  P     "O5'"  sing N N 199 
DT  OP2   HOP2   sing N N 200 
DT  "O5'" "C5'"  sing N N 201 
DT  "C5'" "C4'"  sing N N 202 
DT  "C5'" "H5'"  sing N N 203 
DT  "C5'" "H5''" sing N N 204 
DT  "C4'" "O4'"  sing N N 205 
DT  "C4'" "C3'"  sing N N 206 
DT  "C4'" "H4'"  sing N N 207 
DT  "O4'" "C1'"  sing N N 208 
DT  "C3'" "O3'"  sing N N 209 
DT  "C3'" "C2'"  sing N N 210 
DT  "C3'" "H3'"  sing N N 211 
DT  "O3'" "HO3'" sing N N 212 
DT  "C2'" "C1'"  sing N N 213 
DT  "C2'" "H2'"  sing N N 214 
DT  "C2'" "H2''" sing N N 215 
DT  "C1'" N1     sing N N 216 
DT  "C1'" "H1'"  sing N N 217 
DT  N1    C2     sing N N 218 
DT  N1    C6     sing N N 219 
DT  C2    O2     doub N N 220 
DT  C2    N3     sing N N 221 
DT  N3    C4     sing N N 222 
DT  N3    H3     sing N N 223 
DT  C4    O4     doub N N 224 
DT  C4    C5     sing N N 225 
DT  C5    C7     sing N N 226 
DT  C5    C6     doub N N 227 
DT  C7    H71    sing N N 228 
DT  C7    H72    sing N N 229 
DT  C7    H73    sing N N 230 
DT  C6    H6     sing N N 231 
GLN N     CA     sing N N 232 
GLN N     H      sing N N 233 
GLN N     H2     sing N N 234 
GLN CA    C      sing N N 235 
GLN CA    CB     sing N N 236 
GLN CA    HA     sing N N 237 
GLN C     O      doub N N 238 
GLN C     OXT    sing N N 239 
GLN CB    CG     sing N N 240 
GLN CB    HB2    sing N N 241 
GLN CB    HB3    sing N N 242 
GLN CG    CD     sing N N 243 
GLN CG    HG2    sing N N 244 
GLN CG    HG3    sing N N 245 
GLN CD    OE1    doub N N 246 
GLN CD    NE2    sing N N 247 
GLN NE2   HE21   sing N N 248 
GLN NE2   HE22   sing N N 249 
GLN OXT   HXT    sing N N 250 
GLU N     CA     sing N N 251 
GLU N     H      sing N N 252 
GLU N     H2     sing N N 253 
GLU CA    C      sing N N 254 
GLU CA    CB     sing N N 255 
GLU CA    HA     sing N N 256 
GLU C     O      doub N N 257 
GLU C     OXT    sing N N 258 
GLU CB    CG     sing N N 259 
GLU CB    HB2    sing N N 260 
GLU CB    HB3    sing N N 261 
GLU CG    CD     sing N N 262 
GLU CG    HG2    sing N N 263 
GLU CG    HG3    sing N N 264 
GLU CD    OE1    doub N N 265 
GLU CD    OE2    sing N N 266 
GLU OE2   HE2    sing N N 267 
GLU OXT   HXT    sing N N 268 
GLY N     CA     sing N N 269 
GLY N     H      sing N N 270 
GLY N     H2     sing N N 271 
GLY CA    C      sing N N 272 
GLY CA    HA2    sing N N 273 
GLY CA    HA3    sing N N 274 
GLY C     O      doub N N 275 
GLY C     OXT    sing N N 276 
GLY OXT   HXT    sing N N 277 
HIS N     CA     sing N N 278 
HIS N     H      sing N N 279 
HIS N     H2     sing N N 280 
HIS CA    C      sing N N 281 
HIS CA    CB     sing N N 282 
HIS CA    HA     sing N N 283 
HIS C     O      doub N N 284 
HIS C     OXT    sing N N 285 
HIS CB    CG     sing N N 286 
HIS CB    HB2    sing N N 287 
HIS CB    HB3    sing N N 288 
HIS CG    ND1    sing Y N 289 
HIS CG    CD2    doub Y N 290 
HIS ND1   CE1    doub Y N 291 
HIS ND1   HD1    sing N N 292 
HIS CD2   NE2    sing Y N 293 
HIS CD2   HD2    sing N N 294 
HIS CE1   NE2    sing Y N 295 
HIS CE1   HE1    sing N N 296 
HIS NE2   HE2    sing N N 297 
HIS OXT   HXT    sing N N 298 
HOH O     H1     sing N N 299 
HOH O     H2     sing N N 300 
ILE N     CA     sing N N 301 
ILE N     H      sing N N 302 
ILE N     H2     sing N N 303 
ILE CA    C      sing N N 304 
ILE CA    CB     sing N N 305 
ILE CA    HA     sing N N 306 
ILE C     O      doub N N 307 
ILE C     OXT    sing N N 308 
ILE CB    CG1    sing N N 309 
ILE CB    CG2    sing N N 310 
ILE CB    HB     sing N N 311 
ILE CG1   CD1    sing N N 312 
ILE CG1   HG12   sing N N 313 
ILE CG1   HG13   sing N N 314 
ILE CG2   HG21   sing N N 315 
ILE CG2   HG22   sing N N 316 
ILE CG2   HG23   sing N N 317 
ILE CD1   HD11   sing N N 318 
ILE CD1   HD12   sing N N 319 
ILE CD1   HD13   sing N N 320 
ILE OXT   HXT    sing N N 321 
LEU N     CA     sing N N 322 
LEU N     H      sing N N 323 
LEU N     H2     sing N N 324 
LEU CA    C      sing N N 325 
LEU CA    CB     sing N N 326 
LEU CA    HA     sing N N 327 
LEU C     O      doub N N 328 
LEU C     OXT    sing N N 329 
LEU CB    CG     sing N N 330 
LEU CB    HB2    sing N N 331 
LEU CB    HB3    sing N N 332 
LEU CG    CD1    sing N N 333 
LEU CG    CD2    sing N N 334 
LEU CG    HG     sing N N 335 
LEU CD1   HD11   sing N N 336 
LEU CD1   HD12   sing N N 337 
LEU CD1   HD13   sing N N 338 
LEU CD2   HD21   sing N N 339 
LEU CD2   HD22   sing N N 340 
LEU CD2   HD23   sing N N 341 
LEU OXT   HXT    sing N N 342 
LYS N     CA     sing N N 343 
LYS N     H      sing N N 344 
LYS N     H2     sing N N 345 
LYS CA    C      sing N N 346 
LYS CA    CB     sing N N 347 
LYS CA    HA     sing N N 348 
LYS C     O      doub N N 349 
LYS C     OXT    sing N N 350 
LYS CB    CG     sing N N 351 
LYS CB    HB2    sing N N 352 
LYS CB    HB3    sing N N 353 
LYS CG    CD     sing N N 354 
LYS CG    HG2    sing N N 355 
LYS CG    HG3    sing N N 356 
LYS CD    CE     sing N N 357 
LYS CD    HD2    sing N N 358 
LYS CD    HD3    sing N N 359 
LYS CE    NZ     sing N N 360 
LYS CE    HE2    sing N N 361 
LYS CE    HE3    sing N N 362 
LYS NZ    HZ1    sing N N 363 
LYS NZ    HZ2    sing N N 364 
LYS NZ    HZ3    sing N N 365 
LYS OXT   HXT    sing N N 366 
MET N     CA     sing N N 367 
MET N     H      sing N N 368 
MET N     H2     sing N N 369 
MET CA    C      sing N N 370 
MET CA    CB     sing N N 371 
MET CA    HA     sing N N 372 
MET C     O      doub N N 373 
MET C     OXT    sing N N 374 
MET CB    CG     sing N N 375 
MET CB    HB2    sing N N 376 
MET CB    HB3    sing N N 377 
MET CG    SD     sing N N 378 
MET CG    HG2    sing N N 379 
MET CG    HG3    sing N N 380 
MET SD    CE     sing N N 381 
MET CE    HE1    sing N N 382 
MET CE    HE2    sing N N 383 
MET CE    HE3    sing N N 384 
MET OXT   HXT    sing N N 385 
MSE N     CA     sing N N 386 
MSE N     H      sing N N 387 
MSE N     H2     sing N N 388 
MSE CA    C      sing N N 389 
MSE CA    CB     sing N N 390 
MSE CA    HA     sing N N 391 
MSE C     O      doub N N 392 
MSE C     OXT    sing N N 393 
MSE OXT   HXT    sing N N 394 
MSE CB    CG     sing N N 395 
MSE CB    HB2    sing N N 396 
MSE CB    HB3    sing N N 397 
MSE CG    SE     sing N N 398 
MSE CG    HG2    sing N N 399 
MSE CG    HG3    sing N N 400 
MSE SE    CE     sing N N 401 
MSE CE    HE1    sing N N 402 
MSE CE    HE2    sing N N 403 
MSE CE    HE3    sing N N 404 
PHE N     CA     sing N N 405 
PHE N     H      sing N N 406 
PHE N     H2     sing N N 407 
PHE CA    C      sing N N 408 
PHE CA    CB     sing N N 409 
PHE CA    HA     sing N N 410 
PHE C     O      doub N N 411 
PHE C     OXT    sing N N 412 
PHE CB    CG     sing N N 413 
PHE CB    HB2    sing N N 414 
PHE CB    HB3    sing N N 415 
PHE CG    CD1    doub Y N 416 
PHE CG    CD2    sing Y N 417 
PHE CD1   CE1    sing Y N 418 
PHE CD1   HD1    sing N N 419 
PHE CD2   CE2    doub Y N 420 
PHE CD2   HD2    sing N N 421 
PHE CE1   CZ     doub Y N 422 
PHE CE1   HE1    sing N N 423 
PHE CE2   CZ     sing Y N 424 
PHE CE2   HE2    sing N N 425 
PHE CZ    HZ     sing N N 426 
PHE OXT   HXT    sing N N 427 
PRO N     CA     sing N N 428 
PRO N     CD     sing N N 429 
PRO N     H      sing N N 430 
PRO CA    C      sing N N 431 
PRO CA    CB     sing N N 432 
PRO CA    HA     sing N N 433 
PRO C     O      doub N N 434 
PRO C     OXT    sing N N 435 
PRO CB    CG     sing N N 436 
PRO CB    HB2    sing N N 437 
PRO CB    HB3    sing N N 438 
PRO CG    CD     sing N N 439 
PRO CG    HG2    sing N N 440 
PRO CG    HG3    sing N N 441 
PRO CD    HD2    sing N N 442 
PRO CD    HD3    sing N N 443 
PRO OXT   HXT    sing N N 444 
SER N     CA     sing N N 445 
SER N     H      sing N N 446 
SER N     H2     sing N N 447 
SER CA    C      sing N N 448 
SER CA    CB     sing N N 449 
SER CA    HA     sing N N 450 
SER C     O      doub N N 451 
SER C     OXT    sing N N 452 
SER CB    OG     sing N N 453 
SER CB    HB2    sing N N 454 
SER CB    HB3    sing N N 455 
SER OG    HG     sing N N 456 
SER OXT   HXT    sing N N 457 
THR N     CA     sing N N 458 
THR N     H      sing N N 459 
THR N     H2     sing N N 460 
THR CA    C      sing N N 461 
THR CA    CB     sing N N 462 
THR CA    HA     sing N N 463 
THR C     O      doub N N 464 
THR C     OXT    sing N N 465 
THR CB    OG1    sing N N 466 
THR CB    CG2    sing N N 467 
THR CB    HB     sing N N 468 
THR OG1   HG1    sing N N 469 
THR CG2   HG21   sing N N 470 
THR CG2   HG22   sing N N 471 
THR CG2   HG23   sing N N 472 
THR OXT   HXT    sing N N 473 
TYR N     CA     sing N N 474 
TYR N     H      sing N N 475 
TYR N     H2     sing N N 476 
TYR CA    C      sing N N 477 
TYR CA    CB     sing N N 478 
TYR CA    HA     sing N N 479 
TYR C     O      doub N N 480 
TYR C     OXT    sing N N 481 
TYR CB    CG     sing N N 482 
TYR CB    HB2    sing N N 483 
TYR CB    HB3    sing N N 484 
TYR CG    CD1    doub Y N 485 
TYR CG    CD2    sing Y N 486 
TYR CD1   CE1    sing Y N 487 
TYR CD1   HD1    sing N N 488 
TYR CD2   CE2    doub Y N 489 
TYR CD2   HD2    sing N N 490 
TYR CE1   CZ     doub Y N 491 
TYR CE1   HE1    sing N N 492 
TYR CE2   CZ     sing Y N 493 
TYR CE2   HE2    sing N N 494 
TYR CZ    OH     sing N N 495 
TYR OH    HH     sing N N 496 
TYR OXT   HXT    sing N N 497 
VAL N     CA     sing N N 498 
VAL N     H      sing N N 499 
VAL N     H2     sing N N 500 
VAL CA    C      sing N N 501 
VAL CA    CB     sing N N 502 
VAL CA    HA     sing N N 503 
VAL C     O      doub N N 504 
VAL C     OXT    sing N N 505 
VAL CB    CG1    sing N N 506 
VAL CB    CG2    sing N N 507 
VAL CB    HB     sing N N 508 
VAL CG1   HG11   sing N N 509 
VAL CG1   HG12   sing N N 510 
VAL CG1   HG13   sing N N 511 
VAL CG2   HG21   sing N N 512 
VAL CG2   HG22   sing N N 513 
VAL CG2   HG23   sing N N 514 
VAL OXT   HXT    sing N N 515 
# 
loop_
_ndb_struct_conf_na.entry_id 
_ndb_struct_conf_na.feature 
1J1V 'double helix'        
1J1V 'b-form double helix' 
# 
loop_
_ndb_struct_na_base_pair.model_number 
_ndb_struct_na_base_pair.i_label_asym_id 
_ndb_struct_na_base_pair.i_label_comp_id 
_ndb_struct_na_base_pair.i_label_seq_id 
_ndb_struct_na_base_pair.i_symmetry 
_ndb_struct_na_base_pair.j_label_asym_id 
_ndb_struct_na_base_pair.j_label_comp_id 
_ndb_struct_na_base_pair.j_label_seq_id 
_ndb_struct_na_base_pair.j_symmetry 
_ndb_struct_na_base_pair.shear 
_ndb_struct_na_base_pair.stretch 
_ndb_struct_na_base_pair.stagger 
_ndb_struct_na_base_pair.buckle 
_ndb_struct_na_base_pair.propeller 
_ndb_struct_na_base_pair.opening 
_ndb_struct_na_base_pair.pair_number 
_ndb_struct_na_base_pair.pair_name 
_ndb_struct_na_base_pair.i_auth_asym_id 
_ndb_struct_na_base_pair.i_auth_seq_id 
_ndb_struct_na_base_pair.i_PDB_ins_code 
_ndb_struct_na_base_pair.j_auth_asym_id 
_ndb_struct_na_base_pair.j_auth_seq_id 
_ndb_struct_na_base_pair.j_PDB_ins_code 
_ndb_struct_na_base_pair.hbond_type_28 
_ndb_struct_na_base_pair.hbond_type_12 
1 A DT 1  1_555 B DA 13 1_555 0.124  -0.105 0.003  -6.008  -11.222 0.071  1  B_DT101:DA213_C B 101 ? C 213 ? 20 1 
1 A DG 2  1_555 B DC 12 1_555 -0.367 -0.078 -0.221 -0.869  -18.203 4.350  2  B_DG102:DC212_C B 102 ? C 212 ? 19 1 
1 A DT 3  1_555 B DA 11 1_555 -0.175 -0.159 0.260  -11.481 -17.777 8.141  3  B_DT103:DA211_C B 103 ? C 211 ? 20 1 
1 A DT 4  1_555 B DA 10 1_555 0.106  -0.148 0.030  -5.921  -12.489 6.496  4  B_DT104:DA210_C B 104 ? C 210 ? 20 1 
1 A DA 5  1_555 B DT 9  1_555 -0.135 -0.018 -0.278 -10.089 -11.496 2.259  5  B_DA105:DT209_C B 105 ? C 209 ? 20 1 
1 A DT 6  1_555 B DA 8  1_555 -0.148 -0.031 -0.062 -6.296  -7.887  6.944  6  B_DT106:DA208_C B 106 ? C 208 ? 20 1 
1 A DC 7  1_555 B DG 7  1_555 0.118  -0.108 -0.135 1.270   -3.734  -0.353 7  B_DC107:DG207_C B 107 ? C 207 ? 19 1 
1 A DC 8  1_555 B DG 6  1_555 0.004  -0.078 -0.023 -0.416  -2.260  1.119  8  B_DC108:DG206_C B 108 ? C 206 ? 19 1 
1 A DA 9  1_555 B DT 5  1_555 0.142  -0.049 -0.112 3.241   -4.871  -2.696 9  B_DA109:DT205_C B 109 ? C 205 ? 20 1 
1 A DC 10 1_555 B DG 4  1_555 0.442  -0.353 -0.377 6.409   -2.684  4.302  10 B_DC110:DG204_C B 110 ? C 204 ? 19 1 
1 A DA 11 1_555 B DT 3  1_555 0.257  -0.141 -0.201 2.977   2.834   0.568  11 B_DA111:DT203_C B 111 ? C 203 ? 20 1 
1 A DG 12 1_555 B DC 2  1_555 -0.228 -0.187 0.200  14.686  -4.618  -0.795 12 B_DG112:DC202_C B 112 ? C 202 ? 19 1 
1 A DG 13 1_555 B DC 1  1_555 -0.295 -0.215 -0.132 -6.106  -15.743 -0.397 13 B_DG113:DC201_C B 113 ? C 201 ? 19 1 
# 
loop_
_ndb_struct_na_base_pair_step.model_number 
_ndb_struct_na_base_pair_step.i_label_asym_id_1 
_ndb_struct_na_base_pair_step.i_label_comp_id_1 
_ndb_struct_na_base_pair_step.i_label_seq_id_1 
_ndb_struct_na_base_pair_step.i_symmetry_1 
_ndb_struct_na_base_pair_step.j_label_asym_id_1 
_ndb_struct_na_base_pair_step.j_label_comp_id_1 
_ndb_struct_na_base_pair_step.j_label_seq_id_1 
_ndb_struct_na_base_pair_step.j_symmetry_1 
_ndb_struct_na_base_pair_step.i_label_asym_id_2 
_ndb_struct_na_base_pair_step.i_label_comp_id_2 
_ndb_struct_na_base_pair_step.i_label_seq_id_2 
_ndb_struct_na_base_pair_step.i_symmetry_2 
_ndb_struct_na_base_pair_step.j_label_asym_id_2 
_ndb_struct_na_base_pair_step.j_label_comp_id_2 
_ndb_struct_na_base_pair_step.j_label_seq_id_2 
_ndb_struct_na_base_pair_step.j_symmetry_2 
_ndb_struct_na_base_pair_step.shift 
_ndb_struct_na_base_pair_step.slide 
_ndb_struct_na_base_pair_step.rise 
_ndb_struct_na_base_pair_step.tilt 
_ndb_struct_na_base_pair_step.roll 
_ndb_struct_na_base_pair_step.twist 
_ndb_struct_na_base_pair_step.x_displacement 
_ndb_struct_na_base_pair_step.y_displacement 
_ndb_struct_na_base_pair_step.helical_rise 
_ndb_struct_na_base_pair_step.inclination 
_ndb_struct_na_base_pair_step.tip 
_ndb_struct_na_base_pair_step.helical_twist 
_ndb_struct_na_base_pair_step.step_number 
_ndb_struct_na_base_pair_step.step_name 
_ndb_struct_na_base_pair_step.i_auth_asym_id_1 
_ndb_struct_na_base_pair_step.i_auth_seq_id_1 
_ndb_struct_na_base_pair_step.i_PDB_ins_code_1 
_ndb_struct_na_base_pair_step.j_auth_asym_id_1 
_ndb_struct_na_base_pair_step.j_auth_seq_id_1 
_ndb_struct_na_base_pair_step.j_PDB_ins_code_1 
_ndb_struct_na_base_pair_step.i_auth_asym_id_2 
_ndb_struct_na_base_pair_step.i_auth_seq_id_2 
_ndb_struct_na_base_pair_step.i_PDB_ins_code_2 
_ndb_struct_na_base_pair_step.j_auth_asym_id_2 
_ndb_struct_na_base_pair_step.j_auth_seq_id_2 
_ndb_struct_na_base_pair_step.j_PDB_ins_code_2 
1 A DT 1  1_555 B DA 13 1_555 A DG 2  1_555 B DC 12 1_555 0.417  0.118  3.370 0.645  10.508 36.415 -1.219 -0.557 3.285 16.398  
-1.007 37.856 1  BB_DT101DG102:DC212DA213_CC B 101 ? C 213 ? B 102 ? C 212 ? 
1 A DG 2  1_555 B DC 12 1_555 A DT 3  1_555 B DA 11 1_555 -0.231 -0.510 3.504 -3.196 -5.391 36.242 -0.011 -0.106 3.548 -8.587  
5.091  36.762 2  BB_DG102DT103:DA211DC212_CC B 102 ? C 212 ? B 103 ? C 211 ? 
1 A DT 3  1_555 B DA 11 1_555 A DT 4  1_555 B DA 10 1_555 -0.270 -0.166 3.069 1.507  2.014  35.970 -0.534 0.635  3.042 3.256   
-2.436 36.055 3  BB_DT103DT104:DA210DA211_CC B 103 ? C 211 ? B 104 ? C 210 ? 
1 A DT 4  1_555 B DA 10 1_555 A DA 5  1_555 B DT 9  1_555 -0.632 2.101  3.422 -3.953 -8.565 46.758 3.287  0.466  3.055 -10.664 
4.922  47.648 4  BB_DT104DA105:DT209DA210_CC B 104 ? C 210 ? B 105 ? C 209 ? 
1 A DA 5  1_555 B DT 9  1_555 A DT 6  1_555 B DA 8  1_555 0.112  -0.434 3.146 -3.120 1.345  27.547 -1.215 -0.952 3.091 2.811   
6.520  27.752 5  BB_DA105DT106:DA208DT209_CC B 105 ? C 209 ? B 106 ? C 208 ? 
1 A DT 6  1_555 B DA 8  1_555 A DC 7  1_555 B DG 7  1_555 -0.010 -0.254 3.168 0.770  6.511  35.154 -1.317 0.123  3.073 10.665  
-1.261 35.741 6  BB_DT106DC107:DG207DA208_CC B 106 ? C 208 ? B 107 ? C 207 ? 
1 A DC 7  1_555 B DG 7  1_555 A DC 8  1_555 B DG 6  1_555 -0.215 -0.770 3.437 -0.167 4.440  29.908 -2.407 0.377  3.292 8.544   
0.321  30.229 7  BB_DC107DC108:DG206DG207_CC B 107 ? C 207 ? B 108 ? C 206 ? 
1 A DC 8  1_555 B DG 6  1_555 A DA 9  1_555 B DT 5  1_555 -0.178 -0.051 3.237 0.352  6.299  35.075 -0.989 0.341  3.179 10.349  
-0.579 35.620 8  BB_DC108DA109:DT205DG206_CC B 108 ? C 206 ? B 109 ? C 205 ? 
1 A DA 9  1_555 B DT 5  1_555 A DC 10 1_555 B DG 4  1_555 1.102  -0.825 3.216 1.702  4.609  31.730 -2.298 -1.695 3.122 8.368   
-3.090 32.099 9  BB_DA109DC110:DG204DT205_CC B 109 ? C 205 ? B 110 ? C 204 ? 
1 A DC 10 1_555 B DG 4  1_555 A DA 11 1_555 B DT 3  1_555 -0.265 -0.837 3.464 -0.096 7.765  28.694 -3.309 0.495  3.135 15.317  
0.190  29.705 10 BB_DC110DA111:DT203DG204_CC B 110 ? C 204 ? B 111 ? C 203 ? 
1 A DA 11 1_555 B DT 3  1_555 A DG 12 1_555 B DC 2  1_555 -0.383 0.555  3.260 -2.973 2.710  32.250 0.514  0.160  3.315 4.856   
5.326  32.493 11 BB_DA111DG112:DC202DT203_CC B 111 ? C 203 ? B 112 ? C 202 ? 
1 A DG 12 1_555 B DC 2  1_555 A DG 13 1_555 B DC 1  1_555 -0.521 -0.769 3.708 -1.830 8.350  40.641 -2.077 0.518  3.509 11.864  
2.600  41.493 12 BB_DG112DG113:DC201DC202_CC B 112 ? C 202 ? B 113 ? C 201 ? 
# 
_atom_sites.entry_id                    1J1V 
_atom_sites.fract_transf_matrix[1][1]   0.00744444 
_atom_sites.fract_transf_matrix[1][2]   -0.00469172 
_atom_sites.fract_transf_matrix[1][3]   -0.01778965 
_atom_sites.fract_transf_matrix[2][1]   -0.01761652 
_atom_sites.fract_transf_matrix[2][2]   0.00371573 
_atom_sites.fract_transf_matrix[2][3]   -0.00835195 
_atom_sites.fract_transf_matrix[3][1]   0.00168286 
_atom_sites.fract_transf_matrix[3][2]   0.00600292 
_atom_sites.fract_transf_matrix[3][3]   -0.00087894 
_atom_sites.fract_transf_vector[1]      -0.186637 
_atom_sites.fract_transf_vector[2]      0.638804 
_atom_sites.fract_transf_vector[3]      0.121489 
# 
loop_
_atom_type.symbol 
C  
N  
O  
P  
S  
SE 
# 
loop_
_atom_site.group_PDB 
_atom_site.id 
_atom_site.type_symbol 
_atom_site.label_atom_id 
_atom_site.label_alt_id 
_atom_site.label_comp_id 
_atom_site.label_asym_id 
_atom_site.label_entity_id 
_atom_site.label_seq_id 
_atom_site.pdbx_PDB_ins_code 
_atom_site.Cartn_x 
_atom_site.Cartn_y 
_atom_site.Cartn_z 
_atom_site.occupancy 
_atom_site.B_iso_or_equiv 
_atom_site.pdbx_formal_charge 
_atom_site.auth_seq_id 
_atom_site.auth_comp_id 
_atom_site.auth_asym_id 
_atom_site.auth_atom_id 
_atom_site.pdbx_PDB_model_num 
ATOM   1    O  "O5'" . DT  A 1 1  ? 13.287  -20.772 -21.418 1.00 43.07 ? 101 DT  B "O5'" 1 
ATOM   2    C  "C5'" . DT  A 1 1  ? 12.752  -21.403 -20.255 1.00 38.84 ? 101 DT  B "C5'" 1 
ATOM   3    C  "C4'" . DT  A 1 1  ? 11.240  -21.442 -20.215 1.00 38.38 ? 101 DT  B "C4'" 1 
ATOM   4    O  "O4'" . DT  A 1 1  ? 10.859  -21.729 -18.845 1.00 37.68 ? 101 DT  B "O4'" 1 
ATOM   5    C  "C3'" . DT  A 1 1  ? 10.595  -20.103 -20.565 1.00 38.37 ? 101 DT  B "C3'" 1 
ATOM   6    O  "O3'" . DT  A 1 1  ? 9.451   -20.203 -21.410 1.00 38.11 ? 101 DT  B "O3'" 1 
ATOM   7    C  "C2'" . DT  A 1 1  ? 10.188  -19.503 -19.238 1.00 38.42 ? 101 DT  B "C2'" 1 
ATOM   8    C  "C1'" . DT  A 1 1  ? 10.136  -20.653 -18.255 1.00 36.16 ? 101 DT  B "C1'" 1 
ATOM   9    N  N1    . DT  A 1 1  ? 10.871  -20.231 -17.053 1.00 35.04 ? 101 DT  B N1    1 
ATOM   10   C  C2    . DT  A 1 1  ? 10.146  -19.818 -15.965 1.00 33.62 ? 101 DT  B C2    1 
ATOM   11   O  O2    . DT  A 1 1  ? 8.931   -19.868 -15.924 1.00 35.68 ? 101 DT  B O2    1 
ATOM   12   N  N3    . DT  A 1 1  ? 10.896  -19.345 -14.926 1.00 32.38 ? 101 DT  B N3    1 
ATOM   13   C  C4    . DT  A 1 1  ? 12.271  -19.256 -14.866 1.00 31.43 ? 101 DT  B C4    1 
ATOM   14   O  O4    . DT  A 1 1  ? 12.813  -18.788 -13.868 1.00 30.61 ? 101 DT  B O4    1 
ATOM   15   C  C5    . DT  A 1 1  ? 12.972  -19.739 -16.036 1.00 33.13 ? 101 DT  B C5    1 
ATOM   16   C  C7    . DT  A 1 1  ? 14.464  -19.683 -16.065 1.00 31.78 ? 101 DT  B C7    1 
ATOM   17   C  C6    . DT  A 1 1  ? 12.248  -20.208 -17.052 1.00 32.22 ? 101 DT  B C6    1 
ATOM   18   P  P     . DG  A 1 2  ? 8.996   -18.911 -22.243 1.00 39.86 ? 102 DG  B P     1 
ATOM   19   O  OP1   . DG  A 1 2  ? 8.214   -19.366 -23.432 1.00 39.40 ? 102 DG  B OP1   1 
ATOM   20   O  OP2   . DG  A 1 2  ? 10.201  -18.071 -22.424 1.00 37.41 ? 102 DG  B OP2   1 
ATOM   21   O  "O5'" . DG  A 1 2  ? 8.013   -18.144 -21.252 1.00 36.54 ? 102 DG  B "O5'" 1 
ATOM   22   C  "C5'" . DG  A 1 2  ? 6.748   -18.699 -20.907 1.00 31.35 ? 102 DG  B "C5'" 1 
ATOM   23   C  "C4'" . DG  A 1 2  ? 6.047   -17.818 -19.898 1.00 30.71 ? 102 DG  B "C4'" 1 
ATOM   24   O  "O4'" . DG  A 1 2  ? 6.840   -17.746 -18.683 1.00 29.22 ? 102 DG  B "O4'" 1 
ATOM   25   C  "C3'" . DG  A 1 2  ? 5.789   -16.374 -20.335 1.00 28.36 ? 102 DG  B "C3'" 1 
ATOM   26   O  "O3'" . DG  A 1 2  ? 4.485   -15.990 -19.878 1.00 27.72 ? 102 DG  B "O3'" 1 
ATOM   27   C  "C2'" . DG  A 1 2  ? 6.887   -15.594 -19.634 1.00 28.23 ? 102 DG  B "C2'" 1 
ATOM   28   C  "C1'" . DG  A 1 2  ? 7.110   -16.390 -18.355 1.00 27.49 ? 102 DG  B "C1'" 1 
ATOM   29   N  N9    . DG  A 1 2  ? 8.464   -16.322 -17.819 1.00 25.82 ? 102 DG  B N9    1 
ATOM   30   C  C8    . DG  A 1 2  ? 9.641   -16.570 -18.484 1.00 26.49 ? 102 DG  B C8    1 
ATOM   31   N  N7    . DG  A 1 2  ? 10.697  -16.433 -17.729 1.00 25.38 ? 102 DG  B N7    1 
ATOM   32   C  C5    . DG  A 1 2  ? 10.188  -16.069 -16.489 1.00 23.68 ? 102 DG  B C5    1 
ATOM   33   C  C6    . DG  A 1 2  ? 10.855  -15.793 -15.260 1.00 23.41 ? 102 DG  B C6    1 
ATOM   34   O  O6    . DG  A 1 2  ? 12.062  -15.811 -15.010 1.00 20.47 ? 102 DG  B O6    1 
ATOM   35   N  N1    . DG  A 1 2  ? 9.956   -15.473 -14.257 1.00 22.29 ? 102 DG  B N1    1 
ATOM   36   C  C2    . DG  A 1 2  ? 8.596   -15.429 -14.402 1.00 22.92 ? 102 DG  B C2    1 
ATOM   37   N  N2    . DG  A 1 2  ? 7.899   -15.093 -13.314 1.00 21.36 ? 102 DG  B N2    1 
ATOM   38   N  N3    . DG  A 1 2  ? 7.961   -15.692 -15.530 1.00 25.22 ? 102 DG  B N3    1 
ATOM   39   C  C4    . DG  A 1 2  ? 8.816   -16.000 -16.529 1.00 24.33 ? 102 DG  B C4    1 
ATOM   40   P  P     . DT  A 1 3  ? 4.041   -14.447 -19.905 1.00 27.73 ? 103 DT  B P     1 
ATOM   41   O  OP1   . DT  A 1 3  ? 2.581   -14.439 -20.107 1.00 27.27 ? 103 DT  B OP1   1 
ATOM   42   O  OP2   . DT  A 1 3  ? 4.914   -13.693 -20.840 1.00 27.14 ? 103 DT  B OP2   1 
ATOM   43   O  "O5'" . DT  A 1 3  ? 4.332   -13.950 -18.415 1.00 27.52 ? 103 DT  B "O5'" 1 
ATOM   44   C  "C5'" . DT  A 1 3  ? 3.720   -14.596 -17.298 1.00 24.60 ? 103 DT  B "C5'" 1 
ATOM   45   C  "C4'" . DT  A 1 3  ? 4.009   -13.845 -16.016 1.00 25.79 ? 103 DT  B "C4'" 1 
ATOM   46   O  "O4'" . DT  A 1 3  ? 5.426   -13.876 -15.722 1.00 23.08 ? 103 DT  B "O4'" 1 
ATOM   47   C  "C3'" . DT  A 1 3  ? 3.590   -12.372 -15.967 1.00 24.13 ? 103 DT  B "C3'" 1 
ATOM   48   O  "O3'" . DT  A 1 3  ? 2.998   -12.095 -14.693 1.00 23.22 ? 103 DT  B "O3'" 1 
ATOM   49   C  "C2'" . DT  A 1 3  ? 4.904   -11.628 -16.129 1.00 23.96 ? 103 DT  B "C2'" 1 
ATOM   50   C  "C1'" . DT  A 1 3  ? 5.879   -12.564 -15.430 1.00 24.44 ? 103 DT  B "C1'" 1 
ATOM   51   N  N1    . DT  A 1 3  ? 7.281   -12.469 -15.882 1.00 24.30 ? 103 DT  B N1    1 
ATOM   52   C  C2    . DT  A 1 3  ? 8.247   -12.131 -14.953 1.00 25.00 ? 103 DT  B C2    1 
ATOM   53   O  O2    . DT  A 1 3  ? 7.999   -11.810 -13.803 1.00 26.69 ? 103 DT  B O2    1 
ATOM   54   N  N3    . DT  A 1 3  ? 9.530   -12.167 -15.426 1.00 24.69 ? 103 DT  B N3    1 
ATOM   55   C  C4    . DT  A 1 3  ? 9.940   -12.465 -16.704 1.00 24.06 ? 103 DT  B C4    1 
ATOM   56   O  O4    . DT  A 1 3  ? 11.130  -12.499 -16.957 1.00 23.27 ? 103 DT  B O4    1 
ATOM   57   C  C5    . DT  A 1 3  ? 8.876   -12.732 -17.647 1.00 24.09 ? 103 DT  B C5    1 
ATOM   58   C  C7    . DT  A 1 3  ? 9.215   -12.973 -19.083 1.00 24.83 ? 103 DT  B C7    1 
ATOM   59   C  C6    . DT  A 1 3  ? 7.617   -12.736 -17.191 1.00 24.54 ? 103 DT  B C6    1 
ATOM   60   P  P     . DT  A 1 4  ? 2.225   -10.710 -14.456 1.00 23.91 ? 104 DT  B P     1 
ATOM   61   O  OP1   . DT  A 1 4  ? 1.065   -11.018 -13.586 1.00 22.70 ? 104 DT  B OP1   1 
ATOM   62   O  OP2   . DT  A 1 4  ? 2.001   -10.060 -15.774 1.00 21.97 ? 104 DT  B OP2   1 
ATOM   63   O  "O5'" . DT  A 1 4  ? 3.296   -9.849  -13.643 1.00 22.89 ? 104 DT  B "O5'" 1 
ATOM   64   C  "C5'" . DT  A 1 4  ? 4.025   -10.456 -12.529 1.00 21.41 ? 104 DT  B "C5'" 1 
ATOM   65   C  "C4'" . DT  A 1 4  ? 4.945   -9.424  -11.918 1.00 21.29 ? 104 DT  B "C4'" 1 
ATOM   66   O  "O4'" . DT  A 1 4  ? 6.285   -9.443  -12.460 1.00 17.59 ? 104 DT  B "O4'" 1 
ATOM   67   C  "C3'" . DT  A 1 4  ? 4.475   -7.968  -12.025 1.00 19.85 ? 104 DT  B "C3'" 1 
ATOM   68   O  "O3'" . DT  A 1 4  ? 4.941   -7.272  -10.868 1.00 20.04 ? 104 DT  B "O3'" 1 
ATOM   69   C  "C2'" . DT  A 1 4  ? 5.287   -7.472  -13.213 1.00 18.98 ? 104 DT  B "C2'" 1 
ATOM   70   C  "C1'" . DT  A 1 4  ? 6.624   -8.149  -12.922 1.00 20.80 ? 104 DT  B "C1'" 1 
ATOM   71   N  N1    . DT  A 1 4  ? 7.543   -8.349  -14.032 1.00 20.69 ? 104 DT  B N1    1 
ATOM   72   C  C2    . DT  A 1 4  ? 8.889   -8.380  -13.758 1.00 19.43 ? 104 DT  B C2    1 
ATOM   73   O  O2    . DT  A 1 4  ? 9.346   -8.167  -12.657 1.00 19.48 ? 104 DT  B O2    1 
ATOM   74   N  N3    . DT  A 1 4  ? 9.679   -8.669  -14.830 1.00 19.33 ? 104 DT  B N3    1 
ATOM   75   C  C4    . DT  A 1 4  ? 9.264   -8.916  -16.126 1.00 19.27 ? 104 DT  B C4    1 
ATOM   76   O  O4    . DT  A 1 4  ? 10.086  -9.189  -16.984 1.00 20.00 ? 104 DT  B O4    1 
ATOM   77   C  C5    . DT  A 1 4  ? 7.838   -8.828  -16.348 1.00 21.14 ? 104 DT  B C5    1 
ATOM   78   C  C7    . DT  A 1 4  ? 7.291   -9.054  -17.725 1.00 19.91 ? 104 DT  B C7    1 
ATOM   79   C  C6    . DT  A 1 4  ? 7.062   -8.547  -15.301 1.00 21.05 ? 104 DT  B C6    1 
ATOM   80   P  P     . DA  A 1 5  ? 3.936   -6.916  -9.660  1.00 23.04 ? 105 DA  B P     1 
ATOM   81   O  OP1   . DA  A 1 5  ? 3.389   -8.189  -9.131  1.00 17.97 ? 105 DA  B OP1   1 
ATOM   82   O  OP2   . DA  A 1 5  ? 3.005   -5.837  -10.077 1.00 21.61 ? 105 DA  B OP2   1 
ATOM   83   O  "O5'" . DA  A 1 5  ? 4.902   -6.278  -8.562  1.00 19.83 ? 105 DA  B "O5'" 1 
ATOM   84   C  "C5'" . DA  A 1 5  ? 5.793   -7.088  -7.785  1.00 18.80 ? 105 DA  B "C5'" 1 
ATOM   85   C  "C4'" . DA  A 1 5  ? 7.084   -6.346  -7.525  1.00 18.74 ? 105 DA  B "C4'" 1 
ATOM   86   O  "O4'" . DA  A 1 5  ? 7.879   -6.306  -8.737  1.00 20.01 ? 105 DA  B "O4'" 1 
ATOM   87   C  "C3'" . DA  A 1 5  ? 6.929   -4.892  -7.072  1.00 18.09 ? 105 DA  B "C3'" 1 
ATOM   88   O  "O3'" . DA  A 1 5  ? 7.928   -4.562  -6.092  1.00 16.89 ? 105 DA  B "O3'" 1 
ATOM   89   C  "C2'" . DA  A 1 5  ? 7.141   -4.105  -8.356  1.00 18.89 ? 105 DA  B "C2'" 1 
ATOM   90   C  "C1'" . DA  A 1 5  ? 8.148   -4.962  -9.120  1.00 20.26 ? 105 DA  B "C1'" 1 
ATOM   91   N  N9    . DA  A 1 5  ? 8.058   -4.895  -10.585 1.00 20.60 ? 105 DA  B N9    1 
ATOM   92   C  C8    . DA  A 1 5  ? 6.924   -4.748  -11.348 1.00 20.84 ? 105 DA  B C8    1 
ATOM   93   N  N7    . DA  A 1 5  ? 7.151   -4.778  -12.644 1.00 21.09 ? 105 DA  B N7    1 
ATOM   94   C  C5    . DA  A 1 5  ? 8.524   -4.945  -12.743 1.00 20.07 ? 105 DA  B C5    1 
ATOM   95   C  C6    . DA  A 1 5  ? 9.390   -5.065  -13.857 1.00 19.63 ? 105 DA  B C6    1 
ATOM   96   N  N6    . DA  A 1 5  ? 8.978   -5.053  -15.129 1.00 20.22 ? 105 DA  B N6    1 
ATOM   97   N  N1    . DA  A 1 5  ? 10.706  -5.210  -13.614 1.00 18.47 ? 105 DA  B N1    1 
ATOM   98   C  C2    . DA  A 1 5  ? 11.121  -5.242  -12.343 1.00 19.75 ? 105 DA  B C2    1 
ATOM   99   N  N3    . DA  A 1 5  ? 10.410  -5.150  -11.216 1.00 19.44 ? 105 DA  B N3    1 
ATOM   100  C  C4    . DA  A 1 5  ? 9.101   -5.002  -11.485 1.00 19.57 ? 105 DA  B C4    1 
ATOM   101  P  P     . DT  A 1 6  ? 8.055   -3.047  -5.557  1.00 18.42 ? 106 DT  B P     1 
ATOM   102  O  OP1   . DT  A 1 6  ? 8.473   -3.088  -4.130  1.00 16.81 ? 106 DT  B OP1   1 
ATOM   103  O  OP2   . DT  A 1 6  ? 6.843   -2.284  -5.941  1.00 16.00 ? 106 DT  B OP2   1 
ATOM   104  O  "O5'" . DT  A 1 6  ? 9.289   -2.485  -6.390  1.00 18.73 ? 106 DT  B "O5'" 1 
ATOM   105  C  "C5'" . DT  A 1 6  ? 10.530  -3.191  -6.371  1.00 21.05 ? 106 DT  B "C5'" 1 
ATOM   106  C  "C4'" . DT  A 1 6  ? 11.572  -2.489  -7.210  1.00 21.45 ? 106 DT  B "C4'" 1 
ATOM   107  O  "O4'" . DT  A 1 6  ? 11.428  -2.878  -8.603  1.00 21.94 ? 106 DT  B "O4'" 1 
ATOM   108  C  "C3'" . DT  A 1 6  ? 11.519  -0.958  -7.159  1.00 20.79 ? 106 DT  B "C3'" 1 
ATOM   109  O  "O3'" . DT  A 1 6  ? 12.712  -0.375  -6.635  1.00 18.79 ? 106 DT  B "O3'" 1 
ATOM   110  C  "C2'" . DT  A 1 6  ? 11.309  -0.542  -8.601  1.00 21.48 ? 106 DT  B "C2'" 1 
ATOM   111  C  "C1'" . DT  A 1 6  ? 11.697  -1.762  -9.425  1.00 21.23 ? 106 DT  B "C1'" 1 
ATOM   112  N  N1    . DT  A 1 6  ? 10.863  -1.856  -10.647 1.00 20.19 ? 106 DT  B N1    1 
ATOM   113  C  C2    . DT  A 1 6  ? 11.486  -1.995  -11.873 1.00 19.48 ? 106 DT  B C2    1 
ATOM   114  O  O2    . DT  A 1 6  ? 12.678  -2.152  -12.011 1.00 20.24 ? 106 DT  B O2    1 
ATOM   115  N  N3    . DT  A 1 6  ? 10.649  -1.937  -12.947 1.00 18.58 ? 106 DT  B N3    1 
ATOM   116  C  C4    . DT  A 1 6  ? 9.286   -1.767  -12.937 1.00 18.67 ? 106 DT  B C4    1 
ATOM   117  O  O4    . DT  A 1 6  ? 8.678   -1.706  -13.994 1.00 19.64 ? 106 DT  B O4    1 
ATOM   118  C  C5    . DT  A 1 6  ? 8.686   -1.664  -11.627 1.00 17.85 ? 106 DT  B C5    1 
ATOM   119  C  C7    . DT  A 1 6  ? 7.207   -1.462  -11.521 1.00 15.22 ? 106 DT  B C7    1 
ATOM   120  C  C6    . DT  A 1 6  ? 9.491   -1.738  -10.559 1.00 17.45 ? 106 DT  B C6    1 
ATOM   121  P  P     . DC  A 1 7  ? 12.831  1.229   -6.514  1.00 20.07 ? 107 DC  B P     1 
ATOM   122  O  OP1   . DC  A 1 7  ? 13.596  1.520   -5.274  1.00 18.73 ? 107 DC  B OP1   1 
ATOM   123  O  OP2   . DC  A 1 7  ? 11.509  1.889   -6.722  1.00 18.09 ? 107 DC  B OP2   1 
ATOM   124  O  "O5'" . DC  A 1 7  ? 13.764  1.565   -7.752  1.00 20.12 ? 107 DC  B "O5'" 1 
ATOM   125  C  "C5'" . DC  A 1 7  ? 14.962  0.823   -7.944  1.00 21.08 ? 107 DC  B "C5'" 1 
ATOM   126  C  "C4'" . DC  A 1 7  ? 15.641  1.233   -9.226  1.00 23.09 ? 107 DC  B "C4'" 1 
ATOM   127  O  "O4'" . DC  A 1 7  ? 14.876  0.777   -10.372 1.00 22.32 ? 107 DC  B "O4'" 1 
ATOM   128  C  "C3'" . DC  A 1 7  ? 15.801  2.742   -9.376  1.00 24.25 ? 107 DC  B "C3'" 1 
ATOM   129  O  "O3'" . DC  A 1 7  ? 17.138  3.049   -9.752  1.00 26.58 ? 107 DC  B "O3'" 1 
ATOM   130  C  "C2'" . DC  A 1 7  ? 14.801  3.121   -10.456 1.00 21.70 ? 107 DC  B "C2'" 1 
ATOM   131  C  "C1'" . DC  A 1 7  ? 14.663  1.848   -11.274 1.00 22.09 ? 107 DC  B "C1'" 1 
ATOM   132  N  N1    . DC  A 1 7  ? 13.325  1.679   -11.872 1.00 23.46 ? 107 DC  B N1    1 
ATOM   133  C  C2    . DC  A 1 7  ? 13.222  1.446   -13.250 1.00 23.65 ? 107 DC  B C2    1 
ATOM   134  O  O2    . DC  A 1 7  ? 14.255  1.327   -13.914 1.00 25.49 ? 107 DC  B O2    1 
ATOM   135  N  N3    . DC  A 1 7  ? 11.995  1.351   -13.817 1.00 22.14 ? 107 DC  B N3    1 
ATOM   136  C  C4    . DC  A 1 7  ? 10.901  1.460   -13.060 1.00 22.18 ? 107 DC  B C4    1 
ATOM   137  N  N4    . DC  A 1 7  ? 9.709   1.370   -13.662 1.00 20.57 ? 107 DC  B N4    1 
ATOM   138  C  C5    . DC  A 1 7  ? 10.979  1.669   -11.650 1.00 22.39 ? 107 DC  B C5    1 
ATOM   139  C  C6    . DC  A 1 7  ? 12.198  1.768   -11.104 1.00 22.35 ? 107 DC  B C6    1 
ATOM   140  P  P     . DC  A 1 8  ? 17.583  4.576   -9.930  1.00 31.27 ? 108 DC  B P     1 
ATOM   141  O  OP1   . DC  A 1 8  ? 18.999  4.672   -9.485  1.00 31.83 ? 108 DC  B OP1   1 
ATOM   142  O  OP2   . DC  A 1 8  ? 16.555  5.465   -9.325  1.00 31.70 ? 108 DC  B OP2   1 
ATOM   143  O  "O5'" . DC  A 1 8  ? 17.567  4.762   -11.506 1.00 30.06 ? 108 DC  B "O5'" 1 
ATOM   144  C  "C5'" . DC  A 1 8  ? 18.183  3.786   -12.336 1.00 29.71 ? 108 DC  B "C5'" 1 
ATOM   145  C  "C4'" . DC  A 1 8  ? 18.082  4.197   -13.782 1.00 31.53 ? 108 DC  B "C4'" 1 
ATOM   146  O  "O4'" . DC  A 1 8  ? 16.768  3.891   -14.302 1.00 31.85 ? 108 DC  B "O4'" 1 
ATOM   147  C  "C3'" . DC  A 1 8  ? 18.300  5.691   -14.005 1.00 32.24 ? 108 DC  B "C3'" 1 
ATOM   148  O  "O3'" . DC  A 1 8  ? 19.182  5.900   -15.101 1.00 33.92 ? 108 DC  B "O3'" 1 
ATOM   149  C  "C2'" . DC  A 1 8  ? 16.910  6.228   -14.299 1.00 30.69 ? 108 DC  B "C2'" 1 
ATOM   150  C  "C1'" . DC  A 1 8  ? 16.220  5.038   -14.934 1.00 30.56 ? 108 DC  B "C1'" 1 
ATOM   151  N  N1    . DC  A 1 8  ? 14.758  4.986   -14.758 1.00 28.06 ? 108 DC  B N1    1 
ATOM   152  C  C2    . DC  A 1 8  ? 13.959  4.815   -15.887 1.00 26.84 ? 108 DC  B C2    1 
ATOM   153  O  O2    . DC  A 1 8  ? 14.501  4.796   -17.002 1.00 26.48 ? 108 DC  B O2    1 
ATOM   154  N  N3    . DC  A 1 8  ? 12.618  4.690   -15.740 1.00 25.96 ? 108 DC  B N3    1 
ATOM   155  C  C4    . DC  A 1 8  ? 12.069  4.763   -14.523 1.00 26.31 ? 108 DC  B C4    1 
ATOM   156  N  N4    . DC  A 1 8  ? 10.743  4.615   -14.424 1.00 23.87 ? 108 DC  B N4    1 
ATOM   157  C  C5    . DC  A 1 8  ? 12.857  4.983   -13.355 1.00 26.04 ? 108 DC  B C5    1 
ATOM   158  C  C6    . DC  A 1 8  ? 14.190  5.083   -13.517 1.00 26.64 ? 108 DC  B C6    1 
ATOM   159  P  P     . DA  A 1 9  ? 19.742  7.380   -15.394 1.00 35.19 ? 109 DA  B P     1 
ATOM   160  O  OP1   . DA  A 1 9  ? 21.188  7.238   -15.697 1.00 35.77 ? 109 DA  B OP1   1 
ATOM   161  O  OP2   . DA  A 1 9  ? 19.297  8.303   -14.314 1.00 34.56 ? 109 DA  B OP2   1 
ATOM   162  O  "O5'" . DA  A 1 9  ? 18.977  7.776   -16.730 1.00 33.19 ? 109 DA  B "O5'" 1 
ATOM   163  C  "C5'" . DA  A 1 9  ? 18.970  6.903   -17.856 1.00 29.10 ? 109 DA  B "C5'" 1 
ATOM   164  C  "C4'" . DA  A 1 9  ? 18.108  7.496   -18.945 1.00 30.58 ? 109 DA  B "C4'" 1 
ATOM   165  O  "O4'" . DA  A 1 9  ? 16.703  7.262   -18.676 1.00 28.26 ? 109 DA  B "O4'" 1 
ATOM   166  C  "C3'" . DA  A 1 9  ? 18.259  9.012   -19.069 1.00 30.26 ? 109 DA  B "C3'" 1 
ATOM   167  O  "O3'" . DA  A 1 9  ? 18.156  9.382   -20.443 1.00 34.91 ? 109 DA  B "O3'" 1 
ATOM   168  C  "C2'" . DA  A 1 9  ? 17.070  9.539   -18.288 1.00 29.12 ? 109 DA  B "C2'" 1 
ATOM   169  C  "C1'" . DA  A 1 9  ? 16.014  8.500   -18.622 1.00 27.83 ? 109 DA  B "C1'" 1 
ATOM   170  N  N9    . DA  A 1 9  ? 14.936  8.373   -17.645 1.00 26.06 ? 109 DA  B N9    1 
ATOM   171  C  C8    . DA  A 1 9  ? 15.008  8.467   -16.276 1.00 24.59 ? 109 DA  B C8    1 
ATOM   172  N  N7    . DA  A 1 9  ? 13.856  8.287   -15.676 1.00 25.57 ? 109 DA  B N7    1 
ATOM   173  C  C5    . DA  A 1 9  ? 12.966  8.058   -16.718 1.00 24.88 ? 109 DA  B C5    1 
ATOM   174  C  C6    . DA  A 1 9  ? 11.582  7.785   -16.745 1.00 24.99 ? 109 DA  B C6    1 
ATOM   175  N  N6    . DA  A 1 9  ? 10.822  7.693   -15.653 1.00 21.95 ? 109 DA  B N6    1 
ATOM   176  N  N1    . DA  A 1 9  ? 10.999  7.608   -17.955 1.00 25.98 ? 109 DA  B N1    1 
ATOM   177  C  C2    . DA  A 1 9  ? 11.760  7.702   -19.053 1.00 24.56 ? 109 DA  B C2    1 
ATOM   178  N  N3    . DA  A 1 9  ? 13.066  7.951   -19.154 1.00 25.17 ? 109 DA  B N3    1 
ATOM   179  C  C4    . DA  A 1 9  ? 13.617  8.119   -17.936 1.00 25.19 ? 109 DA  B C4    1 
ATOM   180  P  P     . DC  A 1 10 ? 18.668  10.821  -20.917 1.00 38.63 ? 110 DC  B P     1 
ATOM   181  O  OP1   . DC  A 1 10 ? 19.417  10.642  -22.188 1.00 39.97 ? 110 DC  B OP1   1 
ATOM   182  O  OP2   . DC  A 1 10 ? 19.307  11.519  -19.761 1.00 38.65 ? 110 DC  B OP2   1 
ATOM   183  O  "O5'" . DC  A 1 10 ? 17.324  11.586  -21.248 1.00 36.83 ? 110 DC  B "O5'" 1 
ATOM   184  C  "C5'" . DC  A 1 10 ? 16.174  11.304  -20.492 1.00 36.29 ? 110 DC  B "C5'" 1 
ATOM   185  C  "C4'" . DC  A 1 10 ? 14.947  11.472  -21.342 1.00 33.94 ? 110 DC  B "C4'" 1 
ATOM   186  O  "O4'" . DC  A 1 10 ? 13.870  10.822  -20.630 1.00 31.99 ? 110 DC  B "O4'" 1 
ATOM   187  C  "C3'" . DC  A 1 10 ? 14.563  12.940  -21.507 1.00 32.53 ? 110 DC  B "C3'" 1 
ATOM   188  O  "O3'" . DC  A 1 10 ? 14.125  13.211  -22.837 1.00 34.43 ? 110 DC  B "O3'" 1 
ATOM   189  C  "C2'" . DC  A 1 10 ? 13.473  13.152  -20.472 1.00 32.11 ? 110 DC  B "C2'" 1 
ATOM   190  C  "C1'" . DC  A 1 10 ? 12.889  11.759  -20.237 1.00 31.59 ? 110 DC  B "C1'" 1 
ATOM   191  N  N1    . DC  A 1 10 ? 12.574  11.501  -18.822 1.00 29.53 ? 110 DC  B N1    1 
ATOM   192  C  C2    . DC  A 1 10 ? 11.281  11.117  -18.490 1.00 27.63 ? 110 DC  B C2    1 
ATOM   193  O  O2    . DC  A 1 10 ? 10.463  10.945  -19.400 1.00 25.24 ? 110 DC  B O2    1 
ATOM   194  N  N3    . DC  A 1 10 ? 10.954  10.937  -17.188 1.00 25.80 ? 110 DC  B N3    1 
ATOM   195  C  C4    . DC  A 1 10 ? 11.876  11.116  -16.239 1.00 26.23 ? 110 DC  B C4    1 
ATOM   196  N  N4    . DC  A 1 10 ? 11.502  10.950  -14.965 1.00 23.59 ? 110 DC  B N4    1 
ATOM   197  C  C5    . DC  A 1 10 ? 13.220  11.476  -16.554 1.00 26.12 ? 110 DC  B C5    1 
ATOM   198  C  C6    . DC  A 1 10 ? 13.523  11.655  -17.846 1.00 28.03 ? 110 DC  B C6    1 
ATOM   199  P  P     . DA  A 1 11 ? 13.862  14.733  -23.297 1.00 34.99 ? 111 DA  B P     1 
ATOM   200  O  OP1   . DA  A 1 11 ? 13.954  14.772  -24.775 1.00 34.33 ? 111 DA  B OP1   1 
ATOM   201  O  OP2   . DA  A 1 11 ? 14.704  15.640  -22.480 1.00 33.62 ? 111 DA  B OP2   1 
ATOM   202  O  "O5'" . DA  A 1 11 ? 12.348  14.956  -22.885 1.00 31.19 ? 111 DA  B "O5'" 1 
ATOM   203  C  "C5'" . DA  A 1 11 ? 11.352  14.052  -23.349 1.00 31.42 ? 111 DA  B "C5'" 1 
ATOM   204  C  "C4'" . DA  A 1 11 ? 9.990   14.598  -23.021 1.00 31.51 ? 111 DA  B "C4'" 1 
ATOM   205  O  "O4'" . DA  A 1 11 ? 9.564   14.106  -21.724 1.00 31.91 ? 111 DA  B "O4'" 1 
ATOM   206  C  "C3'" . DA  A 1 11 ? 10.036  16.118  -22.920 1.00 31.31 ? 111 DA  B "C3'" 1 
ATOM   207  O  "O3'" . DA  A 1 11 ? 8.932   16.722  -23.564 1.00 32.31 ? 111 DA  B "O3'" 1 
ATOM   208  C  "C2'" . DA  A 1 11 ? 9.986   16.381  -21.428 1.00 32.12 ? 111 DA  B "C2'" 1 
ATOM   209  C  "C1'" . DA  A 1 11 ? 9.208   15.191  -20.895 1.00 29.98 ? 111 DA  B "C1'" 1 
ATOM   210  N  N9    . DA  A 1 11 ? 9.593   14.849  -19.526 1.00 29.12 ? 111 DA  B N9    1 
ATOM   211  C  C8    . DA  A 1 11 ? 10.856  14.849  -18.992 1.00 27.91 ? 111 DA  B C8    1 
ATOM   212  N  N7    . DA  A 1 11 ? 10.891  14.555  -17.716 1.00 26.33 ? 111 DA  B N7    1 
ATOM   213  C  C5    . DA  A 1 11 ? 9.560   14.335  -17.393 1.00 25.98 ? 111 DA  B C5    1 
ATOM   214  C  C6    . DA  A 1 11 ? 8.928   13.998  -16.191 1.00 24.24 ? 111 DA  B C6    1 
ATOM   215  N  N6    . DA  A 1 11 ? 9.582   13.831  -15.039 1.00 21.82 ? 111 DA  B N6    1 
ATOM   216  N  N1    . DA  A 1 11 ? 7.584   13.841  -16.211 1.00 24.65 ? 111 DA  B N1    1 
ATOM   217  C  C2    . DA  A 1 11 ? 6.936   14.025  -17.362 1.00 24.43 ? 111 DA  B C2    1 
ATOM   218  N  N3    . DA  A 1 11 ? 7.418   14.351  -18.553 1.00 25.88 ? 111 DA  B N3    1 
ATOM   219  C  C4    . DA  A 1 11 ? 8.752   14.494  -18.501 1.00 26.76 ? 111 DA  B C4    1 
ATOM   220  P  P     . DG  A 1 12 ? 9.027   18.260  -24.007 1.00 32.85 ? 112 DG  B P     1 
ATOM   221  O  OP1   . DG  A 1 12 ? 9.398   18.306  -25.456 1.00 31.71 ? 112 DG  B OP1   1 
ATOM   222  O  OP2   . DG  A 1 12 ? 9.858   18.989  -23.016 1.00 33.99 ? 112 DG  B OP2   1 
ATOM   223  O  "O5'" . DG  A 1 12 ? 7.523   18.730  -23.861 1.00 29.31 ? 112 DG  B "O5'" 1 
ATOM   224  C  "C5'" . DG  A 1 12 ? 6.482   17.856  -24.264 1.00 28.17 ? 112 DG  B "C5'" 1 
ATOM   225  C  "C4'" . DG  A 1 12 ? 5.316   17.954  -23.316 1.00 26.34 ? 112 DG  B "C4'" 1 
ATOM   226  O  "O4'" . DG  A 1 12 ? 5.691   17.485  -22.002 1.00 24.96 ? 112 DG  B "O4'" 1 
ATOM   227  C  "C3'" . DG  A 1 12 ? 4.748   19.354  -23.118 1.00 27.92 ? 112 DG  B "C3'" 1 
ATOM   228  O  "O3'" . DG  A 1 12 ? 3.343   19.192  -23.023 1.00 28.17 ? 112 DG  B "O3'" 1 
ATOM   229  C  "C2'" . DG  A 1 12 ? 5.355   19.799  -21.796 1.00 27.18 ? 112 DG  B "C2'" 1 
ATOM   230  C  "C1'" . DG  A 1 12 ? 5.436   18.487  -21.028 1.00 24.87 ? 112 DG  B "C1'" 1 
ATOM   231  N  N9    . DG  A 1 12 ? 6.494   18.394  -20.023 1.00 24.84 ? 112 DG  B N9    1 
ATOM   232  C  C8    . DG  A 1 12 ? 7.838   18.629  -20.202 1.00 23.54 ? 112 DG  B C8    1 
ATOM   233  N  N7    . DG  A 1 12 ? 8.547   18.404  -19.125 1.00 24.92 ? 112 DG  B N7    1 
ATOM   234  C  C5    . DG  A 1 12 ? 7.614   18.000  -18.175 1.00 23.63 ? 112 DG  B C5    1 
ATOM   235  C  C6    . DG  A 1 12 ? 7.788   17.595  -16.818 1.00 24.72 ? 112 DG  B C6    1 
ATOM   236  O  O6    . DG  A 1 12 ? 8.843   17.454  -16.182 1.00 24.40 ? 112 DG  B O6    1 
ATOM   237  N  N1    . DG  A 1 12 ? 6.565   17.315  -16.208 1.00 23.56 ? 112 DG  B N1    1 
ATOM   238  C  C2    . DG  A 1 12 ? 5.337   17.382  -16.831 1.00 25.79 ? 112 DG  B C2    1 
ATOM   239  N  N2    . DG  A 1 12 ? 4.260   17.108  -16.078 1.00 24.81 ? 112 DG  B N2    1 
ATOM   240  N  N3    . DG  A 1 12 ? 5.173   17.706  -18.104 1.00 24.70 ? 112 DG  B N3    1 
ATOM   241  C  C4    . DG  A 1 12 ? 6.341   18.010  -18.707 1.00 24.66 ? 112 DG  B C4    1 
ATOM   242  P  P     . DG  A 1 13 ? 2.415   20.430  -22.650 1.00 33.56 ? 113 DG  B P     1 
ATOM   243  O  OP1   . DG  A 1 13 ? 1.136   20.213  -23.380 1.00 34.44 ? 113 DG  B OP1   1 
ATOM   244  O  OP2   . DG  A 1 13 ? 3.161   21.705  -22.831 1.00 34.73 ? 113 DG  B OP2   1 
ATOM   245  O  "O5'" . DG  A 1 13 ? 2.135   20.222  -21.102 1.00 32.62 ? 113 DG  B "O5'" 1 
ATOM   246  C  "C5'" . DG  A 1 13 ? 1.149   20.997  -20.455 1.00 33.42 ? 113 DG  B "C5'" 1 
ATOM   247  C  "C4'" . DG  A 1 13 ? 0.624   20.280  -19.235 1.00 32.47 ? 113 DG  B "C4'" 1 
ATOM   248  O  "O4'" . DG  A 1 13 ? 1.719   19.730  -18.460 1.00 31.92 ? 113 DG  B "O4'" 1 
ATOM   249  C  "C3'" . DG  A 1 13 ? -0.052  21.273  -18.307 1.00 32.17 ? 113 DG  B "C3'" 1 
ATOM   250  O  "O3'" . DG  A 1 13 ? -0.854  20.485  -17.445 1.00 35.75 ? 113 DG  B "O3'" 1 
ATOM   251  C  "C2'" . DG  A 1 13 ? 1.140   21.819  -17.537 1.00 32.01 ? 113 DG  B "C2'" 1 
ATOM   252  C  "C1'" . DG  A 1 13 ? 1.969   20.561  -17.321 1.00 31.26 ? 113 DG  B "C1'" 1 
ATOM   253  N  N9    . DG  A 1 13 ? 3.413   20.752  -17.221 1.00 30.14 ? 113 DG  B N9    1 
ATOM   254  C  C8    . DG  A 1 13 ? 4.292   20.969  -18.255 1.00 28.45 ? 113 DG  B C8    1 
ATOM   255  N  N7    . DG  A 1 13 ? 5.539   21.000  -17.872 1.00 27.78 ? 113 DG  B N7    1 
ATOM   256  C  C5    . DG  A 1 13 ? 5.483   20.817  -16.496 1.00 27.59 ? 113 DG  B C5    1 
ATOM   257  C  C6    . DG  A 1 13 ? 6.532   20.733  -15.530 1.00 25.37 ? 113 DG  B C6    1 
ATOM   258  O  O6    . DG  A 1 13 ? 7.760   20.791  -15.708 1.00 23.85 ? 113 DG  B O6    1 
ATOM   259  N  N1    . DG  A 1 13 ? 6.031   20.545  -14.252 1.00 24.42 ? 113 DG  B N1    1 
ATOM   260  C  C2    . DG  A 1 13 ? 4.699   20.434  -13.935 1.00 26.80 ? 113 DG  B C2    1 
ATOM   261  N  N2    . DG  A 1 13 ? 4.411   20.249  -12.641 1.00 26.34 ? 113 DG  B N2    1 
ATOM   262  N  N3    . DG  A 1 13 ? 3.717   20.498  -14.823 1.00 28.93 ? 113 DG  B N3    1 
ATOM   263  C  C4    . DG  A 1 13 ? 4.179   20.690  -16.075 1.00 28.81 ? 113 DG  B C4    1 
ATOM   264  O  "O5'" . DC  B 2 1  ? 11.527  19.832  -5.613  1.00 35.03 ? 201 DC  C "O5'" 1 
ATOM   265  C  "C5'" . DC  B 2 1  ? 10.810  19.426  -6.783  1.00 29.83 ? 201 DC  C "C5'" 1 
ATOM   266  C  "C4'" . DC  B 2 1  ? 9.319   19.629  -6.655  1.00 27.19 ? 201 DC  C "C4'" 1 
ATOM   267  O  "O4'" . DC  B 2 1  ? 8.917   20.557  -7.696  1.00 27.44 ? 201 DC  C "O4'" 1 
ATOM   268  C  "C3'" . DC  B 2 1  ? 8.564   18.327  -6.918  1.00 27.15 ? 201 DC  C "C3'" 1 
ATOM   269  O  "O3'" . DC  B 2 1  ? 7.545   18.002  -5.989  1.00 24.68 ? 201 DC  C "O3'" 1 
ATOM   270  C  "C2'" . DC  B 2 1  ? 7.945   18.486  -8.285  1.00 26.91 ? 201 DC  C "C2'" 1 
ATOM   271  C  "C1'" . DC  B 2 1  ? 7.974   19.968  -8.588  1.00 26.43 ? 201 DC  C "C1'" 1 
ATOM   272  N  N1    . DC  B 2 1  ? 8.496   20.089  -9.956  1.00 23.93 ? 201 DC  C N1    1 
ATOM   273  C  C2    . DC  B 2 1  ? 7.613   20.401  -10.984 1.00 22.75 ? 201 DC  C C2    1 
ATOM   274  O  O2    . DC  B 2 1  ? 6.447   20.688  -10.696 1.00 21.33 ? 201 DC  C O2    1 
ATOM   275  N  N3    . DC  B 2 1  ? 8.049   20.379  -12.265 1.00 21.75 ? 201 DC  C N3    1 
ATOM   276  C  C4    . DC  B 2 1  ? 9.320   20.076  -12.531 1.00 22.44 ? 201 DC  C C4    1 
ATOM   277  N  N4    . DC  B 2 1  ? 9.690   20.018  -13.813 1.00 21.81 ? 201 DC  C N4    1 
ATOM   278  C  C5    . DC  B 2 1  ? 10.265  19.808  -11.493 1.00 23.20 ? 201 DC  C C5    1 
ATOM   279  C  C6    . DC  B 2 1  ? 9.814   19.835  -10.230 1.00 23.79 ? 201 DC  C C6    1 
ATOM   280  P  P     . DC  B 2 2  ? 6.935   16.521  -6.025  1.00 23.93 ? 202 DC  C P     1 
ATOM   281  O  OP1   . DC  B 2 2  ? 6.210   16.281  -4.755  1.00 20.46 ? 202 DC  C OP1   1 
ATOM   282  O  OP2   . DC  B 2 2  ? 8.027   15.607  -6.439  1.00 21.90 ? 202 DC  C OP2   1 
ATOM   283  O  "O5'" . DC  B 2 2  ? 5.898   16.582  -7.234  1.00 22.17 ? 202 DC  C "O5'" 1 
ATOM   284  C  "C5'" . DC  B 2 2  ? 4.802   17.492  -7.198  1.00 24.37 ? 202 DC  C "C5'" 1 
ATOM   285  C  "C4'" . DC  B 2 2  ? 3.837   17.193  -8.320  1.00 23.96 ? 202 DC  C "C4'" 1 
ATOM   286  O  "O4'" . DC  B 2 2  ? 4.358   17.741  -9.560  1.00 23.90 ? 202 DC  C "O4'" 1 
ATOM   287  C  "C3'" . DC  B 2 2  ? 3.658   15.691  -8.533  1.00 23.23 ? 202 DC  C "C3'" 1 
ATOM   288  O  "O3'" . DC  B 2 2  ? 2.317   15.239  -8.395  1.00 21.91 ? 202 DC  C "O3'" 1 
ATOM   289  C  "C2'" . DC  B 2 2  ? 4.183   15.423  -9.931  1.00 24.33 ? 202 DC  C "C2'" 1 
ATOM   290  C  "C1'" . DC  B 2 2  ? 4.303   16.782  -10.609 1.00 23.75 ? 202 DC  C "C1'" 1 
ATOM   291  N  N1    . DC  B 2 2  ? 5.578   16.847  -11.344 1.00 20.44 ? 202 DC  C N1    1 
ATOM   292  C  C2    . DC  B 2 2  ? 5.570   16.909  -12.743 1.00 20.86 ? 202 DC  C C2    1 
ATOM   293  O  O2    . DC  B 2 2  ? 4.487   16.933  -13.334 1.00 20.36 ? 202 DC  C O2    1 
ATOM   294  N  N3    . DC  B 2 2  ? 6.747   16.930  -13.408 1.00 19.77 ? 202 DC  C N3    1 
ATOM   295  C  C4    . DC  B 2 2  ? 7.896   16.888  -12.732 1.00 18.49 ? 202 DC  C C4    1 
ATOM   296  N  N4    . DC  B 2 2  ? 9.029   16.898  -13.425 1.00 16.26 ? 202 DC  C N4    1 
ATOM   297  C  C5    . DC  B 2 2  ? 7.933   16.832  -11.311 1.00 18.25 ? 202 DC  C C5    1 
ATOM   298  C  C6    . DC  B 2 2  ? 6.762   16.823  -10.665 1.00 19.32 ? 202 DC  C C6    1 
ATOM   299  P  P     . DT  B 2 3  ? 2.030   13.655  -8.314  1.00 19.90 ? 203 DT  C P     1 
ATOM   300  O  OP1   . DT  B 2 3  ? 0.849   13.456  -7.437  1.00 20.44 ? 203 DT  C OP1   1 
ATOM   301  O  OP2   . DT  B 2 3  ? 3.293   12.956  -7.995  1.00 20.96 ? 203 DT  C OP2   1 
ATOM   302  O  "O5'" . DT  B 2 3  ? 1.631   13.290  -9.812  1.00 17.62 ? 203 DT  C "O5'" 1 
ATOM   303  C  "C5'" . DT  B 2 3  ? 0.532   13.949  -10.443 1.00 20.08 ? 203 DT  C "C5'" 1 
ATOM   304  C  "C4'" . DT  B 2 3  ? 0.478   13.603  -11.914 1.00 21.62 ? 203 DT  C "C4'" 1 
ATOM   305  O  "O4'" . DT  B 2 3  ? 1.706   14.017  -12.560 1.00 19.05 ? 203 DT  C "O4'" 1 
ATOM   306  C  "C3'" . DT  B 2 3  ? 0.309   12.118  -12.241 1.00 22.33 ? 203 DT  C "C3'" 1 
ATOM   307  O  "O3'" . DT  B 2 3  ? -0.530  12.004  -13.400 1.00 26.33 ? 203 DT  C "O3'" 1 
ATOM   308  C  "C2'" . DT  B 2 3  ? 1.725   11.675  -12.572 1.00 21.13 ? 203 DT  C "C2'" 1 
ATOM   309  C  "C1'" . DT  B 2 3  ? 2.298   12.917  -13.236 1.00 20.62 ? 203 DT  C "C1'" 1 
ATOM   310  N  N1    . DT  B 2 3  ? 3.765   13.059  -13.117 1.00 20.70 ? 203 DT  C N1    1 
ATOM   311  C  C2    . DT  B 2 3  ? 4.510   13.329  -14.253 1.00 21.61 ? 203 DT  C C2    1 
ATOM   312  O  O2    . DT  B 2 3  ? 4.019   13.465  -15.372 1.00 20.37 ? 203 DT  C O2    1 
ATOM   313  N  N3    . DT  B 2 3  ? 5.867   13.445  -14.029 1.00 20.84 ? 203 DT  C N3    1 
ATOM   314  C  C4    . DT  B 2 3  ? 6.530   13.338  -12.818 1.00 21.07 ? 203 DT  C C4    1 
ATOM   315  O  O4    . DT  B 2 3  ? 7.754   13.466  -12.773 1.00 20.37 ? 203 DT  C O4    1 
ATOM   316  C  C5    . DT  B 2 3  ? 5.690   13.070  -11.677 1.00 21.47 ? 203 DT  C C5    1 
ATOM   317  C  C7    . DT  B 2 3  ? 6.320   12.964  -10.323 1.00 23.00 ? 203 DT  C C7    1 
ATOM   318  C  C6    . DT  B 2 3  ? 4.371   12.933  -11.880 1.00 22.31 ? 203 DT  C C6    1 
ATOM   319  P  P     . DG  B 2 4  ? -1.341  10.647  -13.684 1.00 27.67 ? 204 DG  C P     1 
ATOM   320  O  OP1   . DG  B 2 4  ? -2.729  11.032  -14.033 1.00 29.12 ? 204 DG  C OP1   1 
ATOM   321  O  OP2   . DG  B 2 4  ? -1.091  9.684   -12.588 1.00 29.16 ? 204 DG  C OP2   1 
ATOM   322  O  "O5'" . DG  B 2 4  ? -0.641  10.082  -14.986 1.00 30.18 ? 204 DG  C "O5'" 1 
ATOM   323  C  "C5'" . DG  B 2 4  ? 0.704   10.405  -15.224 1.00 31.02 ? 204 DG  C "C5'" 1 
ATOM   324  C  "C4'" . DG  B 2 4  ? 1.017   10.328  -16.692 1.00 28.80 ? 204 DG  C "C4'" 1 
ATOM   325  O  "O4'" . DG  B 2 4  ? 2.325   10.927  -16.808 1.00 30.43 ? 204 DG  C "O4'" 1 
ATOM   326  C  "C3'" . DG  B 2 4  ? 1.156   8.887   -17.178 1.00 29.09 ? 204 DG  C "C3'" 1 
ATOM   327  O  "O3'" . DG  B 2 4  ? 0.724   8.700   -18.521 1.00 25.65 ? 204 DG  C "O3'" 1 
ATOM   328  C  "C2'" . DG  B 2 4  ? 2.637   8.602   -17.049 1.00 29.30 ? 204 DG  C "C2'" 1 
ATOM   329  C  "C1'" . DG  B 2 4  ? 3.288   9.965   -17.192 1.00 29.13 ? 204 DG  C "C1'" 1 
ATOM   330  N  N9    . DG  B 2 4  ? 4.436   10.120  -16.309 1.00 28.02 ? 204 DG  C N9    1 
ATOM   331  C  C8    . DG  B 2 4  ? 4.452   10.036  -14.936 1.00 26.53 ? 204 DG  C C8    1 
ATOM   332  N  N7    . DG  B 2 4  ? 5.648   10.163  -14.430 1.00 25.82 ? 204 DG  C N7    1 
ATOM   333  C  C5    . DG  B 2 4  ? 6.466   10.352  -15.536 1.00 25.19 ? 204 DG  C C5    1 
ATOM   334  C  C6    . DG  B 2 4  ? 7.860   10.532  -15.619 1.00 24.49 ? 204 DG  C C6    1 
ATOM   335  O  O6    . DG  B 2 4  ? 8.691   10.541  -14.702 1.00 26.23 ? 204 DG  C O6    1 
ATOM   336  N  N1    . DG  B 2 4  ? 8.277   10.704  -16.934 1.00 24.06 ? 204 DG  C N1    1 
ATOM   337  C  C2    . DG  B 2 4  ? 7.449   10.696  -18.034 1.00 25.43 ? 204 DG  C C2    1 
ATOM   338  N  N2    . DG  B 2 4  ? 8.027   10.896  -19.228 1.00 22.35 ? 204 DG  C N2    1 
ATOM   339  N  N3    . DG  B 2 4  ? 6.146   10.511  -17.967 1.00 25.15 ? 204 DG  C N3    1 
ATOM   340  C  C4    . DG  B 2 4  ? 5.726   10.347  -16.698 1.00 26.40 ? 204 DG  C C4    1 
ATOM   341  P  P     . DT  B 2 5  ? 0.832   7.231   -19.173 1.00 28.09 ? 205 DT  C P     1 
ATOM   342  O  OP1   . DT  B 2 5  ? -0.269  7.052   -20.153 1.00 28.28 ? 205 DT  C OP1   1 
ATOM   343  O  OP2   . DT  B 2 5  ? 0.992   6.256   -18.053 1.00 27.96 ? 205 DT  C OP2   1 
ATOM   344  O  "O5'" . DT  B 2 5  ? 2.196   7.285   -19.992 1.00 27.11 ? 205 DT  C "O5'" 1 
ATOM   345  C  "C5'" . DT  B 2 5  ? 2.338   8.196   -21.081 1.00 27.64 ? 205 DT  C "C5'" 1 
ATOM   346  C  "C4'" . DT  B 2 5  ? 3.592   7.886   -21.862 1.00 28.03 ? 205 DT  C "C4'" 1 
ATOM   347  O  "O4'" . DT  B 2 5  ? 4.761   8.211   -21.071 1.00 26.32 ? 205 DT  C "O4'" 1 
ATOM   348  C  "C3'" . DT  B 2 5  ? 3.741   6.418   -22.258 1.00 28.66 ? 205 DT  C "C3'" 1 
ATOM   349  O  "O3'" . DT  B 2 5  ? 4.246   6.350   -23.587 1.00 32.72 ? 205 DT  C "O3'" 1 
ATOM   350  C  "C2'" . DT  B 2 5  ? 4.756   5.872   -21.268 1.00 26.72 ? 205 DT  C "C2'" 1 
ATOM   351  C  "C1'" . DT  B 2 5  ? 5.624   7.085   -20.985 1.00 25.78 ? 205 DT  C "C1'" 1 
ATOM   352  N  N1    . DT  B 2 5  ? 6.242   7.099   -19.645 1.00 24.79 ? 205 DT  C N1    1 
ATOM   353  C  C2    . DT  B 2 5  ? 7.603   7.293   -19.565 1.00 23.43 ? 205 DT  C C2    1 
ATOM   354  O  O2    . DT  B 2 5  ? 8.310   7.431   -20.549 1.00 21.60 ? 205 DT  C O2    1 
ATOM   355  N  N3    . DT  B 2 5  ? 8.108   7.323   -18.287 1.00 22.09 ? 205 DT  C N3    1 
ATOM   356  C  C4    . DT  B 2 5  ? 7.405   7.166   -17.109 1.00 23.70 ? 205 DT  C C4    1 
ATOM   357  O  O4    . DT  B 2 5  ? 7.994   7.215   -16.037 1.00 22.64 ? 205 DT  C O4    1 
ATOM   358  C  C5    . DT  B 2 5  ? 5.984   6.946   -17.263 1.00 24.55 ? 205 DT  C C5    1 
ATOM   359  C  C7    . DT  B 2 5  ? 5.146   6.737   -16.039 1.00 24.31 ? 205 DT  C C7    1 
ATOM   360  C  C6    . DT  B 2 5  ? 5.477   6.931   -18.510 1.00 24.95 ? 205 DT  C C6    1 
ATOM   361  P  P     . DG  B 2 6  ? 4.353   4.929   -24.324 1.00 37.50 ? 206 DG  C P     1 
ATOM   362  O  OP1   . DG  B 2 6  ? 3.946   5.158   -25.737 1.00 38.43 ? 206 DG  C OP1   1 
ATOM   363  O  OP2   . DG  B 2 6  ? 3.660   3.895   -23.507 1.00 38.04 ? 206 DG  C OP2   1 
ATOM   364  O  "O5'" . DG  B 2 6  ? 5.905   4.589   -24.276 1.00 36.39 ? 206 DG  C "O5'" 1 
ATOM   365  C  "C5'" . DG  B 2 6  ? 6.865   5.510   -24.765 1.00 36.60 ? 206 DG  C "C5'" 1 
ATOM   366  C  "C4'" . DG  B 2 6  ? 8.242   4.910   -24.639 1.00 36.55 ? 206 DG  C "C4'" 1 
ATOM   367  O  "O4'" . DG  B 2 6  ? 8.725   5.038   -23.280 1.00 35.21 ? 206 DG  C "O4'" 1 
ATOM   368  C  "C3'" . DG  B 2 6  ? 8.286   3.418   -24.969 1.00 36.84 ? 206 DG  C "C3'" 1 
ATOM   369  O  "O3'" . DG  B 2 6  ? 9.455   3.156   -25.746 1.00 37.60 ? 206 DG  C "O3'" 1 
ATOM   370  C  "C2'" . DG  B 2 6  ? 8.333   2.749   -23.600 1.00 35.55 ? 206 DG  C "C2'" 1 
ATOM   371  C  "C1'" . DG  B 2 6  ? 9.083   3.769   -22.759 1.00 33.91 ? 206 DG  C "C1'" 1 
ATOM   372  N  N9    . DG  B 2 6  ? 8.758   3.781   -21.338 1.00 31.20 ? 206 DG  C N9    1 
ATOM   373  C  C8    . DG  B 2 6  ? 7.514   3.651   -20.761 1.00 30.94 ? 206 DG  C C8    1 
ATOM   374  N  N7    . DG  B 2 6  ? 7.539   3.764   -19.460 1.00 30.05 ? 206 DG  C N7    1 
ATOM   375  C  C5    . DG  B 2 6  ? 8.881   3.968   -19.162 1.00 28.62 ? 206 DG  C C5    1 
ATOM   376  C  C6    . DG  B 2 6  ? 9.530   4.173   -17.908 1.00 27.10 ? 206 DG  C C6    1 
ATOM   377  O  O6    . DG  B 2 6  ? 9.030   4.231   -16.778 1.00 24.38 ? 206 DG  C O6    1 
ATOM   378  N  N1    . DG  B 2 6  ? 10.898  4.327   -18.065 1.00 24.69 ? 206 DG  C N1    1 
ATOM   379  C  C2    . DG  B 2 6  ? 11.564  4.300   -19.260 1.00 25.48 ? 206 DG  C C2    1 
ATOM   380  N  N2    . DG  B 2 6  ? 12.884  4.464   -19.200 1.00 24.41 ? 206 DG  C N2    1 
ATOM   381  N  N3    . DG  B 2 6  ? 10.977  4.124   -20.431 1.00 26.87 ? 206 DG  C N3    1 
ATOM   382  C  C4    . DG  B 2 6  ? 9.642   3.964   -20.306 1.00 27.67 ? 206 DG  C C4    1 
ATOM   383  P  P     . DG  B 2 7  ? 9.796   1.657   -26.200 1.00 40.76 ? 207 DG  C P     1 
ATOM   384  O  OP1   . DG  B 2 7  ? 10.443  1.767   -27.540 1.00 38.42 ? 207 DG  C OP1   1 
ATOM   385  O  OP2   . DG  B 2 7  ? 8.598   0.785   -26.020 1.00 40.65 ? 207 DG  C OP2   1 
ATOM   386  O  "O5'" . DG  B 2 7  ? 10.898  1.215   -25.141 1.00 38.73 ? 207 DG  C "O5'" 1 
ATOM   387  C  "C5'" . DG  B 2 7  ? 11.982  2.081   -24.857 1.00 37.67 ? 207 DG  C "C5'" 1 
ATOM   388  C  "C4'" . DG  B 2 7  ? 12.891  1.457   -23.829 1.00 37.82 ? 207 DG  C "C4'" 1 
ATOM   389  O  "O4'" . DG  B 2 7  ? 12.430  1.715   -22.480 1.00 36.44 ? 207 DG  C "O4'" 1 
ATOM   390  C  "C3'" . DG  B 2 7  ? 13.056  -0.056  -23.959 1.00 37.32 ? 207 DG  C "C3'" 1 
ATOM   391  O  "O3'" . DG  B 2 7  ? 14.446  -0.340  -23.912 1.00 38.69 ? 207 DG  C "O3'" 1 
ATOM   392  C  "C2'" . DG  B 2 7  ? 12.349  -0.604  -22.727 1.00 36.78 ? 207 DG  C "C2'" 1 
ATOM   393  C  "C1'" . DG  B 2 7  ? 12.532  0.527   -21.719 1.00 35.32 ? 207 DG  C "C1'" 1 
ATOM   394  N  N9    . DG  B 2 7  ? 11.549  0.604   -20.639 1.00 33.63 ? 207 DG  C N9    1 
ATOM   395  C  C8    . DG  B 2 7  ? 10.180  0.504   -20.743 1.00 32.25 ? 207 DG  C C8    1 
ATOM   396  N  N7    . DG  B 2 7  ? 9.569   0.605   -19.592 1.00 31.78 ? 207 DG  C N7    1 
ATOM   397  C  C5    . DG  B 2 7  ? 10.594  0.784   -18.669 1.00 30.16 ? 207 DG  C C5    1 
ATOM   398  C  C6    . DG  B 2 7  ? 10.541  0.941   -17.257 1.00 28.93 ? 207 DG  C C6    1 
ATOM   399  O  O6    . DG  B 2 7  ? 9.553   0.957   -16.516 1.00 30.13 ? 207 DG  C O6    1 
ATOM   400  N  N1    . DG  B 2 7  ? 11.809  1.093   -16.712 1.00 28.95 ? 207 DG  C N1    1 
ATOM   401  C  C2    . DG  B 2 7  ? 12.979  1.103   -17.424 1.00 28.18 ? 207 DG  C C2    1 
ATOM   402  N  N2    . DG  B 2 7  ? 14.096  1.271   -16.704 1.00 25.81 ? 207 DG  C N2    1 
ATOM   403  N  N3    . DG  B 2 7  ? 13.047  0.958   -18.743 1.00 29.04 ? 207 DG  C N3    1 
ATOM   404  C  C4    . DG  B 2 7  ? 11.821  0.799   -19.296 1.00 30.66 ? 207 DG  C C4    1 
ATOM   405  P  P     . DA  B 2 8  ? 14.986  -1.781  -24.361 1.00 39.11 ? 208 DA  C P     1 
ATOM   406  O  OP1   . DA  B 2 8  ? 15.907  -1.519  -25.497 1.00 40.05 ? 208 DA  C OP1   1 
ATOM   407  O  OP2   . DA  B 2 8  ? 13.855  -2.738  -24.524 1.00 37.57 ? 208 DA  C OP2   1 
ATOM   408  O  "O5'" . DA  B 2 8  ? 15.835  -2.202  -23.093 1.00 36.36 ? 208 DA  C "O5'" 1 
ATOM   409  C  "C5'" . DA  B 2 8  ? 15.512  -1.621  -21.849 1.00 35.39 ? 208 DA  C "C5'" 1 
ATOM   410  C  "C4'" . DA  B 2 8  ? 16.620  -1.841  -20.859 1.00 33.60 ? 208 DA  C "C4'" 1 
ATOM   411  O  "O4'" . DA  B 2 8  ? 16.017  -1.575  -19.577 1.00 32.89 ? 208 DA  C "O4'" 1 
ATOM   412  C  "C3'" . DA  B 2 8  ? 17.082  -3.291  -20.801 1.00 33.19 ? 208 DA  C "C3'" 1 
ATOM   413  O  "O3'" . DA  B 2 8  ? 18.436  -3.350  -20.338 1.00 34.36 ? 208 DA  C "O3'" 1 
ATOM   414  C  "C2'" . DA  B 2 8  ? 16.086  -3.930  -19.851 1.00 32.07 ? 208 DA  C "C2'" 1 
ATOM   415  C  "C1'" . DA  B 2 8  ? 15.645  -2.789  -18.941 1.00 29.52 ? 208 DA  C "C1'" 1 
ATOM   416  N  N9    . DA  B 2 8  ? 14.199  -2.732  -18.727 1.00 26.21 ? 208 DA  C N9    1 
ATOM   417  C  C8    . DA  B 2 8  ? 13.199  -2.887  -19.657 1.00 24.54 ? 208 DA  C C8    1 
ATOM   418  N  N7    . DA  B 2 8  ? 11.993  -2.755  -19.162 1.00 22.26 ? 208 DA  C N7    1 
ATOM   419  C  C5    . DA  B 2 8  ? 12.213  -2.505  -17.815 1.00 23.46 ? 208 DA  C C5    1 
ATOM   420  C  C6    . DA  B 2 8  ? 11.338  -2.272  -16.738 1.00 21.33 ? 208 DA  C C6    1 
ATOM   421  N  N6    . DA  B 2 8  ? 10.006  -2.244  -16.849 1.00 18.58 ? 208 DA  C N6    1 
ATOM   422  N  N1    . DA  B 2 8  ? 11.885  -2.059  -15.523 1.00 22.29 ? 208 DA  C N1    1 
ATOM   423  C  C2    . DA  B 2 8  ? 13.216  -2.072  -15.406 1.00 22.65 ? 208 DA  C C2    1 
ATOM   424  N  N3    . DA  B 2 8  ? 14.141  -2.275  -16.337 1.00 22.88 ? 208 DA  C N3    1 
ATOM   425  C  C4    . DA  B 2 8  ? 13.568  -2.491  -17.534 1.00 23.46 ? 208 DA  C C4    1 
ATOM   426  P  P     . DT  B 2 9  ? 19.131  -4.777  -20.099 1.00 36.53 ? 209 DT  C P     1 
ATOM   427  O  OP1   . DT  B 2 9  ? 20.596  -4.557  -20.024 1.00 36.74 ? 209 DT  C OP1   1 
ATOM   428  O  OP2   . DT  B 2 9  ? 18.578  -5.751  -21.078 1.00 35.62 ? 209 DT  C OP2   1 
ATOM   429  O  "O5'" . DT  B 2 9  ? 18.602  -5.180  -18.655 1.00 34.64 ? 209 DT  C "O5'" 1 
ATOM   430  C  "C5'" . DT  B 2 9  ? 18.819  -4.321  -17.548 1.00 33.82 ? 209 DT  C "C5'" 1 
ATOM   431  C  "C4'" . DT  B 2 9  ? 18.311  -4.973  -16.286 1.00 33.35 ? 209 DT  C "C4'" 1 
ATOM   432  O  "O4'" . DT  B 2 9  ? 16.885  -4.764  -16.123 1.00 32.30 ? 209 DT  C "O4'" 1 
ATOM   433  C  "C3'" . DT  B 2 9  ? 18.536  -6.484  -16.226 1.00 32.99 ? 209 DT  C "C3'" 1 
ATOM   434  O  "O3'" . DT  B 2 9  ? 18.921  -6.819  -14.906 1.00 35.15 ? 209 DT  C "O3'" 1 
ATOM   435  C  "C2'" . DT  B 2 9  ? 17.152  -7.054  -16.477 1.00 33.07 ? 209 DT  C "C2'" 1 
ATOM   436  C  "C1'" . DT  B 2 9  ? 16.281  -6.006  -15.803 1.00 30.73 ? 209 DT  C "C1'" 1 
ATOM   437  N  N1    . DT  B 2 9  ? 14.878  -5.954  -16.240 1.00 27.93 ? 209 DT  C N1    1 
ATOM   438  C  C2    . DT  B 2 9  ? 13.942  -5.565  -15.306 1.00 27.02 ? 209 DT  C C2    1 
ATOM   439  O  O2    . DT  B 2 9  ? 14.225  -5.267  -14.163 1.00 27.05 ? 209 DT  C O2    1 
ATOM   440  N  N3    . DT  B 2 9  ? 12.655  -5.536  -15.768 1.00 25.44 ? 209 DT  C N3    1 
ATOM   441  C  C4    . DT  B 2 9  ? 12.219  -5.840  -17.045 1.00 24.38 ? 209 DT  C C4    1 
ATOM   442  O  O4    . DT  B 2 9  ? 11.029  -5.766  -17.313 1.00 23.95 ? 209 DT  C O4    1 
ATOM   443  C  C5    . DT  B 2 9  ? 13.254  -6.229  -17.975 1.00 25.70 ? 209 DT  C C5    1 
ATOM   444  C  C7    . DT  B 2 9  ? 12.881  -6.548  -19.390 1.00 26.28 ? 209 DT  C C7    1 
ATOM   445  C  C6    . DT  B 2 9  ? 14.514  -6.276  -17.529 1.00 26.56 ? 209 DT  C C6    1 
ATOM   446  P  P     . DA  B 2 10 ? 20.040  -7.928  -14.663 1.00 34.88 ? 210 DA  C P     1 
ATOM   447  O  OP1   . DA  B 2 10 ? 21.354  -7.344  -14.992 1.00 34.65 ? 210 DA  C OP1   1 
ATOM   448  O  OP2   . DA  B 2 10 ? 19.610  -9.190  -15.310 1.00 34.43 ? 210 DA  C OP2   1 
ATOM   449  O  "O5'" . DA  B 2 10 ? 19.959  -8.106  -13.085 1.00 32.61 ? 210 DA  C "O5'" 1 
ATOM   450  C  "C5'" . DA  B 2 10 ? 19.868  -6.958  -12.239 1.00 30.02 ? 210 DA  C "C5'" 1 
ATOM   451  C  "C4'" . DA  B 2 10 ? 18.768  -7.145  -11.219 1.00 27.48 ? 210 DA  C "C4'" 1 
ATOM   452  O  "O4'" . DA  B 2 10 ? 17.489  -7.222  -11.897 1.00 26.76 ? 210 DA  C "O4'" 1 
ATOM   453  C  "C3'" . DA  B 2 10 ? 18.869  -8.414  -10.371 1.00 26.65 ? 210 DA  C "C3'" 1 
ATOM   454  O  "O3'" . DA  B 2 10 ? 18.401  -8.125  -9.056  1.00 27.65 ? 210 DA  C "O3'" 1 
ATOM   455  C  "C2'" . DA  B 2 10 ? 17.919  -9.373  -11.067 1.00 26.50 ? 210 DA  C "C2'" 1 
ATOM   456  C  "C1'" . DA  B 2 10 ? 16.826  -8.437  -11.563 1.00 25.28 ? 210 DA  C "C1'" 1 
ATOM   457  N  N9    . DA  B 2 10 ? 16.124  -8.895  -12.763 1.00 25.41 ? 210 DA  C N9    1 
ATOM   458  C  C8    . DA  B 2 10 ? 16.678  -9.523  -13.847 1.00 25.36 ? 210 DA  C C8    1 
ATOM   459  N  N7    . DA  B 2 10 ? 15.829  -9.753  -14.817 1.00 25.63 ? 210 DA  C N7    1 
ATOM   460  C  C5    . DA  B 2 10 ? 14.627  -9.259  -14.334 1.00 25.23 ? 210 DA  C C5    1 
ATOM   461  C  C6    . DA  B 2 10 ? 13.340  -9.200  -14.900 1.00 24.31 ? 210 DA  C C6    1 
ATOM   462  N  N6    . DA  B 2 10 ? 13.050  -9.643  -16.125 1.00 25.16 ? 210 DA  C N6    1 
ATOM   463  N  N1    . DA  B 2 10 ? 12.350  -8.663  -14.157 1.00 26.16 ? 210 DA  C N1    1 
ATOM   464  C  C2    . DA  B 2 10 ? 12.647  -8.206  -12.932 1.00 26.11 ? 210 DA  C C2    1 
ATOM   465  N  N3    . DA  B 2 10 ? 13.827  -8.194  -12.292 1.00 24.99 ? 210 DA  C N3    1 
ATOM   466  C  C4    . DA  B 2 10 ? 14.786  -8.743  -13.060 1.00 25.44 ? 210 DA  C C4    1 
ATOM   467  P  P     . DA  B 2 11 ? 18.728  -9.121  -7.851  1.00 28.67 ? 211 DA  C P     1 
ATOM   468  O  OP1   . DA  B 2 11 ? 19.479  -8.387  -6.786  1.00 30.07 ? 211 DA  C OP1   1 
ATOM   469  O  OP2   . DA  B 2 11 ? 19.253  -10.394 -8.429  1.00 27.23 ? 211 DA  C OP2   1 
ATOM   470  O  "O5'" . DA  B 2 11 ? 17.307  -9.434  -7.253  1.00 28.91 ? 211 DA  C "O5'" 1 
ATOM   471  C  "C5'" . DA  B 2 11 ? 16.345  -10.036 -8.076  1.00 29.64 ? 211 DA  C "C5'" 1 
ATOM   472  C  "C4'" . DA  B 2 11 ? 14.964  -9.683  -7.601  1.00 27.67 ? 211 DA  C "C4'" 1 
ATOM   473  O  "O4'" . DA  B 2 11 ? 14.166  -9.594  -8.797  1.00 26.74 ? 211 DA  C "O4'" 1 
ATOM   474  C  "C3'" . DA  B 2 11 ? 14.364  -10.831 -6.798  1.00 26.24 ? 211 DA  C "C3'" 1 
ATOM   475  O  "O3'" . DA  B 2 11 ? 13.311  -10.356 -5.978  1.00 24.93 ? 211 DA  C "O3'" 1 
ATOM   476  C  "C2'" . DA  B 2 11 ? 13.831  -11.753 -7.876  1.00 26.49 ? 211 DA  C "C2'" 1 
ATOM   477  C  "C1'" . DA  B 2 11 ? 13.412  -10.790 -8.972  1.00 26.37 ? 211 DA  C "C1'" 1 
ATOM   478  N  N9    . DA  B 2 11 ? 13.700  -11.295 -10.308 1.00 25.67 ? 211 DA  C N9    1 
ATOM   479  C  C8    . DA  B 2 11 ? 14.876  -11.808 -10.796 1.00 25.03 ? 211 DA  C C8    1 
ATOM   480  N  N7    . DA  B 2 11 ? 14.797  -12.215 -12.035 1.00 24.85 ? 211 DA  C N7    1 
ATOM   481  C  C5    . DA  B 2 11 ? 13.487  -11.934 -12.393 1.00 24.32 ? 211 DA  C C5    1 
ATOM   482  C  C6    . DA  B 2 11 ? 12.771  -12.127 -13.578 1.00 24.30 ? 211 DA  C C6    1 
ATOM   483  N  N6    . DA  B 2 11 ? 13.300  -12.662 -14.684 1.00 26.07 ? 211 DA  C N6    1 
ATOM   484  N  N1    . DA  B 2 11 ? 11.474  -11.743 -13.599 1.00 24.97 ? 211 DA  C N1    1 
ATOM   485  C  C2    . DA  B 2 11 ? 10.952  -11.192 -12.501 1.00 24.26 ? 211 DA  C C2    1 
ATOM   486  N  N3    . DA  B 2 11 ? 11.526  -10.953 -11.327 1.00 22.73 ? 211 DA  C N3    1 
ATOM   487  C  C4    . DA  B 2 11 ? 12.804  -11.359 -11.339 1.00 24.32 ? 211 DA  C C4    1 
ATOM   488  P  P     . DC  B 2 12 ? 13.039  -11.043 -4.564  1.00 25.18 ? 212 DC  C P     1 
ATOM   489  O  OP1   . DC  B 2 12 ? 13.015  -9.957  -3.556  1.00 25.03 ? 212 DC  C OP1   1 
ATOM   490  O  OP2   . DC  B 2 12 ? 13.967  -12.185 -4.408  1.00 25.05 ? 212 DC  C OP2   1 
ATOM   491  O  "O5'" . DC  B 2 12 ? 11.569  -11.612 -4.717  1.00 24.06 ? 212 DC  C "O5'" 1 
ATOM   492  C  "C5'" . DC  B 2 12 ? 11.335  -12.730 -5.554  1.00 24.79 ? 212 DC  C "C5'" 1 
ATOM   493  C  "C4'" . DC  B 2 12 ? 10.080  -12.515 -6.355  1.00 24.94 ? 212 DC  C "C4'" 1 
ATOM   494  O  "O4'" . DC  B 2 12 ? 10.445  -12.279 -7.738  1.00 24.46 ? 212 DC  C "O4'" 1 
ATOM   495  C  "C3'" . DC  B 2 12 ? 9.222   -13.768 -6.341  1.00 23.48 ? 212 DC  C "C3'" 1 
ATOM   496  O  "O3'" . DC  B 2 12 ? 7.922   -13.545 -5.842  1.00 24.47 ? 212 DC  C "O3'" 1 
ATOM   497  C  "C2'" . DC  B 2 12 ? 9.187   -14.261 -7.772  1.00 23.71 ? 212 DC  C "C2'" 1 
ATOM   498  C  "C1'" . DC  B 2 12 ? 9.739   -13.141 -8.620  1.00 22.90 ? 212 DC  C "C1'" 1 
ATOM   499  N  N1    . DC  B 2 12 ? 10.713  -13.725 -9.556  1.00 21.32 ? 212 DC  C N1    1 
ATOM   500  C  C2    . DC  B 2 12 ? 10.325  -13.967 -10.887 1.00 19.73 ? 212 DC  C C2    1 
ATOM   501  O  O2    . DC  B 2 12 ? 9.209   -13.612 -11.258 1.00 16.04 ? 212 DC  C O2    1 
ATOM   502  N  N3    . DC  B 2 12 ? 11.187  -14.586 -11.723 1.00 18.53 ? 212 DC  C N3    1 
ATOM   503  C  C4    . DC  B 2 12 ? 12.392  -14.958 -11.284 1.00 19.73 ? 212 DC  C C4    1 
ATOM   504  N  N4    . DC  B 2 12 ? 13.195  -15.596 -12.135 1.00 19.14 ? 212 DC  C N4    1 
ATOM   505  C  C5    . DC  B 2 12 ? 12.827  -14.696 -9.946  1.00 20.07 ? 212 DC  C C5    1 
ATOM   506  C  C6    . DC  B 2 12 ? 11.966  -14.073 -9.129  1.00 19.64 ? 212 DC  C C6    1 
ATOM   507  P  P     . DA  B 2 13 ? 7.041   -14.813 -5.433  1.00 25.89 ? 213 DA  C P     1 
ATOM   508  O  OP1   . DA  B 2 13 ? 5.950   -14.347 -4.538  1.00 28.53 ? 213 DA  C OP1   1 
ATOM   509  O  OP2   . DA  B 2 13 ? 7.974   -15.863 -4.972  1.00 25.69 ? 213 DA  C OP2   1 
ATOM   510  O  "O5'" . DA  B 2 13 ? 6.417   -15.271 -6.821  1.00 24.82 ? 213 DA  C "O5'" 1 
ATOM   511  C  "C5'" . DA  B 2 13 ? 5.470   -14.444 -7.491  1.00 24.61 ? 213 DA  C "C5'" 1 
ATOM   512  C  "C4'" . DA  B 2 13 ? 4.587   -15.292 -8.372  1.00 24.33 ? 213 DA  C "C4'" 1 
ATOM   513  O  "O4'" . DA  B 2 13 ? 5.386   -15.784 -9.469  1.00 24.36 ? 213 DA  C "O4'" 1 
ATOM   514  C  "C3'" . DA  B 2 13 ? 4.055   -16.535 -7.669  1.00 24.60 ? 213 DA  C "C3'" 1 
ATOM   515  O  "O3'" . DA  B 2 13 ? 2.874   -16.993 -8.315  1.00 26.08 ? 213 DA  C "O3'" 1 
ATOM   516  C  "C2'" . DA  B 2 13 ? 5.144   -17.560 -7.938  1.00 24.63 ? 213 DA  C "C2'" 1 
ATOM   517  C  "C1'" . DA  B 2 13 ? 5.621   -17.179 -9.332  1.00 24.52 ? 213 DA  C "C1'" 1 
ATOM   518  N  N9    . DA  B 2 13 ? 7.051   -17.405 -9.554  1.00 25.13 ? 213 DA  C N9    1 
ATOM   519  C  C8    . DA  B 2 13 ? 8.069   -17.308 -8.638  1.00 25.29 ? 213 DA  C C8    1 
ATOM   520  N  N7    . DA  B 2 13 ? 9.259   -17.547 -9.140  1.00 25.26 ? 213 DA  C N7    1 
ATOM   521  C  C5    . DA  B 2 13 ? 9.004   -17.827 -10.473 1.00 25.88 ? 213 DA  C C5    1 
ATOM   522  C  C6    . DA  B 2 13 ? 9.846   -18.158 -11.541 1.00 26.18 ? 213 DA  C C6    1 
ATOM   523  N  N6    . DA  B 2 13 ? 11.175  -18.276 -11.426 1.00 24.94 ? 213 DA  C N6    1 
ATOM   524  N  N1    . DA  B 2 13 ? 9.273   -18.369 -12.747 1.00 26.20 ? 213 DA  C N1    1 
ATOM   525  C  C2    . DA  B 2 13 ? 7.947   -18.262 -12.854 1.00 24.57 ? 213 DA  C C2    1 
ATOM   526  N  N3    . DA  B 2 13 ? 7.049   -17.959 -11.924 1.00 26.65 ? 213 DA  C N3    1 
ATOM   527  C  C4    . DA  B 2 13 ? 7.648   -17.747 -10.741 1.00 25.43 ? 213 DA  C C4    1 
ATOM   528  N  N     . VAL C 3 1  ? -5.259  11.280  7.197   1.00 26.01 ? 374 VAL A N     1 
ATOM   529  C  CA    . VAL C 3 1  ? -4.587  9.945   7.226   1.00 24.58 ? 374 VAL A CA    1 
ATOM   530  C  C     . VAL C 3 1  ? -3.102  10.132  6.936   1.00 23.70 ? 374 VAL A C     1 
ATOM   531  O  O     . VAL C 3 1  ? -2.741  10.792  5.967   1.00 23.76 ? 374 VAL A O     1 
ATOM   532  C  CB    . VAL C 3 1  ? -5.160  9.003   6.145   1.00 24.49 ? 374 VAL A CB    1 
ATOM   533  C  CG1   . VAL C 3 1  ? -4.570  7.618   6.302   1.00 23.62 ? 374 VAL A CG1   1 
ATOM   534  C  CG2   . VAL C 3 1  ? -6.681  8.959   6.225   1.00 26.32 ? 374 VAL A CG2   1 
ATOM   535  N  N     . THR C 3 2  ? -2.242  9.550   7.765   1.00 23.33 ? 375 THR A N     1 
ATOM   536  C  CA    . THR C 3 2  ? -0.801  9.680   7.542   1.00 22.96 ? 375 THR A CA    1 
ATOM   537  C  C     . THR C 3 2  ? -0.232  8.394   6.968   1.00 23.16 ? 375 THR A C     1 
ATOM   538  O  O     . THR C 3 2  ? -0.753  7.303   7.211   1.00 23.29 ? 375 THR A O     1 
ATOM   539  C  CB    . THR C 3 2  ? -0.033  9.961   8.835   1.00 23.40 ? 375 THR A CB    1 
ATOM   540  O  OG1   . THR C 3 2  ? -0.098  8.807   9.677   1.00 23.40 ? 375 THR A OG1   1 
ATOM   541  C  CG2   . THR C 3 2  ? -0.619  11.165  9.563   1.00 23.54 ? 375 THR A CG2   1 
ATOM   542  N  N     . ILE C 3 3  ? 0.853   8.519   6.217   1.00 21.83 ? 376 ILE A N     1 
ATOM   543  C  CA    . ILE C 3 3  ? 1.474   7.348   5.614   1.00 21.69 ? 376 ILE A CA    1 
ATOM   544  C  C     . ILE C 3 3  ? 1.922   6.375   6.689   1.00 21.83 ? 376 ILE A C     1 
ATOM   545  O  O     . ILE C 3 3  ? 1.756   5.165   6.563   1.00 20.14 ? 376 ILE A O     1 
ATOM   546  C  CB    . ILE C 3 3  ? 2.697   7.733   4.759   1.00 22.32 ? 376 ILE A CB    1 
ATOM   547  C  CG1   . ILE C 3 3  ? 2.257   8.650   3.611   1.00 21.66 ? 376 ILE A CG1   1 
ATOM   548  C  CG2   . ILE C 3 3  ? 3.351   6.474   4.179   1.00 21.66 ? 376 ILE A CG2   1 
ATOM   549  C  CD1   . ILE C 3 3  ? 3.389   9.065   2.679   1.00 22.86 ? 376 ILE A CD1   1 
ATOM   550  N  N     . ASP C 3 4  ? 2.491   6.909   7.758   1.00 23.15 ? 377 ASP A N     1 
ATOM   551  C  CA    . ASP C 3 4  ? 2.972   6.054   8.819   1.00 25.48 ? 377 ASP A CA    1 
ATOM   552  C  C     . ASP C 3 4  ? 1.833   5.214   9.373   1.00 24.99 ? 377 ASP A C     1 
ATOM   553  O  O     . ASP C 3 4  ? 2.007   4.050   9.732   1.00 25.16 ? 377 ASP A O     1 
ATOM   554  C  CB    . ASP C 3 4  ? 3.610   6.904   9.913   1.00 28.78 ? 377 ASP A CB    1 
ATOM   555  C  CG    . ASP C 3 4  ? 4.576   6.112   10.753  1.00 32.14 ? 377 ASP A CG    1 
ATOM   556  O  OD1   . ASP C 3 4  ? 4.103   5.379   11.640  1.00 34.75 ? 377 ASP A OD1   1 
ATOM   557  O  OD2   . ASP C 3 4  ? 5.796   6.203   10.505  1.00 35.13 ? 377 ASP A OD2   1 
ATOM   558  N  N     . ASN C 3 5  ? 0.657   5.815   9.414   1.00 24.59 ? 378 ASN A N     1 
ATOM   559  C  CA    . ASN C 3 5  ? -0.527  5.146   9.914   1.00 23.65 ? 378 ASN A CA    1 
ATOM   560  C  C     . ASN C 3 5  ? -0.935  4.027   8.954   1.00 21.49 ? 378 ASN A C     1 
ATOM   561  O  O     . ASN C 3 5  ? -1.259  2.907   9.368   1.00 19.54 ? 378 ASN A O     1 
ATOM   562  C  CB    . ASN C 3 5  ? -1.631  6.179   10.027  1.00 26.67 ? 378 ASN A CB    1 
ATOM   563  C  CG    . ASN C 3 5  ? -2.619  5.824   11.056  1.00 31.08 ? 378 ASN A CG    1 
ATOM   564  O  OD1   . ASN C 3 5  ? -3.551  5.049   10.806  1.00 30.94 ? 378 ASN A OD1   1 
ATOM   565  N  ND2   . ASN C 3 5  ? -2.424  6.365   12.258  1.00 32.87 ? 378 ASN A ND2   1 
ATOM   566  N  N     . ILE C 3 6  ? -0.908  4.348   7.667   1.00 19.50 ? 379 ILE A N     1 
ATOM   567  C  CA    . ILE C 3 6  ? -1.247  3.389   6.626   1.00 18.96 ? 379 ILE A CA    1 
ATOM   568  C  C     . ILE C 3 6  ? -0.312  2.175   6.705   1.00 19.07 ? 379 ILE A C     1 
ATOM   569  O  O     . ILE C 3 6  ? -0.769  1.030   6.672   1.00 17.64 ? 379 ILE A O     1 
ATOM   570  C  CB    . ILE C 3 6  ? -1.139  4.043   5.235   1.00 18.32 ? 379 ILE A CB    1 
ATOM   571  C  CG1   . ILE C 3 6  ? -2.240  5.090   5.082   1.00 20.39 ? 379 ILE A CG1   1 
ATOM   572  C  CG2   . ILE C 3 6  ? -1.228  2.999   4.133   1.00 18.56 ? 379 ILE A CG2   1 
ATOM   573  C  CD1   . ILE C 3 6  ? -2.195  5.857   3.771   1.00 19.57 ? 379 ILE A CD1   1 
ATOM   574  N  N     . GLN C 3 7  ? 0.990   2.432   6.845   1.00 18.80 ? 380 GLN A N     1 
ATOM   575  C  CA    . GLN C 3 7  ? 1.974   1.358   6.922   1.00 19.39 ? 380 GLN A CA    1 
ATOM   576  C  C     . GLN C 3 7  ? 1.760   0.447   8.129   1.00 20.19 ? 380 GLN A C     1 
ATOM   577  O  O     . GLN C 3 7  ? 1.809   -0.782  8.003   1.00 18.70 ? 380 GLN A O     1 
ATOM   578  C  CB    . GLN C 3 7  ? 3.394   1.931   6.947   1.00 18.45 ? 380 GLN A CB    1 
ATOM   579  C  CG    . GLN C 3 7  ? 3.791   2.649   5.662   1.00 18.16 ? 380 GLN A CG    1 
ATOM   580  C  CD    . GLN C 3 7  ? 5.214   3.172   5.694   1.00 20.16 ? 380 GLN A CD    1 
ATOM   581  O  OE1   . GLN C 3 7  ? 5.809   3.304   6.760   1.00 19.21 ? 380 GLN A OE1   1 
ATOM   582  N  NE2   . GLN C 3 7  ? 5.761   3.487   4.521   1.00 17.97 ? 380 GLN A NE2   1 
ATOM   583  N  N     . LYS C 3 8  ? 1.509   1.035   9.294   1.00 20.80 ? 381 LYS A N     1 
ATOM   584  C  CA    . LYS C 3 8  ? 1.304   0.211   10.480  1.00 22.31 ? 381 LYS A CA    1 
ATOM   585  C  C     . LYS C 3 8  ? 0.032   -0.613  10.338  1.00 21.45 ? 381 LYS A C     1 
ATOM   586  O  O     . LYS C 3 8  ? 0.029   -1.811  10.605  1.00 21.50 ? 381 LYS A O     1 
ATOM   587  C  CB    . LYS C 3 8  ? 1.226   1.076   11.729  1.00 23.42 ? 381 LYS A CB    1 
ATOM   588  C  CG    . LYS C 3 8  ? 2.488   1.869   11.995  1.00 29.22 ? 381 LYS A CG    1 
ATOM   589  C  CD    . LYS C 3 8  ? 2.385   2.640   13.293  1.00 31.83 ? 381 LYS A CD    1 
ATOM   590  C  CE    . LYS C 3 8  ? 3.719   3.254   13.687  1.00 33.80 ? 381 LYS A CE    1 
ATOM   591  N  NZ    . LYS C 3 8  ? 3.688   3.623   15.133  1.00 37.22 ? 381 LYS A NZ    1 
ATOM   592  N  N     . THR C 3 9  ? -1.041  0.027   9.887   1.00 21.42 ? 382 THR A N     1 
ATOM   593  C  CA    . THR C 3 9  ? -2.320  -0.659  9.728   1.00 21.41 ? 382 THR A CA    1 
ATOM   594  C  C     . THR C 3 9  ? -2.227  -1.800  8.725   1.00 21.10 ? 382 THR A C     1 
ATOM   595  O  O     . THR C 3 9  ? -2.659  -2.920  9.002   1.00 20.46 ? 382 THR A O     1 
ATOM   596  C  CB    . THR C 3 9  ? -3.423  0.329   9.294   1.00 22.54 ? 382 THR A CB    1 
ATOM   597  O  OG1   . THR C 3 9  ? -3.577  1.337   10.302  1.00 22.88 ? 382 THR A OG1   1 
ATOM   598  C  CG2   . THR C 3 9  ? -4.749  -0.389  9.119   1.00 22.26 ? 382 THR A CG2   1 
ATOM   599  N  N     . VAL C 3 10 ? -1.647  -1.517  7.562   1.00 19.50 ? 383 VAL A N     1 
ATOM   600  C  CA    . VAL C 3 10 ? -1.503  -2.532  6.528   1.00 18.33 ? 383 VAL A CA    1 
ATOM   601  C  C     . VAL C 3 10 ? -0.629  -3.689  7.025   1.00 18.49 ? 383 VAL A C     1 
ATOM   602  O  O     . VAL C 3 10 ? -0.943  -4.853  6.789   1.00 17.30 ? 383 VAL A O     1 
ATOM   603  C  CB    . VAL C 3 10 ? -0.891  -1.930  5.237   1.00 17.94 ? 383 VAL A CB    1 
ATOM   604  C  CG1   . VAL C 3 10 ? -0.520  -3.032  4.267   1.00 17.03 ? 383 VAL A CG1   1 
ATOM   605  C  CG2   . VAL C 3 10 ? -1.884  -0.974  4.593   1.00 15.83 ? 383 VAL A CG2   1 
ATOM   606  N  N     . ALA C 3 11 ? 0.459   -3.369  7.720   1.00 18.61 ? 384 ALA A N     1 
ATOM   607  C  CA    . ALA C 3 11 ? 1.354   -4.405  8.239   1.00 19.28 ? 384 ALA A CA    1 
ATOM   608  C  C     . ALA C 3 11 ? 0.605   -5.362  9.166   1.00 21.16 ? 384 ALA A C     1 
ATOM   609  O  O     . ALA C 3 11 ? 0.691   -6.576  9.033   1.00 20.61 ? 384 ALA A O     1 
ATOM   610  C  CB    . ALA C 3 11 ? 2.506   -3.767  8.991   1.00 18.53 ? 384 ALA A CB    1 
ATOM   611  N  N     . GLU C 3 12 ? -0.134  -4.796  10.106  1.00 22.85 ? 385 GLU A N     1 
ATOM   612  C  CA    . GLU C 3 12 ? -0.896  -5.595  11.050  1.00 25.79 ? 385 GLU A CA    1 
ATOM   613  C  C     . GLU C 3 12 ? -1.942  -6.422  10.304  1.00 25.06 ? 385 GLU A C     1 
ATOM   614  O  O     . GLU C 3 12 ? -2.095  -7.622  10.536  1.00 23.47 ? 385 GLU A O     1 
ATOM   615  C  CB    . GLU C 3 12 ? -1.594  -4.677  12.048  1.00 28.79 ? 385 GLU A CB    1 
ATOM   616  C  CG    . GLU C 3 12 ? -1.875  -5.319  13.391  1.00 36.16 ? 385 GLU A CG    1 
ATOM   617  C  CD    . GLU C 3 12 ? -3.022  -4.645  14.118  1.00 40.24 ? 385 GLU A CD    1 
ATOM   618  O  OE1   . GLU C 3 12 ? -3.181  -3.400  13.981  1.00 40.91 ? 385 GLU A OE1   1 
ATOM   619  O  OE2   . GLU C 3 12 ? -3.756  -5.366  14.841  1.00 42.93 ? 385 GLU A OE2   1 
ATOM   620  N  N     . TYR C 3 13 ? -2.653  -5.765  9.395   1.00 24.74 ? 386 TYR A N     1 
ATOM   621  C  CA    . TYR C 3 13 ? -3.695  -6.416  8.623   1.00 23.25 ? 386 TYR A CA    1 
ATOM   622  C  C     . TYR C 3 13 ? -3.215  -7.679  7.917   1.00 22.78 ? 386 TYR A C     1 
ATOM   623  O  O     . TYR C 3 13 ? -3.918  -8.686  7.923   1.00 18.45 ? 386 TYR A O     1 
ATOM   624  C  CB    . TYR C 3 13 ? -4.261  -5.458  7.584   1.00 23.59 ? 386 TYR A CB    1 
ATOM   625  C  CG    . TYR C 3 13 ? -5.458  -6.004  6.840   1.00 22.69 ? 386 TYR A CG    1 
ATOM   626  C  CD1   . TYR C 3 13 ? -6.732  -5.969  7.405   1.00 22.74 ? 386 TYR A CD1   1 
ATOM   627  C  CD2   . TYR C 3 13 ? -5.319  -6.544  5.566   1.00 24.71 ? 386 TYR A CD2   1 
ATOM   628  C  CE1   . TYR C 3 13 ? -7.838  -6.454  6.719   1.00 22.02 ? 386 TYR A CE1   1 
ATOM   629  C  CE2   . TYR C 3 13 ? -6.416  -7.037  4.863   1.00 23.71 ? 386 TYR A CE2   1 
ATOM   630  C  CZ    . TYR C 3 13 ? -7.676  -6.985  5.448   1.00 23.72 ? 386 TYR A CZ    1 
ATOM   631  O  OH    . TYR C 3 13 ? -8.765  -7.449  4.749   1.00 20.41 ? 386 TYR A OH    1 
ATOM   632  N  N     . TYR C 3 14 ? -2.032  -7.616  7.303   1.00 22.23 ? 387 TYR A N     1 
ATOM   633  C  CA    . TYR C 3 14 ? -1.471  -8.766  6.591   1.00 22.27 ? 387 TYR A CA    1 
ATOM   634  C  C     . TYR C 3 14 ? -0.489  -9.572  7.449   1.00 23.04 ? 387 TYR A C     1 
ATOM   635  O  O     . TYR C 3 14 ? 0.249   -10.421 6.944   1.00 23.31 ? 387 TYR A O     1 
ATOM   636  C  CB    . TYR C 3 14 ? -0.758  -8.303  5.313   1.00 22.00 ? 387 TYR A CB    1 
ATOM   637  C  CG    . TYR C 3 14 ? -1.687  -7.780  4.231   1.00 22.41 ? 387 TYR A CG    1 
ATOM   638  C  CD1   . TYR C 3 14 ? -1.722  -6.423  3.900   1.00 21.67 ? 387 TYR A CD1   1 
ATOM   639  C  CD2   . TYR C 3 14 ? -2.532  -8.647  3.545   1.00 21.87 ? 387 TYR A CD2   1 
ATOM   640  C  CE1   . TYR C 3 14 ? -2.579  -5.950  2.908   1.00 23.40 ? 387 TYR A CE1   1 
ATOM   641  C  CE2   . TYR C 3 14 ? -3.391  -8.186  2.555   1.00 22.47 ? 387 TYR A CE2   1 
ATOM   642  C  CZ    . TYR C 3 14 ? -3.408  -6.845  2.243   1.00 22.21 ? 387 TYR A CZ    1 
ATOM   643  O  OH    . TYR C 3 14 ? -4.252  -6.409  1.253   1.00 24.54 ? 387 TYR A OH    1 
ATOM   644  N  N     . LYS C 3 15 ? -0.480  -9.307  8.747   1.00 22.96 ? 388 LYS A N     1 
ATOM   645  C  CA    . LYS C 3 15 ? 0.426   -10.006 9.652   1.00 23.98 ? 388 LYS A CA    1 
ATOM   646  C  C     . LYS C 3 15 ? 1.895   -9.999  9.208   1.00 23.53 ? 388 LYS A C     1 
ATOM   647  O  O     . LYS C 3 15 ? 2.550   -11.040 9.214   1.00 22.42 ? 388 LYS A O     1 
ATOM   648  C  CB    . LYS C 3 15 ? -0.024  -11.457 9.855   1.00 25.56 ? 388 LYS A CB    1 
ATOM   649  C  CG    . LYS C 3 15 ? -1.428  -11.605 10.405  1.00 27.97 ? 388 LYS A CG    1 
ATOM   650  C  CD    . LYS C 3 15 ? -1.626  -10.746 11.646  1.00 31.16 ? 388 LYS A CD    1 
ATOM   651  C  CE    . LYS C 3 15 ? -3.112  -10.679 12.028  1.00 34.39 ? 388 LYS A CE    1 
ATOM   652  N  NZ    . LYS C 3 15 ? -3.423  -9.491  12.882  1.00 35.19 ? 388 LYS A NZ    1 
ATOM   653  N  N     . ILE C 3 16 ? 2.407   -8.836  8.813   1.00 22.01 ? 389 ILE A N     1 
ATOM   654  C  CA    . ILE C 3 16 ? 3.813   -8.724  8.427   1.00 22.48 ? 389 ILE A CA    1 
ATOM   655  C  C     . ILE C 3 16 ? 4.385   -7.526  9.194   1.00 22.30 ? 389 ILE A C     1 
ATOM   656  O  O     . ILE C 3 16 ? 3.679   -6.911  9.994   1.00 21.70 ? 389 ILE A O     1 
ATOM   657  C  CB    . ILE C 3 16 ? 4.001   -8.547  6.884   1.00 21.85 ? 389 ILE A CB    1 
ATOM   658  C  CG1   . ILE C 3 16 ? 3.282   -7.293  6.392   1.00 22.80 ? 389 ILE A CG1   1 
ATOM   659  C  CG2   . ILE C 3 16 ? 3.474   -9.777  6.154   1.00 21.70 ? 389 ILE A CG2   1 
ATOM   660  C  CD1   . ILE C 3 16 ? 3.426   -7.059  4.887   1.00 19.21 ? 389 ILE A CD1   1 
ATOM   661  N  N     . LYS C 3 17 ? 5.650   -7.195  8.968   1.00 22.39 ? 390 LYS A N     1 
ATOM   662  C  CA    . LYS C 3 17 ? 6.283   -6.086  9.692   1.00 22.49 ? 390 LYS A CA    1 
ATOM   663  C  C     . LYS C 3 17 ? 6.400   -4.810  8.852   1.00 20.96 ? 390 LYS A C     1 
ATOM   664  O  O     . LYS C 3 17 ? 6.521   -4.880  7.644   1.00 20.80 ? 390 LYS A O     1 
ATOM   665  C  CB    . LYS C 3 17 ? 7.683   -6.519  10.153  1.00 21.93 ? 390 LYS A CB    1 
ATOM   666  C  CG    . LYS C 3 17 ? 7.698   -7.779  10.999  1.00 24.60 ? 390 LYS A CG    1 
ATOM   667  C  CD    . LYS C 3 17 ? 9.109   -8.376  11.146  1.00 24.69 ? 390 LYS A CD    1 
ATOM   668  C  CE    . LYS C 3 17 ? 9.074   -9.630  12.024  1.00 26.32 ? 390 LYS A CE    1 
ATOM   669  N  NZ    . LYS C 3 17 ? 10.368  -10.397 12.049  1.00 28.39 ? 390 LYS A NZ    1 
ATOM   670  N  N     . VAL C 3 18 ? 6.366   -3.650  9.499   1.00 20.86 ? 391 VAL A N     1 
ATOM   671  C  CA    . VAL C 3 18 ? 6.508   -2.384  8.783   1.00 21.69 ? 391 VAL A CA    1 
ATOM   672  C  C     . VAL C 3 18 ? 7.813   -2.421  7.981   1.00 22.03 ? 391 VAL A C     1 
ATOM   673  O  O     . VAL C 3 18 ? 7.878   -1.910  6.860   1.00 22.42 ? 391 VAL A O     1 
ATOM   674  C  CB    . VAL C 3 18 ? 6.542   -1.174  9.757   1.00 21.77 ? 391 VAL A CB    1 
ATOM   675  C  CG1   . VAL C 3 18 ? 7.041   0.076   9.030   1.00 22.26 ? 391 VAL A CG1   1 
ATOM   676  C  CG2   . VAL C 3 18 ? 5.140   -0.919  10.314  1.00 22.29 ? 391 VAL A CG2   1 
ATOM   677  N  N     . ALA C 3 19 ? 8.848   -3.032  8.553   1.00 20.11 ? 392 ALA A N     1 
ATOM   678  C  CA    . ALA C 3 19 ? 10.130  -3.125  7.859   1.00 21.06 ? 392 ALA A CA    1 
ATOM   679  C  C     . ALA C 3 19 ? 9.960   -3.847  6.519   1.00 20.50 ? 392 ALA A C     1 
ATOM   680  O  O     . ALA C 3 19 ? 10.649  -3.535  5.553   1.00 21.47 ? 392 ALA A O     1 
ATOM   681  C  CB    . ALA C 3 19 ? 11.157  -3.849  8.729   1.00 20.63 ? 392 ALA A CB    1 
ATOM   682  N  N     . ASP C 3 20 ? 9.035   -4.802  6.457   1.00 20.50 ? 393 ASP A N     1 
ATOM   683  C  CA    . ASP C 3 20 ? 8.792   -5.531  5.208   1.00 20.07 ? 393 ASP A CA    1 
ATOM   684  C  C     . ASP C 3 20 ? 8.292   -4.591  4.124   1.00 20.21 ? 393 ASP A C     1 
ATOM   685  O  O     . ASP C 3 20 ? 8.589   -4.769  2.938   1.00 19.22 ? 393 ASP A O     1 
ATOM   686  C  CB    . ASP C 3 20 ? 7.768   -6.637  5.413   1.00 21.00 ? 393 ASP A CB    1 
ATOM   687  C  CG    . ASP C 3 20 ? 8.283   -7.746  6.302   1.00 23.36 ? 393 ASP A CG    1 
ATOM   688  O  OD1   . ASP C 3 20 ? 9.394   -8.244  6.032   1.00 21.88 ? 393 ASP A OD1   1 
ATOM   689  O  OD2   . ASP C 3 20 ? 7.575   -8.120  7.255   1.00 22.74 ? 393 ASP A OD2   1 
ATOM   690  N  N     . LEU C 3 21 ? 7.517   -3.590  4.529   1.00 19.44 ? 394 LEU A N     1 
ATOM   691  C  CA    . LEU C 3 21 ? 7.000   -2.632  3.567   1.00 20.05 ? 394 LEU A CA    1 
ATOM   692  C  C     . LEU C 3 21 ? 8.114   -1.750  2.988   1.00 20.97 ? 394 LEU A C     1 
ATOM   693  O  O     . LEU C 3 21 ? 8.021   -1.301  1.844   1.00 21.52 ? 394 LEU A O     1 
ATOM   694  C  CB    . LEU C 3 21 ? 5.930   -1.760  4.216   1.00 19.82 ? 394 LEU A CB    1 
ATOM   695  C  CG    . LEU C 3 21 ? 4.658   -2.484  4.646   1.00 20.34 ? 394 LEU A CG    1 
ATOM   696  C  CD1   . LEU C 3 21 ? 3.689   -1.490  5.275   1.00 22.24 ? 394 LEU A CD1   1 
ATOM   697  C  CD2   . LEU C 3 21 ? 4.022   -3.158  3.438   1.00 21.82 ? 394 LEU A CD2   1 
ATOM   698  N  N     . LEU C 3 22 ? 9.164   -1.508  3.775   1.00 20.28 ? 395 LEU A N     1 
ATOM   699  C  CA    . LEU C 3 22 ? 10.280  -0.675  3.322   1.00 19.91 ? 395 LEU A CA    1 
ATOM   700  C  C     . LEU C 3 22 ? 11.320  -1.505  2.568   1.00 19.31 ? 395 LEU A C     1 
ATOM   701  O  O     . LEU C 3 22 ? 11.955  -1.024  1.636   1.00 19.38 ? 395 LEU A O     1 
ATOM   702  C  CB    . LEU C 3 22 ? 10.951  0.008   4.517   1.00 19.95 ? 395 LEU A CB    1 
ATOM   703  C  CG    . LEU C 3 22 ? 10.050  0.794   5.476   1.00 22.09 ? 395 LEU A CG    1 
ATOM   704  C  CD1   . LEU C 3 22 ? 10.904  1.344   6.606   1.00 24.15 ? 395 LEU A CD1   1 
ATOM   705  C  CD2   . LEU C 3 22 ? 9.354   1.927   4.746   1.00 22.09 ? 395 LEU A CD2   1 
ATOM   706  N  N     . SER C 3 23 ? 11.492  -2.752  2.989   1.00 17.05 ? 396 SER A N     1 
ATOM   707  C  CA    . SER C 3 23 ? 12.443  -3.667  2.369   1.00 18.86 ? 396 SER A CA    1 
ATOM   708  C  C     . SER C 3 23 ? 12.283  -3.783  0.848   1.00 19.24 ? 396 SER A C     1 
ATOM   709  O  O     . SER C 3 23 ? 11.188  -3.622  0.321   1.00 19.32 ? 396 SER A O     1 
ATOM   710  C  CB    . SER C 3 23 ? 12.282  -5.057  2.985   1.00 18.33 ? 396 SER A CB    1 
ATOM   711  O  OG    . SER C 3 23 ? 12.886  -6.038  2.161   1.00 23.40 ? 396 SER A OG    1 
ATOM   712  N  N     . LYS C 3 24 ? 13.382  -4.075  0.160   1.00 20.60 ? 397 LYS A N     1 
ATOM   713  C  CA    . LYS C 3 24 ? 13.379  -4.242  -1.298  1.00 22.95 ? 397 LYS A CA    1 
ATOM   714  C  C     . LYS C 3 24 ? 12.854  -5.622  -1.711  1.00 21.42 ? 397 LYS A C     1 
ATOM   715  O  O     . LYS C 3 24 ? 12.714  -5.903  -2.905  1.00 21.09 ? 397 LYS A O     1 
ATOM   716  C  CB    . LYS C 3 24 ? 14.794  -4.112  -1.861  1.00 25.24 ? 397 LYS A CB    1 
ATOM   717  C  CG    . LYS C 3 24 ? 15.447  -2.755  -1.772  1.00 27.84 ? 397 LYS A CG    1 
ATOM   718  C  CD    . LYS C 3 24 ? 16.900  -2.910  -2.219  1.00 30.41 ? 397 LYS A CD    1 
ATOM   719  C  CE    . LYS C 3 24 ? 17.650  -1.590  -2.282  1.00 33.69 ? 397 LYS A CE    1 
ATOM   720  N  NZ    . LYS C 3 24 ? 19.061  -1.807  -2.731  1.00 35.46 ? 397 LYS A NZ    1 
ATOM   721  N  N     . ARG C 3 25 ? 12.583  -6.485  -0.734  1.00 20.33 ? 398 ARG A N     1 
ATOM   722  C  CA    . ARG C 3 25 ? 12.098  -7.834  -1.032  1.00 21.32 ? 398 ARG A CA    1 
ATOM   723  C  C     . ARG C 3 25 ? 10.865  -7.786  -1.939  1.00 20.87 ? 398 ARG A C     1 
ATOM   724  O  O     . ARG C 3 25 ? 9.893   -7.105  -1.632  1.00 20.62 ? 398 ARG A O     1 
ATOM   725  C  CB    . ARG C 3 25 ? 11.748  -8.562  0.255   1.00 22.45 ? 398 ARG A CB    1 
ATOM   726  C  CG    . ARG C 3 25 ? 11.492  -10.042 0.066   1.00 26.23 ? 398 ARG A CG    1 
ATOM   727  C  CD    . ARG C 3 25 ? 11.061  -10.672 1.381   1.00 29.06 ? 398 ARG A CD    1 
ATOM   728  N  NE    . ARG C 3 25 ? 10.846  -12.110 1.280   1.00 31.49 ? 398 ARG A NE    1 
ATOM   729  C  CZ    . ARG C 3 25 ? 10.033  -12.791 2.082   1.00 33.56 ? 398 ARG A CZ    1 
ATOM   730  N  NH1   . ARG C 3 25 ? 9.362   -12.151 3.036   1.00 32.53 ? 398 ARG A NH1   1 
ATOM   731  N  NH2   . ARG C 3 25 ? 9.882   -14.099 1.928   1.00 34.04 ? 398 ARG A NH2   1 
ATOM   732  N  N     . ARG C 3 26 ? 10.902  -8.521  -3.047  1.00 21.59 ? 399 ARG A N     1 
ATOM   733  C  CA    . ARG C 3 26 ? 9.774   -8.517  -3.981  1.00 20.66 ? 399 ARG A CA    1 
ATOM   734  C  C     . ARG C 3 26 ? 8.776   -9.656  -3.856  1.00 20.05 ? 399 ARG A C     1 
ATOM   735  O  O     . ARG C 3 26 ? 7.749   -9.656  -4.539  1.00 20.09 ? 399 ARG A O     1 
ATOM   736  C  CB    . ARG C 3 26 ? 10.283  -8.465  -5.413  1.00 19.46 ? 399 ARG A CB    1 
ATOM   737  C  CG    . ARG C 3 26 ? 11.041  -7.209  -5.741  1.00 18.67 ? 399 ARG A CG    1 
ATOM   738  C  CD    . ARG C 3 26 ? 11.273  -7.100  -7.244  1.00 18.18 ? 399 ARG A CD    1 
ATOM   739  N  NE    . ARG C 3 26 ? 12.451  -6.295  -7.528  1.00 20.55 ? 399 ARG A NE    1 
ATOM   740  C  CZ    . ARG C 3 26 ? 13.064  -6.244  -8.705  1.00 20.40 ? 399 ARG A CZ    1 
ATOM   741  N  NH1   . ARG C 3 26 ? 12.607  -6.949  -9.726  1.00 21.01 ? 399 ARG A NH1   1 
ATOM   742  N  NH2   . ARG C 3 26 ? 14.153  -5.507  -8.846  1.00 19.68 ? 399 ARG A NH2   1 
ATOM   743  N  N     . SER C 3 27 ? 9.067   -10.623 -2.992  1.00 20.15 ? 400 SER A N     1 
ATOM   744  C  CA    . SER C 3 27 ? 8.165   -11.759 -2.781  1.00 19.75 ? 400 SER A CA    1 
ATOM   745  C  C     . SER C 3 27 ? 6.743   -11.221 -2.644  1.00 20.11 ? 400 SER A C     1 
ATOM   746  O  O     . SER C 3 27 ? 6.505   -10.239 -1.940  1.00 20.96 ? 400 SER A O     1 
ATOM   747  C  CB    . SER C 3 27 ? 8.560   -12.507 -1.509  1.00 19.37 ? 400 SER A CB    1 
ATOM   748  O  OG    . SER C 3 27 ? 9.912   -12.911 -1.570  1.00 21.51 ? 400 SER A OG    1 
ATOM   749  N  N     . ARG C 3 28 ? 5.803   -11.865 -3.319  1.00 19.84 ? 401 ARG A N     1 
ATOM   750  C  CA    . ARG C 3 28 ? 4.414   -11.427 -3.302  1.00 20.52 ? 401 ARG A CA    1 
ATOM   751  C  C     . ARG C 3 28 ? 3.808   -11.321 -1.900  1.00 20.30 ? 401 ARG A C     1 
ATOM   752  O  O     . ARG C 3 28 ? 2.987   -10.437 -1.640  1.00 20.79 ? 401 ARG A O     1 
ATOM   753  C  CB    . ARG C 3 28 ? 3.582   -12.357 -4.193  1.00 21.68 ? 401 ARG A CB    1 
ATOM   754  C  CG    . ARG C 3 28 ? 2.269   -11.760 -4.651  1.00 22.31 ? 401 ARG A CG    1 
ATOM   755  C  CD    . ARG C 3 28 ? 1.597   -12.592 -5.737  1.00 22.06 ? 401 ARG A CD    1 
ATOM   756  N  NE    . ARG C 3 28 ? 2.088   -12.275 -7.077  1.00 23.91 ? 401 ARG A NE    1 
ATOM   757  C  CZ    . ARG C 3 28 ? 1.626   -12.842 -8.188  1.00 24.93 ? 401 ARG A CZ    1 
ATOM   758  N  NH1   . ARG C 3 28 ? 0.666   -13.757 -8.116  1.00 25.11 ? 401 ARG A NH1   1 
ATOM   759  N  NH2   . ARG C 3 28 ? 2.109   -12.488 -9.370  1.00 25.84 ? 401 ARG A NH2   1 
ATOM   760  N  N     . SER C 3 29 ? 4.226   -12.202 -0.994  1.00 18.75 ? 402 SER A N     1 
ATOM   761  C  CA    . SER C 3 29 ? 3.721   -12.181 0.376   1.00 20.05 ? 402 SER A CA    1 
ATOM   762  C  C     . SER C 3 29 ? 3.927   -10.811 1.028   1.00 20.16 ? 402 SER A C     1 
ATOM   763  O  O     . SER C 3 29 ? 3.212   -10.455 1.963   1.00 20.26 ? 402 SER A O     1 
ATOM   764  C  CB    . SER C 3 29 ? 4.407   -13.261 1.216   1.00 20.16 ? 402 SER A CB    1 
ATOM   765  O  OG    . SER C 3 29 ? 5.808   -13.089 1.157   1.00 20.95 ? 402 SER A OG    1 
ATOM   766  N  N     . VAL C 3 30 ? 4.907   -10.042 0.556   1.00 18.85 ? 403 VAL A N     1 
ATOM   767  C  CA    . VAL C 3 30 ? 5.104   -8.709  1.123   1.00 18.77 ? 403 VAL A CA    1 
ATOM   768  C  C     . VAL C 3 30 ? 4.942   -7.576  0.089   1.00 19.45 ? 403 VAL A C     1 
ATOM   769  O  O     . VAL C 3 30 ? 4.498   -6.479  0.426   1.00 18.94 ? 403 VAL A O     1 
ATOM   770  C  CB    . VAL C 3 30 ? 6.471   -8.582  1.837   1.00 17.78 ? 403 VAL A CB    1 
ATOM   771  C  CG1   . VAL C 3 30 ? 6.515   -9.543  3.002   1.00 18.64 ? 403 VAL A CG1   1 
ATOM   772  C  CG2   . VAL C 3 30 ? 7.610   -8.861  0.883   1.00 18.04 ? 403 VAL A CG2   1 
ATOM   773  N  N     . ALA C 3 31 ? 5.276   -7.847  -1.169  1.00 18.80 ? 404 ALA A N     1 
ATOM   774  C  CA    . ALA C 3 31 ? 5.152   -6.833  -2.215  1.00 18.44 ? 404 ALA A CA    1 
ATOM   775  C  C     . ALA C 3 31 ? 3.692   -6.456  -2.473  1.00 19.30 ? 404 ALA A C     1 
ATOM   776  O  O     . ALA C 3 31 ? 3.395   -5.302  -2.807  1.00 18.28 ? 404 ALA A O     1 
ATOM   777  C  CB    . ALA C 3 31 ? 5.799   -7.318  -3.500  1.00 19.28 ? 404 ALA A CB    1 
ATOM   778  N  N     . ARG C 3 32 ? 2.785   -7.427  -2.340  1.00 19.66 ? 405 ARG A N     1 
ATOM   779  C  CA    . ARG C 3 32 ? 1.357   -7.163  -2.538  1.00 20.69 ? 405 ARG A CA    1 
ATOM   780  C  C     . ARG C 3 32 ? 0.905   -6.227  -1.433  1.00 18.80 ? 405 ARG A C     1 
ATOM   781  O  O     . ARG C 3 32 ? 0.314   -5.181  -1.696  1.00 19.88 ? 405 ARG A O     1 
ATOM   782  C  CB    . ARG C 3 32 ? 0.542   -8.454  -2.463  1.00 22.37 ? 405 ARG A CB    1 
ATOM   783  C  CG    . ARG C 3 32 ? 0.497   -9.242  -3.739  1.00 28.17 ? 405 ARG A CG    1 
ATOM   784  C  CD    . ARG C 3 32 ? -0.744  -8.886  -4.546  1.00 29.99 ? 405 ARG A CD    1 
ATOM   785  N  NE    . ARG C 3 32 ? -0.869  -9.739  -5.718  1.00 29.87 ? 405 ARG A NE    1 
ATOM   786  C  CZ    . ARG C 3 32 ? -0.224  -9.541  -6.863  1.00 31.52 ? 405 ARG A CZ    1 
ATOM   787  N  NH1   . ARG C 3 32 ? 0.606   -8.501  -7.001  1.00 29.93 ? 405 ARG A NH1   1 
ATOM   788  N  NH2   . ARG C 3 32 ? -0.416  -10.385 -7.871  1.00 29.29 ? 405 ARG A NH2   1 
ATOM   789  N  N     . PRO C 3 33 ? 1.172   -6.593  -0.166  1.00 17.34 ? 406 PRO A N     1 
ATOM   790  C  CA    . PRO C 3 33 ? 0.743   -5.684  0.896   1.00 16.33 ? 406 PRO A CA    1 
ATOM   791  C  C     . PRO C 3 33 ? 1.380   -4.315  0.704   1.00 15.73 ? 406 PRO A C     1 
ATOM   792  O  O     . PRO C 3 33 ? 0.744   -3.293  0.951   1.00 13.51 ? 406 PRO A O     1 
ATOM   793  C  CB    . PRO C 3 33 ? 1.237   -6.373  2.162   1.00 14.76 ? 406 PRO A CB    1 
ATOM   794  C  CG    . PRO C 3 33 ? 1.132   -7.824  1.805   1.00 16.30 ? 406 PRO A CG    1 
ATOM   795  C  CD    . PRO C 3 33 ? 1.699   -7.849  0.400   1.00 16.08 ? 406 PRO A CD    1 
ATOM   796  N  N     . ARG C 3 34 ? 2.632   -4.304  0.242   1.00 15.71 ? 407 ARG A N     1 
ATOM   797  C  CA    . ARG C 3 34 ? 3.348   -3.044  0.026   1.00 15.94 ? 407 ARG A CA    1 
ATOM   798  C  C     . ARG C 3 34 ? 2.624   -2.209  -1.028  1.00 15.77 ? 407 ARG A C     1 
ATOM   799  O  O     . ARG C 3 34 ? 2.355   -1.028  -0.819  1.00 16.39 ? 407 ARG A O     1 
ATOM   800  C  CB    . ARG C 3 34 ? 4.800   -3.291  -0.417  1.00 14.42 ? 407 ARG A CB    1 
ATOM   801  C  CG    . ARG C 3 34 ? 5.695   -2.040  -0.335  1.00 15.89 ? 407 ARG A CG    1 
ATOM   802  C  CD    . ARG C 3 34 ? 7.133   -2.345  -0.783  1.00 16.35 ? 407 ARG A CD    1 
ATOM   803  N  NE    . ARG C 3 34 ? 7.717   -3.419  0.013   1.00 15.97 ? 407 ARG A NE    1 
ATOM   804  C  CZ    . ARG C 3 34 ? 8.200   -4.560  -0.482  1.00 18.74 ? 407 ARG A CZ    1 
ATOM   805  N  NH1   . ARG C 3 34 ? 8.186   -4.795  -1.793  1.00 13.50 ? 407 ARG A NH1   1 
ATOM   806  N  NH2   . ARG C 3 34 ? 8.675   -5.488  0.340   1.00 15.54 ? 407 ARG A NH2   1 
ATOM   807  N  N     . GLN C 3 35 ? 2.315   -2.826  -2.159  1.00 15.41 ? 408 GLN A N     1 
ATOM   808  C  CA    . GLN C 3 35 ? 1.607   -2.129  -3.222  1.00 16.91 ? 408 GLN A CA    1 
ATOM   809  C  C     . GLN C 3 35 ? 0.256   -1.606  -2.702  1.00 17.91 ? 408 GLN A C     1 
ATOM   810  O  O     . GLN C 3 35 ? -0.141  -0.489  -3.020  1.00 18.28 ? 408 GLN A O     1 
ATOM   811  C  CB    . GLN C 3 35 ? 1.410   -3.063  -4.419  1.00 16.84 ? 408 GLN A CB    1 
ATOM   812  C  CG    . GLN C 3 35 ? 2.707   -3.427  -5.157  1.00 16.28 ? 408 GLN A CG    1 
ATOM   813  C  CD    . GLN C 3 35 ? 2.428   -4.288  -6.368  1.00 18.18 ? 408 GLN A CD    1 
ATOM   814  O  OE1   . GLN C 3 35 ? 1.730   -5.296  -6.269  1.00 18.91 ? 408 GLN A OE1   1 
ATOM   815  N  NE2   . GLN C 3 35 ? 2.963   -3.898  -7.516  1.00 17.63 ? 408 GLN A NE2   1 
HETATM 816  N  N     . MSE C 3 36 ? -0.430  -2.407  -1.887  1.00 18.81 ? 409 MSE A N     1 
HETATM 817  C  CA    . MSE C 3 36 ? -1.717  -2.001  -1.323  1.00 20.20 ? 409 MSE A CA    1 
HETATM 818  C  C     . MSE C 3 36 ? -1.496  -0.766  -0.449  1.00 19.95 ? 409 MSE A C     1 
HETATM 819  O  O     . MSE C 3 36 ? -2.243  0.211   -0.529  1.00 19.89 ? 409 MSE A O     1 
HETATM 820  C  CB    . MSE C 3 36 ? -2.329  -3.150  -0.506  1.00 20.29 ? 409 MSE A CB    1 
HETATM 821  C  CG    . MSE C 3 36 ? -3.544  -2.750  0.329   1.00 23.68 ? 409 MSE A CG    1 
HETATM 822  SE SE    . MSE C 3 36 ? -5.078  -2.260  -0.754  1.00 30.85 ? 409 MSE A SE    1 
HETATM 823  C  CE    . MSE C 3 36 ? -5.452  -4.051  -1.434  1.00 25.90 ? 409 MSE A CE    1 
ATOM   824  N  N     . ALA C 3 37 ? -0.438  -0.791  0.350   1.00 20.80 ? 410 ALA A N     1 
ATOM   825  C  CA    . ALA C 3 37 ? -0.138  0.341   1.216   1.00 21.28 ? 410 ALA A CA    1 
ATOM   826  C  C     . ALA C 3 37 ? 0.193   1.593   0.406   1.00 21.20 ? 410 ALA A C     1 
ATOM   827  O  O     . ALA C 3 37 ? -0.207  2.713   0.773   1.00 21.45 ? 410 ALA A O     1 
ATOM   828  C  CB    . ALA C 3 37 ? 1.012   -0.002  2.139   1.00 20.82 ? 410 ALA A CB    1 
HETATM 829  N  N     . MSE C 3 38 ? 0.911   1.410   -0.700  1.00 19.49 ? 411 MSE A N     1 
HETATM 830  C  CA    . MSE C 3 38 ? 1.279   2.550   -1.518  1.00 18.47 ? 411 MSE A CA    1 
HETATM 831  C  C     . MSE C 3 38 ? 0.053   3.125   -2.225  1.00 16.91 ? 411 MSE A C     1 
HETATM 832  O  O     . MSE C 3 38 ? -0.155  4.333   -2.224  1.00 15.33 ? 411 MSE A O     1 
HETATM 833  C  CB    . MSE C 3 38 ? 2.372   2.157   -2.518  1.00 20.18 ? 411 MSE A CB    1 
HETATM 834  C  CG    . MSE C 3 38 ? 3.738   1.848   -1.877  1.00 22.10 ? 411 MSE A CG    1 
HETATM 835  SE SE    . MSE C 3 38 ? 5.200   1.654   -3.162  1.00 29.47 ? 411 MSE A SE    1 
HETATM 836  C  CE    . MSE C 3 38 ? 4.883   -0.214  -3.617  1.00 21.28 ? 411 MSE A CE    1 
ATOM   837  N  N     . ALA C 3 39 ? -0.788  2.256   -2.774  1.00 15.99 ? 412 ALA A N     1 
ATOM   838  C  CA    . ALA C 3 39 ? -2.005  2.703   -3.456  1.00 15.86 ? 412 ALA A CA    1 
ATOM   839  C  C     . ALA C 3 39 ? -2.916  3.434   -2.458  1.00 16.44 ? 412 ALA A C     1 
ATOM   840  O  O     . ALA C 3 39 ? -3.510  4.461   -2.785  1.00 16.31 ? 412 ALA A O     1 
ATOM   841  C  CB    . ALA C 3 39 ? -2.728  1.515   -4.065  1.00 14.58 ? 412 ALA A CB    1 
ATOM   842  N  N     . LEU C 3 40 ? -3.001  2.923   -1.233  1.00 17.18 ? 413 LEU A N     1 
ATOM   843  C  CA    . LEU C 3 40 ? -3.829  3.567   -0.221  1.00 17.38 ? 413 LEU A CA    1 
ATOM   844  C  C     . LEU C 3 40 ? -3.265  4.949   0.081   1.00 18.10 ? 413 LEU A C     1 
ATOM   845  O  O     . LEU C 3 40 ? -4.019  5.914   0.218   1.00 17.40 ? 413 LEU A O     1 
ATOM   846  C  CB    . LEU C 3 40 ? -3.882  2.738   1.064   1.00 18.08 ? 413 LEU A CB    1 
ATOM   847  C  CG    . LEU C 3 40 ? -4.849  1.550   1.033   1.00 20.36 ? 413 LEU A CG    1 
ATOM   848  C  CD1   . LEU C 3 40 ? -4.747  0.762   2.327   1.00 20.30 ? 413 LEU A CD1   1 
ATOM   849  C  CD2   . LEU C 3 40 ? -6.276  2.052   0.827   1.00 19.09 ? 413 LEU A CD2   1 
ATOM   850  N  N     . ALA C 3 41 ? -1.941  5.036   0.178   1.00 17.02 ? 414 ALA A N     1 
ATOM   851  C  CA    . ALA C 3 41 ? -1.273  6.303   0.441   1.00 18.30 ? 414 ALA A CA    1 
ATOM   852  C  C     . ALA C 3 41 ? -1.750  7.329   -0.582  1.00 19.15 ? 414 ALA A C     1 
ATOM   853  O  O     . ALA C 3 41 ? -2.099  8.461   -0.233  1.00 18.74 ? 414 ALA A O     1 
ATOM   854  C  CB    . ALA C 3 41 ? 0.241   6.136   0.337   1.00 17.68 ? 414 ALA A CB    1 
ATOM   855  N  N     . LYS C 3 42 ? -1.786  6.915   -1.844  1.00 20.08 ? 415 LYS A N     1 
ATOM   856  C  CA    . LYS C 3 42 ? -2.211  7.793   -2.929  1.00 22.61 ? 415 LYS A CA    1 
ATOM   857  C  C     . LYS C 3 42 ? -3.703  8.152   -2.910  1.00 22.93 ? 415 LYS A C     1 
ATOM   858  O  O     . LYS C 3 42 ? -4.071  9.274   -3.243  1.00 23.58 ? 415 LYS A O     1 
ATOM   859  C  CB    . LYS C 3 42 ? -1.846  7.162   -4.279  1.00 23.01 ? 415 LYS A CB    1 
ATOM   860  C  CG    . LYS C 3 42 ? -2.160  8.036   -5.482  1.00 26.78 ? 415 LYS A CG    1 
ATOM   861  C  CD    . LYS C 3 42 ? -1.385  9.354   -5.437  1.00 29.67 ? 415 LYS A CD    1 
ATOM   862  C  CE    . LYS C 3 42 ? -1.872  10.328  -6.520  1.00 32.16 ? 415 LYS A CE    1 
ATOM   863  N  NZ    . LYS C 3 42 ? -1.065  11.596  -6.517  1.00 34.06 ? 415 LYS A NZ    1 
ATOM   864  N  N     . GLU C 3 43 ? -4.554  7.207   -2.517  1.00 23.88 ? 416 GLU A N     1 
ATOM   865  C  CA    . GLU C 3 43 ? -6.005  7.418   -2.473  1.00 25.23 ? 416 GLU A CA    1 
ATOM   866  C  C     . GLU C 3 43 ? -6.508  8.088   -1.194  1.00 25.77 ? 416 GLU A C     1 
ATOM   867  O  O     . GLU C 3 43 ? -7.539  8.763   -1.204  1.00 26.01 ? 416 GLU A O     1 
ATOM   868  C  CB    . GLU C 3 43 ? -6.734  6.076   -2.614  1.00 26.63 ? 416 GLU A CB    1 
ATOM   869  C  CG    . GLU C 3 43 ? -6.354  5.281   -3.843  1.00 30.84 ? 416 GLU A CG    1 
ATOM   870  C  CD    . GLU C 3 43 ? -6.948  5.849   -5.113  1.00 34.69 ? 416 GLU A CD    1 
ATOM   871  O  OE1   . GLU C 3 43 ? -6.979  7.090   -5.250  1.00 36.11 ? 416 GLU A OE1   1 
ATOM   872  O  OE2   . GLU C 3 43 ? -7.375  5.049   -5.981  1.00 38.59 ? 416 GLU A OE2   1 
ATOM   873  N  N     . LEU C 3 44 ? -5.792  7.883   -0.095  1.00 24.00 ? 417 LEU A N     1 
ATOM   874  C  CA    . LEU C 3 44 ? -6.182  8.427   1.201   1.00 23.47 ? 417 LEU A CA    1 
ATOM   875  C  C     . LEU C 3 44 ? -5.521  9.747   1.589   1.00 22.74 ? 417 LEU A C     1 
ATOM   876  O  O     . LEU C 3 44 ? -6.053  10.489  2.412   1.00 22.92 ? 417 LEU A O     1 
ATOM   877  C  CB    . LEU C 3 44 ? -5.900  7.392   2.290   1.00 23.80 ? 417 LEU A CB    1 
ATOM   878  C  CG    . LEU C 3 44 ? -6.993  6.401   2.698   1.00 25.04 ? 417 LEU A CG    1 
ATOM   879  C  CD1   . LEU C 3 44 ? -7.997  6.169   1.582   1.00 26.05 ? 417 LEU A CD1   1 
ATOM   880  C  CD2   . LEU C 3 44 ? -6.334  5.120   3.134   1.00 23.62 ? 417 LEU A CD2   1 
ATOM   881  N  N     . THR C 3 45 ? -4.364  10.040  1.011   1.00 21.00 ? 418 THR A N     1 
ATOM   882  C  CA    . THR C 3 45 ? -3.662  11.269  1.339   1.00 20.76 ? 418 THR A CA    1 
ATOM   883  C  C     . THR C 3 45 ? -3.471  12.135  0.116   1.00 22.30 ? 418 THR A C     1 
ATOM   884  O  O     . THR C 3 45 ? -3.818  11.748  -0.992  1.00 20.87 ? 418 THR A O     1 
ATOM   885  C  CB    . THR C 3 45 ? -2.276  10.997  1.903   1.00 20.36 ? 418 THR A CB    1 
ATOM   886  O  OG1   . THR C 3 45 ? -1.394  10.638  0.832   1.00 19.95 ? 418 THR A OG1   1 
ATOM   887  C  CG2   . THR C 3 45 ? -2.333  9.871   2.918   1.00 19.48 ? 418 THR A CG2   1 
ATOM   888  N  N     . ASN C 3 46 ? -2.896  13.310  0.344   1.00 24.57 ? 419 ASN A N     1 
ATOM   889  C  CA    . ASN C 3 46 ? -2.621  14.275  -0.703  1.00 26.04 ? 419 ASN A CA    1 
ATOM   890  C  C     . ASN C 3 46 ? -1.143  14.283  -1.086  1.00 25.11 ? 419 ASN A C     1 
ATOM   891  O  O     . ASN C 3 46 ? -0.684  15.208  -1.750  1.00 24.52 ? 419 ASN A O     1 
ATOM   892  C  CB    . ASN C 3 46 ? -3.027  15.664  -0.223  1.00 29.09 ? 419 ASN A CB    1 
ATOM   893  C  CG    . ASN C 3 46 ? -4.518  15.783  -0.006  1.00 32.65 ? 419 ASN A CG    1 
ATOM   894  O  OD1   . ASN C 3 46 ? -5.295  15.795  -0.961  1.00 34.25 ? 419 ASN A OD1   1 
ATOM   895  N  ND2   . ASN C 3 46 ? -4.931  15.861  1.259   1.00 35.34 ? 419 ASN A ND2   1 
ATOM   896  N  N     . HIS C 3 47 ? -0.400  13.263  -0.656  1.00 23.98 ? 420 HIS A N     1 
ATOM   897  C  CA    . HIS C 3 47 ? 1.031   13.171  -0.962  1.00 23.66 ? 420 HIS A CA    1 
ATOM   898  C  C     . HIS C 3 47 ? 1.265   12.839  -2.425  1.00 21.82 ? 420 HIS A C     1 
ATOM   899  O  O     . HIS C 3 47 ? 0.515   12.071  -3.020  1.00 19.80 ? 420 HIS A O     1 
ATOM   900  C  CB    . HIS C 3 47 ? 1.709   12.098  -0.102  1.00 24.41 ? 420 HIS A CB    1 
ATOM   901  C  CG    . HIS C 3 47 ? 1.795   12.457  1.348   1.00 28.31 ? 420 HIS A CG    1 
ATOM   902  N  ND1   . HIS C 3 47 ? 2.602   13.472  1.815   1.00 28.04 ? 420 HIS A ND1   1 
ATOM   903  C  CD2   . HIS C 3 47 ? 1.141   11.969  2.431   1.00 27.34 ? 420 HIS A CD2   1 
ATOM   904  C  CE1   . HIS C 3 47 ? 2.441   13.596  3.120   1.00 28.52 ? 420 HIS A CE1   1 
ATOM   905  N  NE2   . HIS C 3 47 ? 1.558   12.698  3.519   1.00 28.55 ? 420 HIS A NE2   1 
ATOM   906  N  N     . SER C 3 48 ? 2.315   13.421  -2.992  1.00 21.69 ? 421 SER A N     1 
ATOM   907  C  CA    . SER C 3 48 ? 2.670   13.183  -4.393  1.00 21.19 ? 421 SER A CA    1 
ATOM   908  C  C     . SER C 3 48 ? 3.264   11.787  -4.528  1.00 20.78 ? 421 SER A C     1 
ATOM   909  O  O     . SER C 3 48 ? 3.562   11.136  -3.529  1.00 19.77 ? 421 SER A O     1 
ATOM   910  C  CB    . SER C 3 48 ? 3.709   14.210  -4.848  1.00 21.73 ? 421 SER A CB    1 
ATOM   911  O  OG    . SER C 3 48 ? 4.910   14.066  -4.109  1.00 19.41 ? 421 SER A OG    1 
ATOM   912  N  N     . LEU C 3 49 ? 3.451   11.337  -5.761  1.00 20.31 ? 422 LEU A N     1 
ATOM   913  C  CA    . LEU C 3 49 ? 4.035   10.018  -5.984  1.00 20.41 ? 422 LEU A CA    1 
ATOM   914  C  C     . LEU C 3 49 ? 5.472   9.968   -5.457  1.00 19.40 ? 422 LEU A C     1 
ATOM   915  O  O     . LEU C 3 49 ? 5.893   8.966   -4.893  1.00 18.54 ? 422 LEU A O     1 
ATOM   916  C  CB    . LEU C 3 49 ? 4.000   9.666   -7.477  1.00 21.10 ? 422 LEU A CB    1 
ATOM   917  C  CG    . LEU C 3 49 ? 2.579   9.574   -8.051  1.00 21.59 ? 422 LEU A CG    1 
ATOM   918  C  CD1   . LEU C 3 49 ? 2.600   9.525   -9.563  1.00 19.89 ? 422 LEU A CD1   1 
ATOM   919  C  CD2   . LEU C 3 49 ? 1.899   8.343   -7.479  1.00 22.03 ? 422 LEU A CD2   1 
ATOM   920  N  N     . PRO C 3 50 ? 6.248   11.051  -5.643  1.00 18.86 ? 423 PRO A N     1 
ATOM   921  C  CA    . PRO C 3 50 ? 7.629   11.014  -5.140  1.00 18.90 ? 423 PRO A CA    1 
ATOM   922  C  C     . PRO C 3 50 ? 7.723   10.906  -3.621  1.00 19.12 ? 423 PRO A C     1 
ATOM   923  O  O     . PRO C 3 50 ? 8.583   10.203  -3.106  1.00 17.27 ? 423 PRO A O     1 
ATOM   924  C  CB    . PRO C 3 50 ? 8.217   12.322  -5.659  1.00 17.76 ? 423 PRO A CB    1 
ATOM   925  C  CG    . PRO C 3 50 ? 7.508   12.502  -6.942  1.00 18.91 ? 423 PRO A CG    1 
ATOM   926  C  CD    . PRO C 3 50 ? 6.077   12.176  -6.580  1.00 18.35 ? 423 PRO A CD    1 
ATOM   927  N  N     . GLU C 3 51 ? 6.834   11.609  -2.921  1.00 19.43 ? 424 GLU A N     1 
ATOM   928  C  CA    . GLU C 3 51 ? 6.809   11.599  -1.463  1.00 21.05 ? 424 GLU A CA    1 
ATOM   929  C  C     . GLU C 3 51 ? 6.399   10.226  -0.936  1.00 21.07 ? 424 GLU A C     1 
ATOM   930  O  O     . GLU C 3 51 ? 6.961   9.739   0.043   1.00 21.13 ? 424 GLU A O     1 
ATOM   931  C  CB    . GLU C 3 51 ? 5.856   12.682  -0.939  1.00 21.42 ? 424 GLU A CB    1 
ATOM   932  C  CG    . GLU C 3 51 ? 6.262   14.086  -1.350  1.00 22.91 ? 424 GLU A CG    1 
ATOM   933  C  CD    . GLU C 3 51 ? 5.222   15.137  -1.005  1.00 22.86 ? 424 GLU A CD    1 
ATOM   934  O  OE1   . GLU C 3 51 ? 4.024   14.806  -0.969  1.00 23.82 ? 424 GLU A OE1   1 
ATOM   935  O  OE2   . GLU C 3 51 ? 5.600   16.307  -0.796  1.00 25.95 ? 424 GLU A OE2   1 
ATOM   936  N  N     . ILE C 3 52 ? 5.424   9.595   -1.582  1.00 21.41 ? 425 ILE A N     1 
ATOM   937  C  CA    . ILE C 3 52 ? 5.008   8.265   -1.145  1.00 21.21 ? 425 ILE A CA    1 
ATOM   938  C  C     . ILE C 3 52 ? 6.178   7.302   -1.398  1.00 20.93 ? 425 ILE A C     1 
ATOM   939  O  O     . ILE C 3 52 ? 6.514   6.480   -0.547  1.00 21.75 ? 425 ILE A O     1 
ATOM   940  C  CB    . ILE C 3 52 ? 3.756   7.797   -1.911  1.00 20.92 ? 425 ILE A CB    1 
ATOM   941  C  CG1   . ILE C 3 52 ? 2.597   8.751   -1.621  1.00 18.71 ? 425 ILE A CG1   1 
ATOM   942  C  CG2   . ILE C 3 52 ? 3.402   6.371   -1.519  1.00 20.12 ? 425 ILE A CG2   1 
ATOM   943  C  CD1   . ILE C 3 52 ? 1.353   8.480   -2.443  1.00 20.86 ? 425 ILE A CD1   1 
ATOM   944  N  N     . GLY C 3 53 ? 6.814   7.424   -2.557  1.00 20.11 ? 426 GLY A N     1 
ATOM   945  C  CA    . GLY C 3 53 ? 7.945   6.567   -2.869  1.00 20.13 ? 426 GLY A CA    1 
ATOM   946  C  C     . GLY C 3 53 ? 9.019   6.647   -1.791  1.00 21.30 ? 426 GLY A C     1 
ATOM   947  O  O     . GLY C 3 53 ? 9.449   5.615   -1.259  1.00 20.30 ? 426 GLY A O     1 
ATOM   948  N  N     . ASP C 3 54 ? 9.459   7.866   -1.476  1.00 20.47 ? 427 ASP A N     1 
ATOM   949  C  CA    . ASP C 3 54 ? 10.478  8.077   -0.455  1.00 23.17 ? 427 ASP A CA    1 
ATOM   950  C  C     . ASP C 3 54 ? 10.028  7.388   0.821   1.00 22.69 ? 427 ASP A C     1 
ATOM   951  O  O     . ASP C 3 54 ? 10.808  6.715   1.488   1.00 21.74 ? 427 ASP A O     1 
ATOM   952  C  CB    . ASP C 3 54 ? 10.665  9.569   -0.147  1.00 25.85 ? 427 ASP A CB    1 
ATOM   953  C  CG    . ASP C 3 54 ? 11.142  10.367  -1.342  1.00 29.33 ? 427 ASP A CG    1 
ATOM   954  O  OD1   . ASP C 3 54 ? 11.717  9.763   -2.276  1.00 30.91 ? 427 ASP A OD1   1 
ATOM   955  O  OD2   . ASP C 3 54 ? 10.961  11.607  -1.333  1.00 31.20 ? 427 ASP A OD2   1 
ATOM   956  N  N     . ALA C 3 55 ? 8.753   7.565   1.151   1.00 21.86 ? 428 ALA A N     1 
ATOM   957  C  CA    . ALA C 3 55 ? 8.191   6.987   2.358   1.00 20.74 ? 428 ALA A CA    1 
ATOM   958  C  C     . ALA C 3 55 ? 8.188   5.453   2.415   1.00 19.44 ? 428 ALA A C     1 
ATOM   959  O  O     . ALA C 3 55 ? 7.961   4.882   3.478   1.00 18.35 ? 428 ALA A O     1 
ATOM   960  C  CB    . ALA C 3 55 ? 6.780   7.524   2.568   1.00 21.62 ? 428 ALA A CB    1 
ATOM   961  N  N     . PHE C 3 56 ? 8.435   4.794   1.285   1.00 17.74 ? 429 PHE A N     1 
ATOM   962  C  CA    . PHE C 3 56 ? 8.462   3.330   1.257   1.00 17.27 ? 429 PHE A CA    1 
ATOM   963  C  C     . PHE C 3 56 ? 9.813   2.749   0.836   1.00 16.97 ? 429 PHE A C     1 
ATOM   964  O  O     . PHE C 3 56 ? 9.929   2.076   -0.193  1.00 16.24 ? 429 PHE A O     1 
ATOM   965  C  CB    . PHE C 3 56 ? 7.354   2.776   0.354   1.00 15.36 ? 429 PHE A CB    1 
ATOM   966  C  CG    . PHE C 3 56 ? 5.975   2.825   0.971   1.00 15.82 ? 429 PHE A CG    1 
ATOM   967  C  CD1   . PHE C 3 56 ? 5.246   4.011   1.001   1.00 15.18 ? 429 PHE A CD1   1 
ATOM   968  C  CD2   . PHE C 3 56 ? 5.402   1.673   1.514   1.00 13.24 ? 429 PHE A CD2   1 
ATOM   969  C  CE1   . PHE C 3 56 ? 3.957   4.050   1.553   1.00 16.89 ? 429 PHE A CE1   1 
ATOM   970  C  CE2   . PHE C 3 56 ? 4.121   1.700   2.064   1.00 13.66 ? 429 PHE A CE2   1 
ATOM   971  C  CZ    . PHE C 3 56 ? 3.396   2.887   2.087   1.00 13.82 ? 429 PHE A CZ    1 
ATOM   972  N  N     . GLY C 3 57 ? 10.828  3.027   1.648   1.00 17.26 ? 430 GLY A N     1 
ATOM   973  C  CA    . GLY C 3 57 ? 12.167  2.523   1.394   1.00 17.59 ? 430 GLY A CA    1 
ATOM   974  C  C     . GLY C 3 57 ? 12.925  3.247   0.300   1.00 18.74 ? 430 GLY A C     1 
ATOM   975  O  O     . GLY C 3 57 ? 13.826  2.679   -0.304  1.00 18.43 ? 430 GLY A O     1 
ATOM   976  N  N     . GLY C 3 58 ? 12.564  4.501   0.046   1.00 19.19 ? 431 GLY A N     1 
ATOM   977  C  CA    . GLY C 3 58 ? 13.233  5.266   -0.991  1.00 18.50 ? 431 GLY A CA    1 
ATOM   978  C  C     . GLY C 3 58 ? 12.931  4.794   -2.404  1.00 19.46 ? 431 GLY A C     1 
ATOM   979  O  O     . GLY C 3 58 ? 13.798  4.845   -3.275  1.00 20.29 ? 431 GLY A O     1 
ATOM   980  N  N     . ARG C 3 59 ? 11.704  4.350   -2.654  1.00 17.87 ? 432 ARG A N     1 
ATOM   981  C  CA    . ARG C 3 59 ? 11.343  3.870   -3.987  1.00 17.25 ? 432 ARG A CA    1 
ATOM   982  C  C     . ARG C 3 59 ? 11.074  4.986   -4.993  1.00 18.13 ? 432 ARG A C     1 
ATOM   983  O  O     . ARG C 3 59 ? 10.727  6.105   -4.610  1.00 17.49 ? 432 ARG A O     1 
ATOM   984  C  CB    . ARG C 3 59 ? 10.116  2.966   -3.899  1.00 16.08 ? 432 ARG A CB    1 
ATOM   985  C  CG    . ARG C 3 59 ? 10.395  1.619   -3.254  1.00 16.99 ? 432 ARG A CG    1 
ATOM   986  C  CD    . ARG C 3 59 ? 9.115   0.823   -3.009  1.00 16.23 ? 432 ARG A CD    1 
ATOM   987  N  NE    . ARG C 3 59 ? 9.406   -0.600  -2.930  1.00 15.12 ? 432 ARG A NE    1 
ATOM   988  C  CZ    . ARG C 3 59 ? 10.086  -1.167  -1.939  1.00 15.53 ? 432 ARG A CZ    1 
ATOM   989  N  NH1   . ARG C 3 59 ? 10.531  -0.423  -0.936  1.00 15.02 ? 432 ARG A NH1   1 
ATOM   990  N  NH2   . ARG C 3 59 ? 10.358  -2.469  -1.970  1.00 13.21 ? 432 ARG A NH2   1 
ATOM   991  N  N     . ASP C 3 60 ? 11.226  4.667   -6.278  1.00 18.24 ? 433 ASP A N     1 
ATOM   992  C  CA    . ASP C 3 60 ? 10.986  5.635   -7.348  1.00 18.70 ? 433 ASP A CA    1 
ATOM   993  C  C     . ASP C 3 60 ? 9.492   5.934   -7.436  1.00 19.13 ? 433 ASP A C     1 
ATOM   994  O  O     . ASP C 3 60 ? 8.672   5.073   -7.125  1.00 18.16 ? 433 ASP A O     1 
ATOM   995  C  CB    . ASP C 3 60 ? 11.468  5.074   -8.686  1.00 17.62 ? 433 ASP A CB    1 
ATOM   996  C  CG    . ASP C 3 60 ? 11.602  6.149   -9.755  1.00 19.81 ? 433 ASP A CG    1 
ATOM   997  O  OD1   . ASP C 3 60 ? 12.599  6.902   -9.725  1.00 19.98 ? 433 ASP A OD1   1 
ATOM   998  O  OD2   . ASP C 3 60 ? 10.701  6.246   -10.608 1.00 19.74 ? 433 ASP A OD2   1 
ATOM   999  N  N     . HIS C 3 61 ? 9.134   7.139   -7.878  1.00 19.26 ? 434 HIS A N     1 
ATOM   1000 C  CA    . HIS C 3 61 ? 7.723   7.488   -7.968  1.00 19.64 ? 434 HIS A CA    1 
ATOM   1001 C  C     . HIS C 3 61 ? 6.993   6.631   -9.005  1.00 19.77 ? 434 HIS A C     1 
ATOM   1002 O  O     . HIS C 3 61 ? 5.793   6.384   -8.877  1.00 19.40 ? 434 HIS A O     1 
ATOM   1003 C  CB    . HIS C 3 61 ? 7.388   8.698   -8.243  1.00 21.31 ? 434 HIS A CB    1 
ATOM   1004 C  CG    . HIS C 3 61 ? 7.634   9.197   -9.633  1.00 21.60 ? 434 HIS A CG    1 
ATOM   1005 N  ND1   . HIS C 3 61 ? 6.638   9.294   -10.580 1.00 21.29 ? 434 HIS A ND1   1 
ATOM   1006 C  CD2   . HIS C 3 61 ? 8.772   9.610   -10.240 1.00 22.81 ? 434 HIS A CD2   1 
ATOM   1007 C  CE1   . HIS C 3 61 ? 7.150   9.742   -11.711 1.00 21.51 ? 434 HIS A CE1   1 
ATOM   1008 N  NE2   . HIS C 3 61 ? 8.445   9.941   -11.533 1.00 23.33 ? 434 HIS A NE2   1 
ATOM   1009 N  N     . THR C 3 62 ? 7.714   6.150   -10.015 1.00 18.29 ? 435 THR A N     1 
ATOM   1010 C  CA    . THR C 3 62 ? 7.074   5.332   -11.044 1.00 17.93 ? 435 THR A CA    1 
ATOM   1011 C  C     . THR C 3 62 ? 6.656   3.978   -10.474 1.00 18.23 ? 435 THR A C     1 
ATOM   1012 O  O     . THR C 3 62 ? 5.706   3.357   -10.957 1.00 17.32 ? 435 THR A O     1 
ATOM   1013 C  CB    . THR C 3 62 ? 7.994   5.134   -12.292 1.00 19.22 ? 435 THR A CB    1 
ATOM   1014 O  OG1   . THR C 3 62 ? 9.209   4.465   -11.922 1.00 19.20 ? 435 THR A OG1   1 
ATOM   1015 C  CG2   . THR C 3 62 ? 8.326   6.482   -12.899 1.00 18.30 ? 435 THR A CG2   1 
ATOM   1016 N  N     . THR C 3 63 ? 7.360   3.536   -9.437  1.00 17.69 ? 436 THR A N     1 
ATOM   1017 C  CA    . THR C 3 63 ? 7.055   2.275   -8.774  1.00 16.71 ? 436 THR A CA    1 
ATOM   1018 C  C     . THR C 3 63 ? 5.728   2.407   -8.030  1.00 17.48 ? 436 THR A C     1 
ATOM   1019 O  O     . THR C 3 63 ? 4.938   1.469   -7.986  1.00 14.64 ? 436 THR A O     1 
ATOM   1020 C  CB    . THR C 3 63 ? 8.162   1.911   -7.786  1.00 18.24 ? 436 THR A CB    1 
ATOM   1021 O  OG1   . THR C 3 63 ? 9.384   1.710   -8.509  1.00 19.39 ? 436 THR A OG1   1 
ATOM   1022 C  CG2   . THR C 3 63 ? 7.798   0.651   -7.006  1.00 16.45 ? 436 THR A CG2   1 
ATOM   1023 N  N     . VAL C 3 64 ? 5.497   3.577   -7.435  1.00 17.33 ? 437 VAL A N     1 
ATOM   1024 C  CA    . VAL C 3 64 ? 4.248   3.845   -6.722  1.00 17.42 ? 437 VAL A CA    1 
ATOM   1025 C  C     . VAL C 3 64 ? 3.124   3.888   -7.770  1.00 17.85 ? 437 VAL A C     1 
ATOM   1026 O  O     . VAL C 3 64 ? 2.059   3.295   -7.584  1.00 17.29 ? 437 VAL A O     1 
ATOM   1027 C  CB    . VAL C 3 64 ? 4.305   5.212   -5.955  1.00 17.34 ? 437 VAL A CB    1 
ATOM   1028 C  CG1   . VAL C 3 64 ? 2.976   5.500   -5.290  1.00 16.28 ? 437 VAL A CG1   1 
ATOM   1029 C  CG2   . VAL C 3 64 ? 5.410   5.184   -4.888  1.00 17.88 ? 437 VAL A CG2   1 
ATOM   1030 N  N     . LEU C 3 65 ? 3.376   4.585   -8.878  1.00 17.29 ? 438 LEU A N     1 
ATOM   1031 C  CA    . LEU C 3 65 ? 2.387   4.691   -9.953  1.00 17.52 ? 438 LEU A CA    1 
ATOM   1032 C  C     . LEU C 3 65 ? 2.006   3.287   -10.405 1.00 17.73 ? 438 LEU A C     1 
ATOM   1033 O  O     . LEU C 3 65 ? 0.832   2.985   -10.617 1.00 17.93 ? 438 LEU A O     1 
ATOM   1034 C  CB    . LEU C 3 65 ? 2.959   5.462   -11.137 1.00 17.45 ? 438 LEU A CB    1 
ATOM   1035 C  CG    . LEU C 3 65 ? 1.980   5.669   -12.296 1.00 20.27 ? 438 LEU A CG    1 
ATOM   1036 C  CD1   . LEU C 3 65 ? 0.840   6.602   -11.863 1.00 20.47 ? 438 LEU A CD1   1 
ATOM   1037 C  CD2   . LEU C 3 65 ? 2.724   6.264   -13.470 1.00 22.30 ? 438 LEU A CD2   1 
ATOM   1038 N  N     . HIS C 3 66 ? 3.007   2.421   -10.536 1.00 18.98 ? 439 HIS A N     1 
ATOM   1039 C  CA    . HIS C 3 66 ? 2.744   1.057   -10.949 1.00 18.01 ? 439 HIS A CA    1 
ATOM   1040 C  C     . HIS C 3 66 ? 1.889   0.370   -9.899  1.00 17.71 ? 439 HIS A C     1 
ATOM   1041 O  O     . HIS C 3 66 ? 0.926   -0.325  -10.227 1.00 14.90 ? 439 HIS A O     1 
ATOM   1042 C  CB    . HIS C 3 66 ? 4.043   0.275   -11.150 1.00 20.56 ? 439 HIS A CB    1 
ATOM   1043 C  CG    . HIS C 3 66 ? 3.816   -1.159  -11.510 1.00 21.33 ? 439 HIS A CG    1 
ATOM   1044 N  ND1   . HIS C 3 66 ? 3.598   -2.138  -10.566 1.00 20.54 ? 439 HIS A ND1   1 
ATOM   1045 C  CD2   . HIS C 3 66 ? 3.724   -1.768  -12.716 1.00 21.86 ? 439 HIS A CD2   1 
ATOM   1046 C  CE1   . HIS C 3 66 ? 3.385   -3.292  -11.175 1.00 22.48 ? 439 HIS A CE1   1 
ATOM   1047 N  NE2   . HIS C 3 66 ? 3.455   -3.094  -12.480 1.00 24.09 ? 439 HIS A NE2   1 
ATOM   1048 N  N     . ALA C 3 67 ? 2.241   0.571   -8.636  1.00 15.36 ? 440 ALA A N     1 
ATOM   1049 C  CA    . ALA C 3 67 ? 1.475   -0.031  -7.558  1.00 17.67 ? 440 ALA A CA    1 
ATOM   1050 C  C     . ALA C 3 67 ? -0.004  0.356   -7.654  1.00 16.68 ? 440 ALA A C     1 
ATOM   1051 O  O     . ALA C 3 67 ? -0.871  -0.503  -7.615  1.00 17.38 ? 440 ALA A O     1 
ATOM   1052 C  CB    . ALA C 3 67 ? 2.048   0.376   -6.193  1.00 15.07 ? 440 ALA A CB    1 
ATOM   1053 N  N     . CYS C 3 68 ? -0.286  1.644   -7.798  1.00 17.46 ? 441 CYS A N     1 
ATOM   1054 C  CA    . CYS C 3 68 ? -1.668  2.103   -7.896  1.00 20.25 ? 441 CYS A CA    1 
ATOM   1055 C  C     . CYS C 3 68 ? -2.429  1.368   -9.003  1.00 21.71 ? 441 CYS A C     1 
ATOM   1056 O  O     . CYS C 3 68 ? -3.528  0.866   -8.776  1.00 22.28 ? 441 CYS A O     1 
ATOM   1057 C  CB    . CYS C 3 68 ? -1.723  3.621   -8.133  1.00 20.75 ? 441 CYS A CB    1 
ATOM   1058 S  SG    . CYS C 3 68 ? -1.077  4.618   -6.751  1.00 26.60 ? 441 CYS A SG    1 
ATOM   1059 N  N     . ARG C 3 69 ? -1.831  1.277   -10.186 1.00 21.64 ? 442 ARG A N     1 
ATOM   1060 C  CA    . ARG C 3 69 ? -2.473  0.601   -11.313 1.00 22.07 ? 442 ARG A CA    1 
ATOM   1061 C  C     . ARG C 3 69 ? -2.659  -0.898  -11.086 1.00 21.27 ? 442 ARG A C     1 
ATOM   1062 O  O     . ARG C 3 69 ? -3.715  -1.454  -11.409 1.00 21.48 ? 442 ARG A O     1 
ATOM   1063 C  CB    . ARG C 3 69 ? -1.669  0.850   -12.590 1.00 22.30 ? 442 ARG A CB    1 
ATOM   1064 C  CG    . ARG C 3 69 ? -1.728  2.297   -13.005 1.00 24.40 ? 442 ARG A CG    1 
ATOM   1065 C  CD    . ARG C 3 69 ? -0.732  2.628   -14.075 1.00 26.51 ? 442 ARG A CD    1 
ATOM   1066 N  NE    . ARG C 3 69 ? -0.917  3.997   -14.559 1.00 26.11 ? 442 ARG A NE    1 
ATOM   1067 C  CZ    . ARG C 3 69 ? -0.157  4.559   -15.488 1.00 28.39 ? 442 ARG A CZ    1 
ATOM   1068 N  NH1   . ARG C 3 69 ? 0.838   3.870   -16.028 1.00 26.14 ? 442 ARG A NH1   1 
ATOM   1069 N  NH2   . ARG C 3 69 ? -0.398  5.802   -15.886 1.00 27.65 ? 442 ARG A NH2   1 
ATOM   1070 N  N     . LYS C 3 70 ? -1.646  -1.553  -10.523 1.00 19.58 ? 443 LYS A N     1 
ATOM   1071 C  CA    . LYS C 3 70 ? -1.747  -2.978  -10.266 1.00 19.18 ? 443 LYS A CA    1 
ATOM   1072 C  C     . LYS C 3 70 ? -2.883  -3.244  -9.274  1.00 19.64 ? 443 LYS A C     1 
ATOM   1073 O  O     . LYS C 3 70 ? -3.688  -4.156  -9.476  1.00 18.11 ? 443 LYS A O     1 
ATOM   1074 C  CB    . LYS C 3 70 ? -0.434  -3.532  -9.720  1.00 20.22 ? 443 LYS A CB    1 
ATOM   1075 C  CG    . LYS C 3 70 ? -0.527  -5.000  -9.289  1.00 23.14 ? 443 LYS A CG    1 
ATOM   1076 C  CD    . LYS C 3 70 ? -0.992  -5.917  -10.420 1.00 25.26 ? 443 LYS A CD    1 
ATOM   1077 C  CE    . LYS C 3 70 ? 0.001   -5.948  -11.580 1.00 29.12 ? 443 LYS A CE    1 
ATOM   1078 N  NZ    . LYS C 3 70 ? -0.387  -6.976  -12.601 1.00 31.06 ? 443 LYS A NZ    1 
ATOM   1079 N  N     . ILE C 3 71 ? -2.951  -2.444  -8.210  1.00 18.75 ? 444 ILE A N     1 
ATOM   1080 C  CA    . ILE C 3 71 ? -4.000  -2.606  -7.209  1.00 19.20 ? 444 ILE A CA    1 
ATOM   1081 C  C     . ILE C 3 71 ? -5.363  -2.311  -7.843  1.00 20.31 ? 444 ILE A C     1 
ATOM   1082 O  O     . ILE C 3 71 ? -6.342  -2.981  -7.531  1.00 18.74 ? 444 ILE A O     1 
ATOM   1083 C  CB    . ILE C 3 71 ? -3.750  -1.701  -5.966  1.00 18.14 ? 444 ILE A CB    1 
ATOM   1084 C  CG1   . ILE C 3 71 ? -2.547  -2.234  -5.183  1.00 18.79 ? 444 ILE A CG1   1 
ATOM   1085 C  CG2   . ILE C 3 71 ? -4.969  -1.686  -5.054  1.00 17.02 ? 444 ILE A CG2   1 
ATOM   1086 C  CD1   . ILE C 3 71 ? -2.720  -3.671  -4.669  1.00 17.07 ? 444 ILE A CD1   1 
ATOM   1087 N  N     . GLU C 3 72 ? -5.422  -1.321  -8.735  1.00 23.88 ? 445 GLU A N     1 
ATOM   1088 C  CA    . GLU C 3 72 ? -6.683  -0.998  -9.424  1.00 27.16 ? 445 GLU A CA    1 
ATOM   1089 C  C     . GLU C 3 72 ? -7.144  -2.260  -10.149 1.00 26.42 ? 445 GLU A C     1 
ATOM   1090 O  O     . GLU C 3 72 ? -8.274  -2.711  -9.982  1.00 26.33 ? 445 GLU A O     1 
ATOM   1091 C  CB    . GLU C 3 72 ? -6.491  0.093   -10.482 1.00 29.59 ? 445 GLU A CB    1 
ATOM   1092 C  CG    . GLU C 3 72 ? -6.286  1.497   -9.972  1.00 35.18 ? 445 GLU A CG    1 
ATOM   1093 C  CD    . GLU C 3 72 ? -6.053  2.495   -11.113 1.00 38.97 ? 445 GLU A CD    1 
ATOM   1094 O  OE1   . GLU C 3 72 ? -6.901  2.561   -12.044 1.00 39.66 ? 445 GLU A OE1   1 
ATOM   1095 O  OE2   . GLU C 3 72 ? -5.023  3.212   -11.074 1.00 41.32 ? 445 GLU A OE2   1 
ATOM   1096 N  N     . GLN C 3 73 ? -6.244  -2.804  -10.967 1.00 26.40 ? 446 GLN A N     1 
ATOM   1097 C  CA    . GLN C 3 73 ? -6.496  -4.014  -11.749 1.00 27.27 ? 446 GLN A CA    1 
ATOM   1098 C  C     . GLN C 3 73 ? -6.957  -5.175  -10.868 1.00 26.31 ? 446 GLN A C     1 
ATOM   1099 O  O     . GLN C 3 73 ? -7.995  -5.788  -11.132 1.00 27.17 ? 446 GLN A O     1 
ATOM   1100 C  CB    . GLN C 3 73 ? -5.222  -4.410  -12.503 1.00 29.24 ? 446 GLN A CB    1 
ATOM   1101 C  CG    . GLN C 3 73 ? -5.274  -5.751  -13.227 1.00 31.45 ? 446 GLN A CG    1 
ATOM   1102 C  CD    . GLN C 3 73 ? -3.889  -6.370  -13.374 1.00 33.62 ? 446 GLN A CD    1 
ATOM   1103 O  OE1   . GLN C 3 73 ? -2.956  -5.727  -13.849 1.00 35.10 ? 446 GLN A OE1   1 
ATOM   1104 N  NE2   . GLN C 3 73 ? -3.755  -7.627  -12.966 1.00 35.35 ? 446 GLN A NE2   1 
ATOM   1105 N  N     . LEU C 3 74 ? -6.190  -5.465  -9.821  1.00 25.17 ? 447 LEU A N     1 
ATOM   1106 C  CA    . LEU C 3 74 ? -6.515  -6.557  -8.903  1.00 25.65 ? 447 LEU A CA    1 
ATOM   1107 C  C     . LEU C 3 74 ? -7.883  -6.406  -8.237  1.00 26.90 ? 447 LEU A C     1 
ATOM   1108 O  O     . LEU C 3 74 ? -8.588  -7.392  -8.017  1.00 26.12 ? 447 LEU A O     1 
ATOM   1109 C  CB    . LEU C 3 74 ? -5.436  -6.682  -7.826  1.00 23.30 ? 447 LEU A CB    1 
ATOM   1110 C  CG    . LEU C 3 74 ? -4.077  -7.170  -8.316  1.00 24.66 ? 447 LEU A CG    1 
ATOM   1111 C  CD1   . LEU C 3 74 ? -3.121  -7.231  -7.145  1.00 25.62 ? 447 LEU A CD1   1 
ATOM   1112 C  CD2   . LEU C 3 74 ? -4.214  -8.539  -8.961  1.00 26.09 ? 447 LEU A CD2   1 
ATOM   1113 N  N     . ARG C 3 75 ? -8.248  -5.174  -7.907  1.00 26.45 ? 448 ARG A N     1 
ATOM   1114 C  CA    . ARG C 3 75 ? -9.533  -4.910  -7.279  1.00 30.03 ? 448 ARG A CA    1 
ATOM   1115 C  C     . ARG C 3 75 ? -10.673 -5.387  -8.188  1.00 31.79 ? 448 ARG A C     1 
ATOM   1116 O  O     . ARG C 3 75 ? -11.757 -5.734  -7.708  1.00 31.43 ? 448 ARG A O     1 
ATOM   1117 C  CB    . ARG C 3 75 ? -9.676  -3.408  -6.999  1.00 30.10 ? 448 ARG A CB    1 
ATOM   1118 C  CG    . ARG C 3 75 ? -9.783  -3.059  -5.527  1.00 32.18 ? 448 ARG A CG    1 
ATOM   1119 C  CD    . ARG C 3 75 ? -9.661  -1.545  -5.280  1.00 33.43 ? 448 ARG A CD    1 
ATOM   1120 N  NE    . ARG C 3 75 ? -10.534 -0.720  -6.124  1.00 32.50 ? 448 ARG A NE    1 
ATOM   1121 C  CZ    . ARG C 3 75 ? -11.865 -0.688  -6.056  1.00 32.74 ? 448 ARG A CZ    1 
ATOM   1122 N  NH1   . ARG C 3 75 ? -12.521 -1.438  -5.179  1.00 30.44 ? 448 ARG A NH1   1 
ATOM   1123 N  NH2   . ARG C 3 75 ? -12.542 0.113   -6.869  1.00 31.48 ? 448 ARG A NH2   1 
ATOM   1124 N  N     . GLU C 3 76 ? -10.429 -5.398  -9.496  1.00 33.24 ? 449 GLU A N     1 
ATOM   1125 C  CA    . GLU C 3 76 ? -11.441 -5.847  -10.457 1.00 35.72 ? 449 GLU A CA    1 
ATOM   1126 C  C     . GLU C 3 76 ? -11.392 -7.351  -10.678 1.00 36.31 ? 449 GLU A C     1 
ATOM   1127 O  O     . GLU C 3 76 ? -12.396 -7.966  -11.022 1.00 37.27 ? 449 GLU A O     1 
ATOM   1128 C  CB    . GLU C 3 76 ? -11.239 -5.200  -11.828 1.00 37.03 ? 449 GLU A CB    1 
ATOM   1129 C  CG    . GLU C 3 76 ? -11.442 -3.715  -11.908 1.00 39.88 ? 449 GLU A CG    1 
ATOM   1130 C  CD    . GLU C 3 76 ? -11.712 -3.282  -13.334 1.00 43.03 ? 449 GLU A CD    1 
ATOM   1131 O  OE1   . GLU C 3 76 ? -11.112 -3.887  -14.254 1.00 45.45 ? 449 GLU A OE1   1 
ATOM   1132 O  OE2   . GLU C 3 76 ? -12.515 -2.341  -13.553 1.00 44.48 ? 449 GLU A OE2   1 
ATOM   1133 N  N     . GLU C 3 77 ? -10.220 -7.944  -10.497 1.00 36.96 ? 450 GLU A N     1 
ATOM   1134 C  CA    . GLU C 3 77 ? -10.064 -9.372  -10.739 1.00 37.95 ? 450 GLU A CA    1 
ATOM   1135 C  C     . GLU C 3 77 ? -10.147 -10.264 -9.509  1.00 38.06 ? 450 GLU A C     1 
ATOM   1136 O  O     . GLU C 3 77 ? -10.316 -11.475 -9.641  1.00 38.63 ? 450 GLU A O     1 
ATOM   1137 C  CB    . GLU C 3 77 ? -8.728  -9.629  -11.445 1.00 38.76 ? 450 GLU A CB    1 
ATOM   1138 C  CG    . GLU C 3 77 ? -8.455  -8.696  -12.629 1.00 40.90 ? 450 GLU A CG    1 
ATOM   1139 C  CD    . GLU C 3 77 ? -7.104  -8.943  -13.287 1.00 42.38 ? 450 GLU A CD    1 
ATOM   1140 O  OE1   . GLU C 3 77 ? -6.113  -9.234  -12.565 1.00 41.99 ? 450 GLU A OE1   1 
ATOM   1141 O  OE2   . GLU C 3 77 ? -7.027  -8.830  -14.532 1.00 43.69 ? 450 GLU A OE2   1 
ATOM   1142 N  N     . SER C 3 78 ? -10.037 -9.683  -8.318  1.00 37.78 ? 451 SER A N     1 
ATOM   1143 C  CA    . SER C 3 78 ? -10.068 -10.477 -7.093  1.00 37.44 ? 451 SER A CA    1 
ATOM   1144 C  C     . SER C 3 78 ? -10.941 -9.923  -5.971  1.00 38.38 ? 451 SER A C     1 
ATOM   1145 O  O     . SER C 3 78 ? -10.688 -8.842  -5.437  1.00 37.41 ? 451 SER A O     1 
ATOM   1146 C  CB    . SER C 3 78 ? -8.645  -10.653 -6.566  1.00 37.29 ? 451 SER A CB    1 
ATOM   1147 O  OG    . SER C 3 78 ? -8.656  -10.842 -5.159  1.00 36.52 ? 451 SER A OG    1 
ATOM   1148 N  N     . HIS C 3 79 ? -11.958 -10.691 -5.601  1.00 38.55 ? 452 HIS A N     1 
ATOM   1149 C  CA    . HIS C 3 79 ? -12.864 -10.302 -4.536  1.00 38.35 ? 452 HIS A CA    1 
ATOM   1150 C  C     . HIS C 3 79 ? -12.118 -10.094 -3.231  1.00 37.40 ? 452 HIS A C     1 
ATOM   1151 O  O     . HIS C 3 79 ? -12.477 -9.219  -2.444  1.00 36.19 ? 452 HIS A O     1 
ATOM   1152 C  CB    . HIS C 3 79 ? -13.953 -11.366 -4.362  1.00 40.47 ? 452 HIS A CB    1 
ATOM   1153 C  CG    . HIS C 3 79 ? -14.869 -11.466 -5.540  1.00 43.38 ? 452 HIS A CG    1 
ATOM   1154 N  ND1   . HIS C 3 79 ? -15.078 -12.643 -6.228  1.00 44.47 ? 452 HIS A ND1   1 
ATOM   1155 C  CD2   . HIS C 3 79 ? -15.593 -10.517 -6.185  1.00 44.67 ? 452 HIS A CD2   1 
ATOM   1156 C  CE1   . HIS C 3 79 ? -15.890 -12.414 -7.247  1.00 45.65 ? 452 HIS A CE1   1 
ATOM   1157 N  NE2   . HIS C 3 79 ? -16.218 -11.133 -7.245  1.00 44.65 ? 452 HIS A NE2   1 
ATOM   1158 N  N     . ASP C 3 80 ? -11.072 -10.881 -2.997  1.00 35.67 ? 453 ASP A N     1 
ATOM   1159 C  CA    . ASP C 3 80 ? -10.323 -10.715 -1.764  1.00 34.82 ? 453 ASP A CA    1 
ATOM   1160 C  C     . ASP C 3 80 ? -9.556  -9.397  -1.716  1.00 33.48 ? 453 ASP A C     1 
ATOM   1161 O  O     . ASP C 3 80 ? -9.486  -8.766  -0.661  1.00 32.68 ? 453 ASP A O     1 
ATOM   1162 C  CB    . ASP C 3 80 ? -9.363  -11.878 -1.541  1.00 36.10 ? 453 ASP A CB    1 
ATOM   1163 C  CG    . ASP C 3 80 ? -10.088 -13.177 -1.237  1.00 37.50 ? 453 ASP A CG    1 
ATOM   1164 O  OD1   . ASP C 3 80 ? -11.257 -13.131 -0.790  1.00 38.38 ? 453 ASP A OD1   1 
ATOM   1165 O  OD2   . ASP C 3 80 ? -9.480  -14.243 -1.436  1.00 39.15 ? 453 ASP A OD2   1 
ATOM   1166 N  N     . ILE C 3 81 ? -8.972  -8.982  -2.841  1.00 32.16 ? 454 ILE A N     1 
ATOM   1167 C  CA    . ILE C 3 81 ? -8.235  -7.718  -2.872  1.00 31.16 ? 454 ILE A CA    1 
ATOM   1168 C  C     . ILE C 3 81 ? -9.270  -6.612  -2.738  1.00 30.10 ? 454 ILE A C     1 
ATOM   1169 O  O     . ILE C 3 81 ? -9.067  -5.639  -2.016  1.00 28.92 ? 454 ILE A O     1 
ATOM   1170 C  CB    . ILE C 3 81 ? -7.460  -7.529  -4.192  1.00 31.54 ? 454 ILE A CB    1 
ATOM   1171 C  CG1   . ILE C 3 81 ? -6.519  -8.709  -4.404  1.00 32.95 ? 454 ILE A CG1   1 
ATOM   1172 C  CG2   . ILE C 3 81 ? -6.639  -6.246  -4.146  1.00 29.85 ? 454 ILE A CG2   1 
ATOM   1173 C  CD1   . ILE C 3 81 ? -5.565  -8.941  -3.241  1.00 33.88 ? 454 ILE A CD1   1 
ATOM   1174 N  N     . LYS C 3 82 ? -10.393 -6.777  -3.431  1.00 29.81 ? 455 LYS A N     1 
ATOM   1175 C  CA    . LYS C 3 82 ? -11.468 -5.800  -3.364  1.00 30.21 ? 455 LYS A CA    1 
ATOM   1176 C  C     . LYS C 3 82 ? -11.921 -5.630  -1.912  1.00 28.87 ? 455 LYS A C     1 
ATOM   1177 O  O     . LYS C 3 82 ? -12.266 -4.532  -1.481  1.00 27.98 ? 455 LYS A O     1 
ATOM   1178 C  CB    . LYS C 3 82 ? -12.640 -6.250  -4.230  1.00 30.75 ? 455 LYS A CB    1 
ATOM   1179 C  CG    . LYS C 3 82 ? -13.865 -5.378  -4.096  1.00 32.02 ? 455 LYS A CG    1 
ATOM   1180 C  CD    . LYS C 3 82 ? -14.920 -5.762  -5.119  1.00 34.26 ? 455 LYS A CD    1 
ATOM   1181 C  CE    . LYS C 3 82 ? -14.484 -5.362  -6.512  1.00 35.26 ? 455 LYS A CE    1 
ATOM   1182 N  NZ    . LYS C 3 82 ? -15.472 -5.836  -7.514  1.00 37.63 ? 455 LYS A NZ    1 
ATOM   1183 N  N     . GLU C 3 83 ? -11.900 -6.722  -1.159  1.00 28.52 ? 456 GLU A N     1 
ATOM   1184 C  CA    . GLU C 3 83 ? -12.298 -6.692  0.242   1.00 29.04 ? 456 GLU A CA    1 
ATOM   1185 C  C     . GLU C 3 83 ? -11.233 -6.045  1.114   1.00 27.25 ? 456 GLU A C     1 
ATOM   1186 O  O     . GLU C 3 83 ? -11.547 -5.245  2.003   1.00 26.65 ? 456 GLU A O     1 
ATOM   1187 C  CB    . GLU C 3 83 ? -12.556 -8.106  0.746   1.00 31.68 ? 456 GLU A CB    1 
ATOM   1188 C  CG    . GLU C 3 83 ? -13.963 -8.338  1.248   1.00 37.52 ? 456 GLU A CG    1 
ATOM   1189 C  CD    . GLU C 3 83 ? -14.131 -9.735  1.791   1.00 39.98 ? 456 GLU A CD    1 
ATOM   1190 O  OE1   . GLU C 3 83 ? -13.602 -10.010 2.896   1.00 41.37 ? 456 GLU A OE1   1 
ATOM   1191 O  OE2   . GLU C 3 83 ? -14.774 -10.561 1.103   1.00 41.88 ? 456 GLU A OE2   1 
ATOM   1192 N  N     . ASP C 3 84 ? -9.974  -6.406  0.882   1.00 25.72 ? 457 ASP A N     1 
ATOM   1193 C  CA    . ASP C 3 84 ? -8.896  -5.826  1.668   1.00 25.81 ? 457 ASP A CA    1 
ATOM   1194 C  C     . ASP C 3 84 ? -8.903  -4.308  1.496   1.00 24.85 ? 457 ASP A C     1 
ATOM   1195 O  O     . ASP C 3 84 ? -8.682  -3.563  2.445   1.00 23.86 ? 457 ASP A O     1 
ATOM   1196 C  CB    . ASP C 3 84 ? -7.537  -6.384  1.239   1.00 26.67 ? 457 ASP A CB    1 
ATOM   1197 C  CG    . ASP C 3 84 ? -7.420  -7.882  1.465   1.00 28.96 ? 457 ASP A CG    1 
ATOM   1198 O  OD1   . ASP C 3 84 ? -8.156  -8.419  2.315   1.00 28.50 ? 457 ASP A OD1   1 
ATOM   1199 O  OD2   . ASP C 3 84 ? -6.581  -8.518  0.796   1.00 28.82 ? 457 ASP A OD2   1 
ATOM   1200 N  N     . PHE C 3 85 ? -9.167  -3.858  0.274   1.00 23.06 ? 458 PHE A N     1 
ATOM   1201 C  CA    . PHE C 3 85 ? -9.199  -2.429  -0.018  1.00 22.02 ? 458 PHE A CA    1 
ATOM   1202 C  C     . PHE C 3 85 ? -10.260 -1.749  0.845   1.00 22.64 ? 458 PHE A C     1 
ATOM   1203 O  O     . PHE C 3 85 ? -9.992  -0.741  1.506   1.00 21.34 ? 458 PHE A O     1 
ATOM   1204 C  CB    . PHE C 3 85 ? -9.542  -2.211  -1.488  1.00 22.30 ? 458 PHE A CB    1 
ATOM   1205 C  CG    . PHE C 3 85 ? -9.358  -0.793  -1.960  1.00 22.50 ? 458 PHE A CG    1 
ATOM   1206 C  CD1   . PHE C 3 85 ? -8.079  -0.246  -2.090  1.00 22.54 ? 458 PHE A CD1   1 
ATOM   1207 C  CD2   . PHE C 3 85 ? -10.459 -0.031  -2.346  1.00 22.02 ? 458 PHE A CD2   1 
ATOM   1208 C  CE1   . PHE C 3 85 ? -7.900  1.050   -2.601  1.00 23.01 ? 458 PHE A CE1   1 
ATOM   1209 C  CE2   . PHE C 3 85 ? -10.292 1.261   -2.856  1.00 22.83 ? 458 PHE A CE2   1 
ATOM   1210 C  CZ    . PHE C 3 85 ? -9.009  1.799   -2.988  1.00 22.13 ? 458 PHE A CZ    1 
ATOM   1211 N  N     . SER C 3 86 ? -11.467 -2.310  0.818   1.00 21.41 ? 459 SER A N     1 
ATOM   1212 C  CA    . SER C 3 86 ? -12.583 -1.775  1.573   1.00 22.63 ? 459 SER A CA    1 
ATOM   1213 C  C     . SER C 3 86 ? -12.307 -1.841  3.074   1.00 22.55 ? 459 SER A C     1 
ATOM   1214 O  O     . SER C 3 86 ? -12.455 -0.843  3.775   1.00 22.55 ? 459 SER A O     1 
ATOM   1215 C  CB    . SER C 3 86 ? -13.866 -2.544  1.226   1.00 23.47 ? 459 SER A CB    1 
ATOM   1216 O  OG    . SER C 3 86 ? -15.017 -1.841  1.654   1.00 24.78 ? 459 SER A OG    1 
ATOM   1217 N  N     . ASN C 3 87 ? -11.909 -3.016  3.560   1.00 23.64 ? 460 ASN A N     1 
ATOM   1218 C  CA    . ASN C 3 87 ? -11.601 -3.205  4.982   1.00 22.88 ? 460 ASN A CA    1 
ATOM   1219 C  C     . ASN C 3 87 ? -10.585 -2.177  5.482   1.00 22.97 ? 460 ASN A C     1 
ATOM   1220 O  O     . ASN C 3 87 ? -10.772 -1.552  6.527   1.00 21.99 ? 460 ASN A O     1 
ATOM   1221 C  CB    . ASN C 3 87 ? -11.027 -4.604  5.223   1.00 25.33 ? 460 ASN A CB    1 
ATOM   1222 C  CG    . ASN C 3 87 ? -12.068 -5.693  5.117   1.00 26.75 ? 460 ASN A CG    1 
ATOM   1223 O  OD1   . ASN C 3 87 ? -11.729 -6.866  4.991   1.00 28.05 ? 460 ASN A OD1   1 
ATOM   1224 N  ND2   . ASN C 3 87 ? -13.344 -5.315  5.179   1.00 24.99 ? 460 ASN A ND2   1 
ATOM   1225 N  N     . LEU C 3 88 ? -9.496  -2.022  4.738   1.00 20.31 ? 461 LEU A N     1 
ATOM   1226 C  CA    . LEU C 3 88 ? -8.458  -1.077  5.124   1.00 20.82 ? 461 LEU A CA    1 
ATOM   1227 C  C     . LEU C 3 88 ? -8.952  0.372   5.147   1.00 19.96 ? 461 LEU A C     1 
ATOM   1228 O  O     . LEU C 3 88 ? -8.666  1.101   6.092   1.00 20.75 ? 461 LEU A O     1 
ATOM   1229 C  CB    . LEU C 3 88 ? -7.237  -1.221  4.194   1.00 19.05 ? 461 LEU A CB    1 
ATOM   1230 C  CG    . LEU C 3 88 ? -6.455  -2.516  4.451   1.00 18.94 ? 461 LEU A CG    1 
ATOM   1231 C  CD1   . LEU C 3 88 ? -5.414  -2.761  3.374   1.00 17.63 ? 461 LEU A CD1   1 
ATOM   1232 C  CD2   . LEU C 3 88 ? -5.807  -2.415  5.825   1.00 19.08 ? 461 LEU A CD2   1 
ATOM   1233 N  N     . ILE C 3 89 ? -9.694  0.795   4.126   1.00 19.83 ? 462 ILE A N     1 
ATOM   1234 C  CA    . ILE C 3 89 ? -10.198 2.168   4.104   1.00 20.63 ? 462 ILE A CA    1 
ATOM   1235 C  C     . ILE C 3 89 ? -11.132 2.404   5.302   1.00 21.18 ? 462 ILE A C     1 
ATOM   1236 O  O     . ILE C 3 89 ? -11.077 3.448   5.964   1.00 20.97 ? 462 ILE A O     1 
ATOM   1237 C  CB    . ILE C 3 89 ? -10.898 2.458   2.775   1.00 20.24 ? 462 ILE A CB    1 
ATOM   1238 C  CG1   . ILE C 3 89 ? -9.837  2.505   1.671   1.00 21.11 ? 462 ILE A CG1   1 
ATOM   1239 C  CG2   . ILE C 3 89 ? -11.672 3.771   2.857   1.00 19.82 ? 462 ILE A CG2   1 
ATOM   1240 C  CD1   . ILE C 3 89 ? -10.381 2.604   0.259   1.00 23.73 ? 462 ILE A CD1   1 
ATOM   1241 N  N     . ARG C 3 90 ? -11.966 1.412   5.584   1.00 21.96 ? 463 ARG A N     1 
ATOM   1242 C  CA    . ARG C 3 90 ? -12.889 1.446   6.713   1.00 23.19 ? 463 ARG A CA    1 
ATOM   1243 C  C     . ARG C 3 90 ? -12.089 1.761   7.992   1.00 23.64 ? 463 ARG A C     1 
ATOM   1244 O  O     . ARG C 3 90 ? -12.439 2.655   8.765   1.00 21.74 ? 463 ARG A O     1 
ATOM   1245 C  CB    . ARG C 3 90 ? -13.546 0.074   6.844   1.00 26.46 ? 463 ARG A CB    1 
ATOM   1246 C  CG    . ARG C 3 90 ? -14.498 -0.083  8.020   1.00 32.15 ? 463 ARG A CG    1 
ATOM   1247 C  CD    . ARG C 3 90 ? -15.879 0.301   7.588   1.00 35.15 ? 463 ARG A CD    1 
ATOM   1248 N  NE    . ARG C 3 90 ? -16.883 0.101   8.624   1.00 37.58 ? 463 ARG A NE    1 
ATOM   1249 C  CZ    . ARG C 3 90 ? -18.158 0.447   8.476   1.00 39.04 ? 463 ARG A CZ    1 
ATOM   1250 N  NH1   . ARG C 3 90 ? -18.563 1.004   7.339   1.00 37.89 ? 463 ARG A NH1   1 
ATOM   1251 N  NH2   . ARG C 3 90 ? -19.026 0.248   9.461   1.00 40.13 ? 463 ARG A NH2   1 
ATOM   1252 N  N     . THR C 3 91 ? -11.008 1.016   8.201   1.00 22.49 ? 464 THR A N     1 
ATOM   1253 C  CA    . THR C 3 91 ? -10.150 1.215   9.362   1.00 23.46 ? 464 THR A CA    1 
ATOM   1254 C  C     . THR C 3 91 ? -9.459  2.576   9.360   1.00 23.77 ? 464 THR A C     1 
ATOM   1255 O  O     . THR C 3 91 ? -9.587  3.345   10.308  1.00 24.71 ? 464 THR A O     1 
ATOM   1256 C  CB    . THR C 3 91 ? -9.040  0.139   9.432   1.00 24.30 ? 464 THR A CB    1 
ATOM   1257 O  OG1   . THR C 3 91 ? -9.630  -1.166  9.419   1.00 24.19 ? 464 THR A OG1   1 
ATOM   1258 C  CG2   . THR C 3 91 ? -8.225  0.303   10.698  1.00 23.86 ? 464 THR A CG2   1 
ATOM   1259 N  N     . LEU C 3 92 ? -8.732  2.875   8.290   1.00 23.41 ? 465 LEU A N     1 
ATOM   1260 C  CA    . LEU C 3 92 ? -7.979  4.123   8.194   1.00 23.10 ? 465 LEU A CA    1 
ATOM   1261 C  C     . LEU C 3 92 ? -8.754  5.438   8.252   1.00 24.68 ? 465 LEU A C     1 
ATOM   1262 O  O     . LEU C 3 92 ? -8.197  6.469   8.648   1.00 23.09 ? 465 LEU A O     1 
ATOM   1263 C  CB    . LEU C 3 92 ? -7.110  4.109   6.932   1.00 22.26 ? 465 LEU A CB    1 
ATOM   1264 C  CG    . LEU C 3 92 ? -5.999  3.058   6.898   1.00 22.03 ? 465 LEU A CG    1 
ATOM   1265 C  CD1   . LEU C 3 92 ? -5.456  2.968   5.491   1.00 20.84 ? 465 LEU A CD1   1 
ATOM   1266 C  CD2   . LEU C 3 92 ? -4.903  3.404   7.895   1.00 21.30 ? 465 LEU A CD2   1 
ATOM   1267 N  N     . SER C 3 93 ? -10.023 5.420   7.852   1.00 24.88 ? 466 SER A N     1 
ATOM   1268 C  CA    . SER C 3 93 ? -10.812 6.645   7.884   1.00 26.34 ? 466 SER A CA    1 
ATOM   1269 C  C     . SER C 3 93 ? -11.717 6.696   9.114   1.00 28.04 ? 466 SER A C     1 
ATOM   1270 O  O     . SER C 3 93 ? -12.629 7.505   9.166   1.00 28.04 ? 466 SER A O     1 
ATOM   1271 C  CB    . SER C 3 93 ? -11.668 6.767   6.619   1.00 24.84 ? 466 SER A CB    1 
ATOM   1272 O  OG    . SER C 3 93 ? -12.745 5.851   6.670   1.00 25.96 ? 466 SER A OG    1 
ATOM   1273 N  N     . SER C 3 94 ? -11.460 5.827   10.092  1.00 30.11 ? 467 SER A N     1 
ATOM   1274 C  CA    . SER C 3 94 ? -12.258 5.783   11.323  1.00 32.41 ? 467 SER A CA    1 
ATOM   1275 C  C     . SER C 3 94 ? -12.081 7.010   12.210  1.00 33.81 ? 467 SER A C     1 
ATOM   1276 O  O     . SER C 3 94 ? -13.076 7.409   12.853  1.00 35.86 ? 467 SER A O     1 
ATOM   1277 C  CB    . SER C 3 94 ? -11.927 4.539   12.145  1.00 32.75 ? 467 SER A CB    1 
ATOM   1278 O  OG    . SER C 3 94 ? -12.517 3.377   11.583  1.00 32.77 ? 467 SER A OG    1 
ATOM   1279 O  OXT   . SER C 3 94 ? -10.957 7.549   12.285  1.00 32.97 ? 467 SER A OXT   1 
HETATM 1280 O  O     . HOH D 4 .  ? 4.768   -1.702  -7.526  1.00 15.48 ? 114 HOH B O     1 
HETATM 1281 O  O     . HOH D 4 .  ? 7.359   -11.551 -11.071 1.00 17.98 ? 115 HOH B O     1 
HETATM 1282 O  O     . HOH D 4 .  ? 5.873   -11.394 -19.926 1.00 25.27 ? 116 HOH B O     1 
HETATM 1283 O  O     . HOH D 4 .  ? 13.736  7.526   -21.992 1.00 26.10 ? 117 HOH B O     1 
HETATM 1284 O  O     . HOH D 4 .  ? 1.320   -9.796  -9.907  1.00 30.79 ? 118 HOH B O     1 
HETATM 1285 O  O     . HOH D 4 .  ? 10.114  -9.374  -19.689 1.00 26.33 ? 119 HOH B O     1 
HETATM 1286 O  O     . HOH D 4 .  ? 11.612  18.372  -26.852 1.00 32.27 ? 120 HOH B O     1 
HETATM 1287 O  O     . HOH D 4 .  ? 4.436   18.739  -26.461 1.00 25.09 ? 121 HOH B O     1 
HETATM 1288 O  O     . HOH D 4 .  ? 1.773   18.933  -26.003 1.00 27.79 ? 122 HOH B O     1 
HETATM 1289 O  O     . HOH D 4 .  ? 14.253  8.724   -12.984 1.00 27.09 ? 123 HOH B O     1 
HETATM 1290 O  O     . HOH D 4 .  ? 1.299   16.836  -16.579 1.00 37.72 ? 124 HOH B O     1 
HETATM 1291 O  O     . HOH D 4 .  ? 4.070   -10.571 -8.034  1.00 32.51 ? 125 HOH B O     1 
HETATM 1292 O  O     . HOH D 4 .  ? 5.983   -4.229  -15.158 1.00 31.07 ? 126 HOH B O     1 
HETATM 1293 O  O     . HOH D 4 .  ? 5.566   -17.136 -15.378 1.00 30.95 ? 127 HOH B O     1 
HETATM 1294 O  O     . HOH D 4 .  ? 14.453  6.257   -7.884  1.00 39.93 ? 128 HOH B O     1 
HETATM 1295 O  O     . HOH D 4 .  ? 10.049  21.026  -17.462 1.00 33.98 ? 129 HOH B O     1 
HETATM 1296 O  O     . HOH D 4 .  ? 6.240   -19.513 -16.473 1.00 28.74 ? 130 HOH B O     1 
HETATM 1297 O  O     . HOH D 4 .  ? 14.256  -15.593 -16.555 1.00 25.11 ? 131 HOH B O     1 
HETATM 1298 O  O     . HOH D 4 .  ? 1.324   19.395  -14.077 1.00 34.71 ? 132 HOH B O     1 
HETATM 1299 O  O     . HOH D 4 .  ? 16.457  3.991   -18.713 1.00 37.13 ? 133 HOH B O     1 
HETATM 1300 O  O     . HOH D 4 .  ? 7.615   21.899  -19.723 1.00 26.54 ? 134 HOH B O     1 
HETATM 1301 O  O     . HOH D 4 .  ? -1.414  20.887  -22.918 1.00 42.42 ? 135 HOH B O     1 
HETATM 1302 O  O     . HOH D 4 .  ? 21.540  5.983   -11.227 1.00 39.01 ? 136 HOH B O     1 
HETATM 1303 O  O     . HOH D 4 .  ? 15.378  -18.243 -13.000 1.00 26.70 ? 137 HOH B O     1 
HETATM 1304 O  O     . HOH D 4 .  ? 13.185  -16.537 -18.903 1.00 30.11 ? 138 HOH B O     1 
HETATM 1305 O  O     . HOH D 4 .  ? 9.875   9.954   -22.018 1.00 38.18 ? 139 HOH B O     1 
HETATM 1306 O  O     . HOH D 4 .  ? 6.988   -5.302  -18.430 1.00 38.47 ? 140 HOH B O     1 
HETATM 1307 O  O     . HOH D 4 .  ? 13.840  16.407  -20.005 1.00 37.34 ? 141 HOH B O     1 
HETATM 1308 O  O     . HOH D 4 .  ? 12.528  14.215  -14.121 1.00 30.41 ? 142 HOH B O     1 
HETATM 1309 O  O     . HOH D 4 .  ? 3.423   -5.357  -15.458 1.00 46.12 ? 143 HOH B O     1 
HETATM 1310 O  O     . HOH D 4 .  ? 13.202  -13.300 -18.645 1.00 34.46 ? 144 HOH B O     1 
HETATM 1311 O  O     . HOH D 4 .  ? 6.602   1.652   -13.717 1.00 27.62 ? 145 HOH B O     1 
HETATM 1312 O  O     . HOH D 4 .  ? 15.223  -2.312  -10.862 1.00 31.37 ? 146 HOH B O     1 
HETATM 1313 O  O     . HOH D 4 .  ? 10.308  -15.231 -21.667 1.00 38.69 ? 147 HOH B O     1 
HETATM 1314 O  O     . HOH D 4 .  ? 13.133  16.080  -26.927 1.00 34.77 ? 148 HOH B O     1 
HETATM 1315 O  O     . HOH D 4 .  ? 17.114  9.795   -14.308 1.00 37.58 ? 149 HOH B O     1 
HETATM 1316 O  O     . HOH D 4 .  ? 3.994   -9.505  -19.269 1.00 32.80 ? 150 HOH B O     1 
HETATM 1317 O  O     . HOH D 4 .  ? 10.951  20.996  -26.360 1.00 36.46 ? 151 HOH B O     1 
HETATM 1318 O  O     . HOH D 4 .  ? 3.799   23.444  -20.908 1.00 43.40 ? 152 HOH B O     1 
HETATM 1319 O  O     . HOH D 4 .  ? 9.635   -23.531 -23.230 1.00 42.18 ? 153 HOH B O     1 
HETATM 1320 O  O     . HOH D 4 .  ? 13.272  15.635  -17.144 1.00 42.20 ? 154 HOH B O     1 
HETATM 1321 O  O     . HOH D 4 .  ? 3.887   -7.841  -16.892 1.00 39.44 ? 155 HOH B O     1 
HETATM 1322 O  O     . HOH D 4 .  ? 3.272   26.079  -21.007 1.00 47.16 ? 156 HOH B O     1 
HETATM 1323 O  O     . HOH E 4 .  ? 4.760   11.484  -20.215 1.00 24.24 ? 5   HOH C O     1 
HETATM 1324 O  O     . HOH E 4 .  ? 2.219   14.311  -17.151 1.00 22.54 ? 7   HOH C O     1 
HETATM 1325 O  O     . HOH E 4 .  ? 4.620   -17.127 -12.743 1.00 26.78 ? 13  HOH C O     1 
HETATM 1326 O  O     . HOH E 4 .  ? 2.767   4.271   -18.478 1.00 24.06 ? 14  HOH C O     1 
HETATM 1327 O  O     . HOH E 4 .  ? 5.279   3.391   -17.891 1.00 28.13 ? 20  HOH C O     1 
HETATM 1328 O  O     . HOH E 4 .  ? 9.901   15.364  -8.324  1.00 29.45 ? 27  HOH C O     1 
HETATM 1329 O  O     . HOH E 4 .  ? 9.908   13.568  -10.876 1.00 22.95 ? 30  HOH C O     1 
HETATM 1330 O  O     . HOH E 4 .  ? 17.943  -12.635 -9.128  1.00 23.80 ? 33  HOH C O     1 
HETATM 1331 O  O     . HOH E 4 .  ? 6.739   10.628  -21.832 1.00 30.47 ? 34  HOH C O     1 
HETATM 1332 O  O     . HOH E 4 .  ? 6.958   0.831   -17.052 1.00 46.75 ? 38  HOH C O     1 
HETATM 1333 O  O     . HOH E 4 .  ? 9.797   -15.659 -3.016  1.00 31.64 ? 43  HOH C O     1 
HETATM 1334 O  O     . HOH E 4 .  ? 6.891   3.920   -15.264 1.00 41.64 ? 45  HOH C O     1 
HETATM 1335 O  O     . HOH E 4 .  ? 1.723   16.639  -13.428 1.00 24.74 ? 50  HOH C O     1 
HETATM 1336 O  O     . HOH E 4 .  ? 10.247  7.333   -22.621 1.00 29.14 ? 56  HOH C O     1 
HETATM 1337 O  O     . HOH E 4 .  ? 16.740  -1.616  -15.778 1.00 34.03 ? 58  HOH C O     1 
HETATM 1338 O  O     . HOH E 4 .  ? 5.246   -20.011 -5.891  1.00 38.06 ? 60  HOH C O     1 
HETATM 1339 O  O     . HOH E 4 .  ? -1.873  9.810   -19.492 1.00 45.36 ? 61  HOH C O     1 
HETATM 1340 O  O     . HOH E 4 .  ? -1.087  9.349   -9.904  1.00 29.38 ? 62  HOH C O     1 
HETATM 1341 O  O     . HOH E 4 .  ? 4.900   -14.422 -12.033 1.00 28.43 ? 64  HOH C O     1 
HETATM 1342 O  O     . HOH E 4 .  ? 12.225  -16.066 -6.312  1.00 43.70 ? 68  HOH C O     1 
HETATM 1343 O  O     . HOH E 4 .  ? 10.255  8.294   -25.164 1.00 42.54 ? 69  HOH C O     1 
HETATM 1344 O  O     . HOH E 4 .  ? 13.114  -4.508  -22.517 1.00 31.36 ? 70  HOH C O     1 
HETATM 1345 O  O     . HOH E 4 .  ? 1.913   17.573  -4.564  1.00 32.98 ? 78  HOH C O     1 
HETATM 1346 O  O     . HOH E 4 .  ? 12.195  5.261   -22.867 1.00 32.83 ? 81  HOH C O     1 
HETATM 1347 O  O     . HOH E 4 .  ? 1.195   3.094   -21.840 1.00 42.11 ? 82  HOH C O     1 
HETATM 1348 O  O     . HOH E 4 .  ? 8.255   16.433  -2.939  1.00 39.17 ? 86  HOH C O     1 
HETATM 1349 O  O     . HOH E 4 .  ? 4.583   17.941  -3.365  1.00 39.03 ? 88  HOH C O     1 
HETATM 1350 O  O     . HOH E 4 .  ? 2.356   -16.903 -11.141 1.00 37.92 ? 97  HOH C O     1 
HETATM 1351 O  O     . HOH E 4 .  ? 15.662  -16.547 -10.851 1.00 36.28 ? 100 HOH C O     1 
HETATM 1352 O  O     . HOH E 4 .  ? 14.899  -10.626 -1.411  1.00 29.10 ? 101 HOH C O     1 
HETATM 1353 O  O     . HOH E 4 .  ? 15.790  1.354   -19.014 1.00 40.95 ? 102 HOH C O     1 
HETATM 1354 O  O     . HOH E 4 .  ? 4.533   21.404  -8.991  1.00 36.32 ? 110 HOH C O     1 
HETATM 1355 O  O     . HOH E 4 .  ? 16.428  -7.415  -20.172 1.00 40.05 ? 113 HOH C O     1 
HETATM 1356 O  O     . HOH E 4 .  ? 12.512  19.806  -14.202 1.00 40.68 ? 114 HOH C O     1 
HETATM 1357 O  O     . HOH E 4 .  ? -0.398  13.584  -17.567 1.00 40.69 ? 121 HOH C O     1 
HETATM 1358 O  O     . HOH E 4 .  ? 10.056  15.245  -4.591  1.00 34.02 ? 123 HOH C O     1 
HETATM 1359 O  O     . HOH E 4 .  ? 0.202   15.911  -5.837  1.00 38.00 ? 131 HOH C O     1 
HETATM 1360 O  O     . HOH E 4 .  ? 7.446   -18.575 -5.193  1.00 43.18 ? 134 HOH C O     1 
HETATM 1361 O  O     . HOH E 4 .  ? 5.605   22.660  -6.821  1.00 39.21 ? 138 HOH C O     1 
HETATM 1362 O  O     . HOH F 4 .  ? -17.007 -1.939  -0.041  1.00 18.80 ? 2   HOH A O     1 
HETATM 1363 O  O     . HOH F 4 .  ? 13.131  -4.660  -5.309  1.00 19.48 ? 3   HOH A O     1 
HETATM 1364 O  O     . HOH F 4 .  ? 10.453  -8.663  -10.049 1.00 20.32 ? 6   HOH A O     1 
HETATM 1365 O  O     . HOH F 4 .  ? 1.920   11.219  6.033   1.00 26.95 ? 9   HOH A O     1 
HETATM 1366 O  O     . HOH F 4 .  ? 6.513   -10.555 -6.874  1.00 22.93 ? 10  HOH A O     1 
HETATM 1367 O  O     . HOH F 4 .  ? 15.665  -5.046  -11.216 1.00 23.93 ? 11  HOH A O     1 
HETATM 1368 O  O     . HOH F 4 .  ? 5.054   -12.281 -9.936  1.00 28.59 ? 12  HOH A O     1 
HETATM 1369 O  O     . HOH F 4 .  ? -15.901 -2.501  -2.439  1.00 21.59 ? 15  HOH A O     1 
HETATM 1370 O  O     . HOH F 4 .  ? -1.165  12.826  5.053   1.00 27.71 ? 16  HOH A O     1 
HETATM 1371 O  O     . HOH F 4 .  ? 5.139   -14.717 -1.811  1.00 24.26 ? 17  HOH A O     1 
HETATM 1372 O  O     . HOH F 4 .  ? 10.336  9.151   -4.889  1.00 26.18 ? 22  HOH A O     1 
HETATM 1373 O  O     . HOH F 4 .  ? -13.084 -2.178  -2.501  1.00 23.59 ? 24  HOH A O     1 
HETATM 1374 O  O     . HOH F 4 .  ? -2.808  -11.522 -6.022  1.00 38.55 ? 25  HOH A O     1 
HETATM 1375 O  O     . HOH F 4 .  ? -21.770 -0.682  9.429   1.00 28.11 ? 26  HOH A O     1 
HETATM 1376 O  O     . HOH F 4 .  ? 11.561  8.206   -12.585 1.00 22.94 ? 29  HOH A O     1 
HETATM 1377 O  O     . HOH F 4 .  ? 8.164   -9.862  -8.942  1.00 23.37 ? 31  HOH A O     1 
HETATM 1378 O  O     . HOH F 4 .  ? -5.374  -0.292  -13.406 1.00 29.65 ? 32  HOH A O     1 
HETATM 1379 O  O     . HOH F 4 .  ? -9.880  5.500   -5.178  1.00 34.85 ? 36  HOH A O     1 
HETATM 1380 O  O     . HOH F 4 .  ? 5.938   8.822   6.552   1.00 34.74 ? 39  HOH A O     1 
HETATM 1381 O  O     . HOH F 4 .  ? -2.318  11.632  -3.455  1.00 30.14 ? 40  HOH A O     1 
HETATM 1382 O  O     . HOH F 4 .  ? -3.576  8.700   10.219  1.00 33.00 ? 41  HOH A O     1 
HETATM 1383 O  O     . HOH F 4 .  ? -5.396  1.613   -6.697  1.00 30.33 ? 47  HOH A O     1 
HETATM 1384 O  O     . HOH F 4 .  ? 9.861   12.969  0.783   1.00 33.60 ? 48  HOH A O     1 
HETATM 1385 O  O     . HOH F 4 .  ? 14.554  -7.541  -4.108  1.00 31.75 ? 54  HOH A O     1 
HETATM 1386 O  O     . HOH F 4 .  ? -0.428  -9.527  -11.905 1.00 37.63 ? 55  HOH A O     1 
HETATM 1387 O  O     . HOH F 4 .  ? -0.315  -11.892 4.735   1.00 37.30 ? 67  HOH A O     1 
HETATM 1388 O  O     . HOH F 4 .  ? 15.025  7.051   -10.940 1.00 38.27 ? 71  HOH A O     1 
HETATM 1389 O  O     . HOH F 4 .  ? -14.327 8.989   10.844  1.00 36.77 ? 73  HOH A O     1 
HETATM 1390 O  O     . HOH F 4 .  ? 0.923   9.447   12.250  1.00 33.51 ? 79  HOH A O     1 
HETATM 1391 O  O     . HOH F 4 .  ? -9.138  10.533  0.046   1.00 36.48 ? 83  HOH A O     1 
HETATM 1392 O  O     . HOH F 4 .  ? 13.902  -7.658  4.049   1.00 38.49 ? 84  HOH A O     1 
HETATM 1393 O  O     . HOH F 4 .  ? -3.365  5.996   -10.924 1.00 34.98 ? 87  HOH A O     1 
HETATM 1394 O  O     . HOH F 4 .  ? -8.917  8.778   10.057  1.00 44.44 ? 89  HOH A O     1 
HETATM 1395 O  O     . HOH F 4 .  ? 9.771   13.726  -2.351  1.00 38.26 ? 90  HOH A O     1 
HETATM 1396 O  O     . HOH F 4 .  ? -8.475  1.042   -6.782  1.00 38.71 ? 92  HOH A O     1 
HETATM 1397 O  O     . HOH F 4 .  ? 2.430   1.820   -14.970 1.00 39.21 ? 94  HOH A O     1 
HETATM 1398 O  O     . HOH F 4 .  ? 1.035   0.936   -18.569 1.00 34.20 ? 98  HOH A O     1 
HETATM 1399 O  O     . HOH F 4 .  ? -6.851  13.900  0.399   1.00 44.27 ? 103 HOH A O     1 
HETATM 1400 O  O     . HOH F 4 .  ? -12.551 -2.580  8.759   1.00 38.19 ? 104 HOH A O     1 
HETATM 1401 O  O     . HOH F 4 .  ? -15.435 -3.173  4.258   1.00 39.37 ? 105 HOH A O     1 
HETATM 1402 O  O     . HOH F 4 .  ? -8.050  -1.890  13.482  1.00 41.99 ? 106 HOH A O     1 
HETATM 1403 O  O     . HOH F 4 .  ? -17.319 -8.226  -5.140  1.00 43.72 ? 107 HOH A O     1 
HETATM 1404 O  O     . HOH F 4 .  ? -3.921  -11.993 6.485   1.00 43.55 ? 108 HOH A O     1 
HETATM 1405 O  O     . HOH F 4 .  ? 1.896   -2.572  12.656  1.00 31.66 ? 109 HOH A O     1 
HETATM 1406 O  O     . HOH F 4 .  ? -9.547  -10.791 1.781   1.00 44.59 ? 111 HOH A O     1 
HETATM 1407 O  O     . HOH F 4 .  ? -3.042  -11.812 1.462   1.00 32.58 ? 115 HOH A O     1 
HETATM 1408 O  O     . HOH F 4 .  ? 0.693   -15.646 -15.020 1.00 37.08 ? 116 HOH A O     1 
HETATM 1409 O  O     . HOH F 4 .  ? 7.876   11.156  2.149   1.00 27.93 ? 117 HOH A O     1 
HETATM 1410 O  O     . HOH F 4 .  ? 5.721   -4.029  12.255  1.00 38.38 ? 122 HOH A O     1 
HETATM 1411 O  O     . HOH F 4 .  ? 2.121   -16.704 -4.867  1.00 47.74 ? 124 HOH A O     1 
HETATM 1412 O  O     . HOH F 4 .  ? -10.651 -5.144  8.804   1.00 42.84 ? 125 HOH A O     1 
HETATM 1413 O  O     . HOH F 4 .  ? -2.376  -12.238 -9.588  1.00 42.27 ? 126 HOH A O     1 
HETATM 1414 O  O     . HOH F 4 .  ? -1.612  14.619  9.791   1.00 36.83 ? 128 HOH A O     1 
HETATM 1415 O  O     . HOH F 4 .  ? -0.467  -15.174 -5.572  1.00 42.58 ? 129 HOH A O     1 
HETATM 1416 O  O     . HOH F 4 .  ? -14.041 -7.030  -15.433 1.00 46.69 ? 130 HOH A O     1 
HETATM 1417 O  O     . HOH F 4 .  ? -5.631  -12.452 1.474   1.00 43.42 ? 132 HOH A O     1 
HETATM 1418 O  O     . HOH F 4 .  ? 16.229  -9.060  2.454   1.00 45.30 ? 133 HOH A O     1 
HETATM 1419 O  O     . HOH F 4 .  ? 3.611   9.608   8.279   1.00 28.44 ? 136 HOH A O     1 
HETATM 1420 O  O     . HOH F 4 .  ? -4.106  4.171   -5.883  1.00 42.38 ? 141 HOH A O     1 
HETATM 1421 O  O     . HOH F 4 .  ? 2.181   -14.277 -12.205 1.00 41.48 ? 142 HOH A O     1 
HETATM 1422 O  O     . HOH F 4 .  ? -5.703  14.652  3.558   1.00 46.75 ? 143 HOH A O     1 
# 
